data_6IM1
#
_entry.id   6IM1
#
_cell.length_a   118.924
_cell.length_b   120.068
_cell.length_c   124.067
_cell.angle_alpha   90.00
_cell.angle_beta   90.00
_cell.angle_gamma   90.00
#
_symmetry.space_group_name_H-M   'P 21 21 2'
#
loop_
_entity.id
_entity.type
_entity.pdbx_description
1 polymer 'Carbonic anhydrase (Carbonate dehydratase)'
2 non-polymer 'ZINC ION'
3 non-polymer 'CALCIUM ION'
4 non-polymer 'TETRAETHYLENE GLYCOL'
5 water water
#
_entity_poly.entity_id   1
_entity_poly.type   'polypeptide(L)'
_entity_poly.pdbx_seq_one_letter_code
;MKKFVVGLSSLVLATSSFAGGGWSYHGEHGPEHWGDLKDEYIMCKIGKNQSPVDINRIVDAKLKPIKIEYRAGATKVLNN
GHTIKVSYEPGSYIVVDGIKFELKQFHFHAPSEHKLKGQHYPFEAHFVHADKHGNLAVIGVFFKEGRENPILEKIWKVMP
ENAGEEVKLAHKINAEDLLPKDRDYYRYSGSLTTPPCSEGVRWIVMEEEMEMSKEQIEKFRKIMGGDTNRPVQPLNARMI
MEK
;
_entity_poly.pdbx_strand_id   A,B,C,D,E,F
#
loop_
_chem_comp.id
_chem_comp.type
_chem_comp.name
_chem_comp.formula
CA non-polymer 'CALCIUM ION' 'Ca 2'
PG4 non-polymer 'TETRAETHYLENE GLYCOL' 'C8 H18 O5'
ZN non-polymer 'ZINC ION' 'Zn 2'
#
# COMPACT_ATOMS: atom_id res chain seq x y z
N GLY A 22 15.14 -43.84 13.71
CA GLY A 22 14.50 -44.90 12.85
C GLY A 22 13.42 -44.44 11.86
N TRP A 23 12.97 -43.18 11.94
CA TRP A 23 11.83 -42.72 11.10
C TRP A 23 12.27 -42.55 9.69
N SER A 24 11.34 -42.68 8.77
CA SER A 24 11.67 -42.38 7.36
C SER A 24 10.46 -41.81 6.63
N TYR A 25 10.68 -41.44 5.40
CA TYR A 25 9.61 -40.93 4.54
C TYR A 25 8.82 -42.01 3.79
N HIS A 26 9.22 -43.26 3.95
CA HIS A 26 8.69 -44.40 3.13
C HIS A 26 8.55 -45.65 4.02
N GLY A 27 7.61 -46.49 3.65
CA GLY A 27 7.54 -47.85 4.18
C GLY A 27 7.04 -47.94 5.60
N GLU A 28 7.64 -48.87 6.36
CA GLU A 28 7.08 -49.33 7.62
C GLU A 28 7.39 -48.37 8.78
N HIS A 29 8.45 -47.58 8.59
CA HIS A 29 8.84 -46.49 9.52
C HIS A 29 8.45 -45.07 8.97
N GLY A 30 7.55 -45.06 7.98
CA GLY A 30 7.12 -43.90 7.26
C GLY A 30 6.09 -43.05 8.03
N PRO A 31 5.68 -41.94 7.42
CA PRO A 31 4.95 -40.88 8.13
C PRO A 31 3.70 -41.32 8.84
N GLU A 32 2.94 -42.23 8.25
CA GLU A 32 1.72 -42.74 8.93
C GLU A 32 1.98 -43.58 10.19
N HIS A 33 3.24 -43.94 10.41
CA HIS A 33 3.63 -44.79 11.56
C HIS A 33 4.52 -44.11 12.55
N TRP A 34 4.91 -42.87 12.26
CA TRP A 34 5.85 -42.15 13.12
C TRP A 34 5.43 -42.17 14.58
N GLY A 35 4.15 -42.00 14.80
CA GLY A 35 3.63 -41.86 16.16
C GLY A 35 3.69 -43.15 16.99
N ASP A 36 3.83 -44.28 16.31
CA ASP A 36 4.08 -45.59 16.96
C ASP A 36 5.57 -45.92 17.22
N LEU A 37 6.49 -45.14 16.67
CA LEU A 37 7.91 -45.39 16.84
C LEU A 37 8.53 -45.20 18.20
N LYS A 38 8.15 -44.15 18.89
CA LYS A 38 8.66 -43.84 20.21
C LYS A 38 7.63 -43.05 20.97
N ASP A 39 7.76 -43.03 22.29
CA ASP A 39 6.88 -42.28 23.14
C ASP A 39 7.04 -40.78 22.90
N GLU A 40 8.26 -40.39 22.65
CA GLU A 40 8.61 -39.02 22.43
C GLU A 40 7.95 -38.48 21.17
N TYR A 41 7.47 -39.36 20.31
CA TYR A 41 6.85 -38.95 19.06
C TYR A 41 5.33 -38.88 19.13
N ILE A 42 4.79 -38.75 20.32
CA ILE A 42 3.36 -38.74 20.50
C ILE A 42 2.54 -37.68 19.74
N MET A 43 3.09 -36.49 19.53
CA MET A 43 2.35 -35.46 18.82
C MET A 43 1.96 -35.90 17.42
N CYS A 44 2.77 -36.74 16.79
CA CYS A 44 2.46 -37.21 15.46
C CYS A 44 1.13 -37.92 15.54
N LYS A 45 0.95 -38.72 16.55
CA LYS A 45 -0.29 -39.41 16.76
C LYS A 45 -1.48 -38.61 17.23
N ILE A 46 -1.30 -37.76 18.23
CA ILE A 46 -2.41 -37.02 18.78
C ILE A 46 -2.53 -35.55 18.49
N GLY A 47 -1.55 -34.98 17.79
CA GLY A 47 -1.56 -33.57 17.48
C GLY A 47 -2.68 -33.08 16.62
N LYS A 48 -3.22 -31.95 16.97
CA LYS A 48 -4.27 -31.32 16.22
C LYS A 48 -3.82 -30.04 15.54
N ASN A 49 -2.56 -29.68 15.71
CA ASN A 49 -1.99 -28.49 15.15
C ASN A 49 -0.67 -28.85 14.44
N GLN A 50 -0.74 -29.86 13.61
CA GLN A 50 0.38 -30.37 12.87
C GLN A 50 0.66 -29.66 11.54
N SER A 51 1.88 -29.79 11.05
CA SER A 51 2.36 -29.25 9.81
C SER A 51 2.98 -30.42 9.05
N PRO A 52 3.05 -30.41 7.66
CA PRO A 52 2.54 -29.24 6.96
C PRO A 52 1.05 -29.27 6.69
N VAL A 53 0.53 -28.29 5.99
CA VAL A 53 -0.87 -28.25 5.66
C VAL A 53 -1.13 -27.82 4.23
N ASP A 54 -2.35 -28.03 3.78
CA ASP A 54 -2.79 -27.60 2.49
C ASP A 54 -3.34 -26.21 2.81
N ILE A 55 -2.74 -25.19 2.24
CA ILE A 55 -3.12 -23.82 2.50
C ILE A 55 -4.38 -23.53 1.65
N ASN A 56 -5.53 -23.86 2.22
CA ASN A 56 -6.81 -23.81 1.48
C ASN A 56 -7.96 -23.17 2.27
N ARG A 57 -7.72 -22.59 3.44
CA ARG A 57 -8.71 -21.91 4.25
C ARG A 57 -7.99 -20.68 4.75
N ILE A 58 -8.06 -19.60 3.97
CA ILE A 58 -7.24 -18.44 4.16
C ILE A 58 -8.17 -17.23 4.51
N VAL A 59 -7.67 -16.32 5.30
CA VAL A 59 -8.32 -15.07 5.56
C VAL A 59 -7.36 -13.96 5.48
N ASP A 60 -7.77 -12.87 4.86
CA ASP A 60 -6.96 -11.67 4.89
C ASP A 60 -6.81 -11.16 6.29
N ALA A 61 -5.62 -10.75 6.66
CA ALA A 61 -5.37 -10.24 7.99
C ALA A 61 -4.42 -9.10 7.98
N LYS A 62 -4.54 -8.21 8.91
CA LYS A 62 -3.66 -7.04 9.00
C LYS A 62 -2.34 -7.39 9.68
N LEU A 63 -1.59 -8.30 9.12
CA LEU A 63 -0.33 -8.72 9.68
C LEU A 63 0.79 -7.73 9.50
N LYS A 64 1.73 -7.70 10.42
CA LYS A 64 2.88 -6.86 10.32
C LYS A 64 3.93 -7.47 9.43
N PRO A 65 4.75 -6.57 8.78
CA PRO A 65 5.82 -7.17 7.97
C PRO A 65 6.81 -7.86 8.89
N ILE A 66 7.45 -8.92 8.45
CA ILE A 66 8.40 -9.59 9.26
C ILE A 66 9.76 -9.00 9.05
N LYS A 67 10.39 -8.62 10.13
CA LYS A 67 11.68 -8.01 10.05
C LYS A 67 12.72 -9.10 9.90
N ILE A 68 13.50 -9.04 8.84
CA ILE A 68 14.54 -10.01 8.59
C ILE A 68 15.91 -9.35 8.60
N GLU A 69 16.70 -9.73 9.57
CA GLU A 69 18.00 -9.16 9.75
C GLU A 69 19.03 -10.25 9.65
N TYR A 70 19.39 -10.57 8.42
CA TYR A 70 20.35 -11.60 8.15
C TYR A 70 21.71 -11.02 7.69
N ARG A 71 22.74 -11.69 7.88
CA ARG A 71 24.11 -11.39 7.56
C ARG A 71 24.56 -12.61 6.80
N ALA A 72 25.64 -12.58 6.07
CA ALA A 72 26.12 -13.74 5.38
C ALA A 72 26.62 -14.61 6.51
N GLY A 73 26.07 -15.79 6.68
CA GLY A 73 26.46 -16.67 7.72
C GLY A 73 26.40 -18.18 7.55
N ALA A 74 26.09 -18.68 6.36
CA ALA A 74 26.03 -20.11 6.14
C ALA A 74 27.44 -20.65 6.16
N THR A 75 27.66 -21.71 6.89
CA THR A 75 28.97 -22.24 7.03
C THR A 75 29.22 -23.68 6.59
N LYS A 76 28.27 -24.56 6.82
CA LYS A 76 28.41 -25.95 6.51
C LYS A 76 27.17 -26.52 5.84
N VAL A 77 27.34 -27.59 5.09
CA VAL A 77 26.26 -28.27 4.44
C VAL A 77 26.30 -29.73 4.82
N LEU A 78 25.23 -30.21 5.41
CA LEU A 78 25.11 -31.55 5.88
C LEU A 78 24.03 -32.39 5.23
N ASN A 79 24.35 -33.62 4.87
CA ASN A 79 23.37 -34.55 4.37
C ASN A 79 23.08 -35.43 5.57
N ASN A 80 21.89 -35.36 6.12
CA ASN A 80 21.55 -36.18 7.34
C ASN A 80 20.74 -37.42 6.97
N GLY A 81 20.62 -37.68 5.69
CA GLY A 81 19.82 -38.77 5.18
C GLY A 81 18.35 -38.40 4.99
N HIS A 82 17.92 -37.29 5.57
CA HIS A 82 16.50 -36.84 5.39
C HIS A 82 16.38 -35.55 4.56
N THR A 83 17.45 -34.78 4.56
CA THR A 83 17.50 -33.53 3.83
C THR A 83 18.98 -33.09 3.71
N ILE A 84 19.17 -31.94 3.09
CA ILE A 84 20.44 -31.24 2.99
C ILE A 84 20.23 -30.04 3.81
N LYS A 85 21.03 -29.92 4.86
CA LYS A 85 20.86 -28.90 5.85
C LYS A 85 22.08 -27.97 5.95
N VAL A 86 21.82 -26.70 5.88
CA VAL A 86 22.87 -25.67 5.87
C VAL A 86 22.88 -24.94 7.20
N SER A 87 23.98 -25.09 7.95
CA SER A 87 24.11 -24.45 9.24
C SER A 87 24.44 -23.01 9.09
N TYR A 88 24.01 -22.24 10.04
CA TYR A 88 24.20 -20.80 10.02
C TYR A 88 24.90 -20.41 11.32
N GLU A 89 25.80 -19.48 11.21
CA GLU A 89 26.44 -19.02 12.43
C GLU A 89 25.59 -17.97 13.11
N PRO A 90 25.78 -17.81 14.41
CA PRO A 90 24.95 -16.88 15.12
C PRO A 90 25.04 -15.44 14.66
N GLY A 91 23.96 -14.69 14.93
CA GLY A 91 23.91 -13.29 14.68
C GLY A 91 22.85 -12.88 13.68
N SER A 92 22.18 -13.82 13.01
CA SER A 92 21.14 -13.42 12.01
C SER A 92 19.78 -13.81 12.64
N TYR A 93 18.81 -12.97 12.48
CA TYR A 93 17.53 -13.14 13.13
C TYR A 93 16.37 -12.52 12.39
N ILE A 94 15.17 -12.94 12.80
CA ILE A 94 13.94 -12.36 12.40
C ILE A 94 13.20 -11.92 13.65
N VAL A 95 12.26 -11.02 13.43
CA VAL A 95 11.41 -10.55 14.50
C VAL A 95 9.94 -10.89 14.17
N VAL A 96 9.32 -11.65 15.08
CA VAL A 96 7.92 -12.04 15.00
C VAL A 96 7.24 -11.80 16.34
N ASP A 97 6.10 -11.14 16.33
CA ASP A 97 5.43 -10.74 17.59
C ASP A 97 6.33 -9.99 18.57
N GLY A 98 7.23 -9.18 18.02
CA GLY A 98 8.20 -8.43 18.84
C GLY A 98 9.26 -9.26 19.48
N ILE A 99 9.43 -10.51 19.08
CA ILE A 99 10.41 -11.37 19.68
C ILE A 99 11.52 -11.69 18.64
N LYS A 100 12.76 -11.83 19.12
CA LYS A 100 13.88 -12.16 18.23
C LYS A 100 14.05 -13.64 18.15
N PHE A 101 14.02 -14.16 16.91
CA PHE A 101 14.27 -15.60 16.62
C PHE A 101 15.50 -15.67 15.79
N GLU A 102 16.51 -16.31 16.32
CA GLU A 102 17.78 -16.44 15.63
C GLU A 102 17.79 -17.59 14.62
N LEU A 103 18.26 -17.29 13.42
CA LEU A 103 18.41 -18.31 12.34
C LEU A 103 19.46 -19.34 12.74
N LYS A 104 19.09 -20.64 12.77
CA LYS A 104 19.97 -21.75 13.13
C LYS A 104 20.45 -22.51 11.92
N GLN A 105 19.55 -22.66 10.94
CA GLN A 105 19.82 -23.53 9.83
C GLN A 105 18.70 -23.39 8.78
N PHE A 106 19.01 -23.80 7.57
CA PHE A 106 17.96 -23.99 6.53
C PHE A 106 18.12 -25.32 5.84
N HIS A 107 17.03 -25.90 5.34
CA HIS A 107 17.08 -27.18 4.73
C HIS A 107 15.94 -27.26 3.72
N PHE A 108 15.87 -28.40 3.02
CA PHE A 108 15.01 -28.50 1.84
C PHE A 108 14.16 -29.75 1.81
N HIS A 109 13.08 -29.66 1.05
CA HIS A 109 12.21 -30.78 0.80
C HIS A 109 11.73 -30.82 -0.65
N ALA A 110 11.48 -32.05 -1.19
CA ALA A 110 10.97 -32.18 -2.57
C ALA A 110 10.09 -33.40 -2.67
N PRO A 111 8.83 -33.25 -3.09
CA PRO A 111 8.21 -31.97 -3.45
C PRO A 111 7.91 -31.11 -2.22
N SER A 112 7.26 -29.99 -2.42
CA SER A 112 6.88 -29.11 -1.33
C SER A 112 6.10 -29.84 -0.25
N GLU A 113 6.34 -29.42 0.99
CA GLU A 113 5.56 -29.97 2.14
C GLU A 113 4.20 -29.35 2.19
N HIS A 114 4.16 -28.03 2.24
CA HIS A 114 2.90 -27.34 2.14
C HIS A 114 2.38 -27.46 0.73
N LYS A 115 1.06 -27.50 0.65
CA LYS A 115 0.38 -27.30 -0.61
C LYS A 115 -0.38 -26.01 -0.61
N LEU A 116 -0.64 -25.50 -1.82
CA LEU A 116 -1.34 -24.22 -1.95
C LEU A 116 -2.56 -24.47 -2.80
N LYS A 117 -3.72 -24.37 -2.17
CA LYS A 117 -4.97 -24.78 -2.77
C LYS A 117 -4.97 -26.12 -3.48
N GLY A 118 -4.46 -27.12 -2.80
CA GLY A 118 -4.43 -28.45 -3.33
C GLY A 118 -3.28 -28.82 -4.23
N GLN A 119 -2.36 -27.91 -4.51
CA GLN A 119 -1.31 -28.21 -5.43
C GLN A 119 0.09 -28.06 -4.75
N HIS A 120 1.02 -28.91 -5.13
CA HIS A 120 2.42 -28.84 -4.70
C HIS A 120 3.24 -27.97 -5.56
N TYR A 121 4.27 -27.40 -4.99
CA TYR A 121 5.39 -26.92 -5.77
C TYR A 121 6.41 -28.07 -5.82
N PRO A 122 7.40 -28.02 -6.73
CA PRO A 122 8.31 -29.13 -6.76
C PRO A 122 9.38 -29.10 -5.63
N PHE A 123 9.53 -27.96 -4.98
CA PHE A 123 10.59 -27.82 -3.96
C PHE A 123 10.21 -26.76 -2.95
N GLU A 124 10.67 -26.96 -1.71
CA GLU A 124 10.39 -26.04 -0.61
C GLU A 124 11.62 -25.94 0.31
N ALA A 125 11.96 -24.72 0.69
CA ALA A 125 13.01 -24.43 1.67
C ALA A 125 12.44 -24.01 3.00
N HIS A 126 13.08 -24.48 4.07
CA HIS A 126 12.69 -24.10 5.45
C HIS A 126 13.83 -23.43 6.14
N PHE A 127 13.59 -22.23 6.67
CA PHE A 127 14.55 -21.47 7.44
C PHE A 127 14.17 -21.52 8.90
N VAL A 128 14.91 -22.26 9.69
CA VAL A 128 14.58 -22.53 11.06
C VAL A 128 15.23 -21.61 12.07
N HIS A 129 14.37 -20.96 12.83
CA HIS A 129 14.77 -20.01 13.83
C HIS A 129 14.30 -20.39 15.24
N ALA A 130 15.07 -19.99 16.24
CA ALA A 130 14.75 -20.22 17.63
C ALA A 130 14.97 -19.01 18.51
N ASP A 131 14.04 -18.71 19.38
CA ASP A 131 14.21 -17.63 20.31
C ASP A 131 15.06 -18.09 21.49
N LYS A 132 15.30 -17.23 22.46
CA LYS A 132 16.12 -17.56 23.61
C LYS A 132 15.57 -18.68 24.44
N HIS A 133 14.27 -18.86 24.44
CA HIS A 133 13.66 -19.95 25.18
C HIS A 133 13.47 -21.20 24.35
N GLY A 134 13.93 -21.20 23.11
CA GLY A 134 13.77 -22.35 22.26
C GLY A 134 12.48 -22.47 21.45
N ASN A 135 11.63 -21.47 21.50
CA ASN A 135 10.42 -21.47 20.70
C ASN A 135 10.86 -21.28 19.27
N LEU A 136 10.24 -22.00 18.35
CA LEU A 136 10.63 -21.94 16.98
C LEU A 136 9.72 -21.23 16.00
N ALA A 137 10.36 -20.58 15.05
CA ALA A 137 9.72 -19.93 13.95
C ALA A 137 10.39 -20.38 12.66
N VAL A 138 9.58 -20.82 11.71
CA VAL A 138 10.03 -21.30 10.44
C VAL A 138 9.46 -20.53 9.26
N ILE A 139 10.33 -20.15 8.36
CA ILE A 139 10.00 -19.49 7.15
C ILE A 139 10.13 -20.53 6.06
N GLY A 140 9.05 -20.68 5.34
CA GLY A 140 8.95 -21.61 4.25
C GLY A 140 8.93 -20.82 2.98
N VAL A 141 9.69 -21.27 2.01
CA VAL A 141 9.78 -20.58 0.64
C VAL A 141 9.56 -21.68 -0.38
N PHE A 142 8.52 -21.51 -1.18
CA PHE A 142 8.28 -22.37 -2.32
C PHE A 142 9.27 -22.04 -3.52
N PHE A 143 9.67 -23.06 -4.23
CA PHE A 143 10.53 -22.93 -5.45
C PHE A 143 9.82 -23.61 -6.56
N LYS A 144 9.68 -22.88 -7.64
CA LYS A 144 9.19 -23.54 -8.86
C LYS A 144 10.38 -23.85 -9.79
N GLU A 145 10.07 -24.64 -10.83
CA GLU A 145 10.98 -24.94 -11.89
C GLU A 145 11.17 -23.75 -12.81
N GLY A 146 12.42 -23.30 -12.97
CA GLY A 146 12.69 -22.15 -13.82
C GLY A 146 14.16 -22.01 -14.15
N ARG A 147 14.63 -20.84 -14.00
CA ARG A 147 15.99 -20.54 -14.15
C ARG A 147 16.86 -21.11 -12.98
N GLU A 148 18.08 -21.56 -13.33
CA GLU A 148 19.07 -22.02 -12.38
C GLU A 148 19.24 -21.00 -11.26
N ASN A 149 19.19 -21.47 -10.01
CA ASN A 149 19.37 -20.55 -8.87
C ASN A 149 20.85 -20.47 -8.55
N PRO A 150 21.44 -19.26 -8.57
CA PRO A 150 22.85 -19.11 -8.36
C PRO A 150 23.33 -19.34 -6.94
N ILE A 151 22.49 -19.07 -5.95
CA ILE A 151 22.81 -19.34 -4.57
C ILE A 151 22.81 -20.83 -4.30
N LEU A 152 21.79 -21.52 -4.79
CA LEU A 152 21.67 -22.94 -4.60
C LEU A 152 22.83 -23.65 -5.28
N GLU A 153 23.25 -23.12 -6.41
CA GLU A 153 24.32 -23.72 -7.13
C GLU A 153 25.55 -23.78 -6.29
N LYS A 154 25.78 -22.78 -5.46
CA LYS A 154 26.93 -22.81 -4.59
C LYS A 154 26.83 -23.97 -3.62
N ILE A 155 25.65 -24.22 -3.09
CA ILE A 155 25.44 -25.34 -2.20
C ILE A 155 25.47 -26.70 -2.90
N TRP A 156 24.83 -26.76 -4.04
CA TRP A 156 24.67 -27.98 -4.82
C TRP A 156 26.02 -28.53 -5.26
N LYS A 157 26.92 -27.63 -5.57
CA LYS A 157 28.25 -27.93 -6.05
C LYS A 157 29.03 -28.79 -5.10
N VAL A 158 28.80 -28.60 -3.81
CA VAL A 158 29.43 -29.37 -2.78
C VAL A 158 28.50 -30.24 -1.96
N MET A 159 27.30 -30.48 -2.45
CA MET A 159 26.34 -31.26 -1.70
C MET A 159 26.83 -32.65 -1.38
N PRO A 160 26.83 -32.96 -0.03
CA PRO A 160 27.27 -34.33 0.30
C PRO A 160 26.29 -35.38 -0.14
N GLU A 161 26.78 -36.48 -0.68
CA GLU A 161 25.94 -37.53 -1.18
C GLU A 161 25.49 -38.60 -0.24
N ASN A 162 26.12 -38.73 0.91
CA ASN A 162 25.75 -39.76 1.84
C ASN A 162 25.34 -39.23 3.18
N ALA A 163 24.44 -39.95 3.82
CA ALA A 163 23.98 -39.54 5.11
C ALA A 163 25.14 -39.49 6.08
N GLY A 164 25.16 -38.50 6.92
CA GLY A 164 26.21 -38.33 7.88
C GLY A 164 27.42 -37.56 7.41
N GLU A 165 27.44 -37.09 6.17
CA GLU A 165 28.57 -36.34 5.68
C GLU A 165 28.29 -34.85 5.71
N GLU A 166 29.28 -34.07 6.07
CA GLU A 166 29.18 -32.63 6.14
C GLU A 166 30.36 -31.94 5.50
N VAL A 167 30.13 -30.82 4.84
CA VAL A 167 31.20 -30.10 4.20
C VAL A 167 31.17 -28.63 4.50
N LYS A 168 32.33 -28.06 4.70
CA LYS A 168 32.42 -26.63 4.94
C LYS A 168 32.29 -25.89 3.67
N LEU A 169 31.58 -24.77 3.72
CA LEU A 169 31.51 -23.92 2.55
C LEU A 169 32.77 -23.09 2.44
N ALA A 170 33.19 -22.87 1.21
CA ALA A 170 34.38 -22.01 0.91
C ALA A 170 34.11 -20.55 1.30
N HIS A 171 32.94 -20.06 0.91
CA HIS A 171 32.48 -18.69 1.20
C HIS A 171 31.08 -18.67 1.87
N LYS A 172 30.91 -17.77 2.84
CA LYS A 172 29.65 -17.67 3.58
C LYS A 172 28.54 -17.13 2.68
N ILE A 173 27.42 -17.79 2.77
CA ILE A 173 26.27 -17.47 1.92
C ILE A 173 25.32 -16.68 2.82
N ASN A 174 24.62 -15.75 2.22
CA ASN A 174 23.57 -14.98 2.90
C ASN A 174 22.23 -15.55 2.56
N ALA A 175 21.57 -16.11 3.56
CA ALA A 175 20.27 -16.78 3.33
C ALA A 175 19.21 -15.81 2.77
N GLU A 176 19.41 -14.52 3.02
CA GLU A 176 18.46 -13.53 2.52
C GLU A 176 18.33 -13.53 1.03
N ASP A 177 19.41 -13.94 0.33
CA ASP A 177 19.35 -14.10 -1.14
C ASP A 177 18.43 -15.21 -1.63
N LEU A 178 18.03 -16.11 -0.75
CA LEU A 178 17.06 -17.18 -1.10
C LEU A 178 15.61 -16.79 -0.77
N LEU A 179 15.41 -15.60 -0.24
CA LEU A 179 14.04 -15.16 0.11
C LEU A 179 13.52 -14.24 -0.95
N PRO A 180 12.20 -14.28 -1.23
CA PRO A 180 11.72 -13.30 -2.23
C PRO A 180 11.85 -11.88 -1.75
N LYS A 181 11.90 -10.95 -2.71
CA LYS A 181 11.87 -9.51 -2.40
C LYS A 181 10.48 -9.07 -1.95
N ASP A 182 9.44 -9.62 -2.57
CA ASP A 182 8.06 -9.39 -2.08
C ASP A 182 7.89 -10.27 -0.80
N ARG A 183 7.59 -9.65 0.32
CA ARG A 183 7.54 -10.39 1.58
C ARG A 183 6.18 -10.61 2.24
N ASP A 184 5.15 -10.61 1.45
CA ASP A 184 3.85 -10.99 1.92
C ASP A 184 3.93 -12.50 2.22
N TYR A 185 3.09 -12.92 3.15
CA TYR A 185 3.18 -14.25 3.72
C TYR A 185 1.86 -14.76 4.30
N TYR A 186 1.77 -16.08 4.36
CA TYR A 186 0.77 -16.82 5.10
C TYR A 186 1.34 -17.15 6.50
N ARG A 187 0.50 -17.07 7.53
CA ARG A 187 0.89 -17.42 8.88
C ARG A 187 -0.07 -18.31 9.56
N TYR A 188 0.47 -19.31 10.27
CA TYR A 188 -0.38 -20.20 11.10
C TYR A 188 0.49 -20.88 12.19
N SER A 189 -0.18 -21.44 13.15
CA SER A 189 0.40 -22.12 14.27
C SER A 189 0.42 -23.64 14.03
N GLY A 190 1.62 -24.18 14.00
CA GLY A 190 1.83 -25.53 13.61
C GLY A 190 2.88 -26.28 14.33
N SER A 191 3.65 -27.10 13.56
CA SER A 191 4.55 -28.08 14.19
C SER A 191 5.81 -28.24 13.38
N LEU A 192 6.78 -28.88 13.95
CA LEU A 192 7.90 -29.46 13.16
C LEU A 192 7.33 -30.51 12.21
N THR A 193 7.88 -30.62 11.01
CA THR A 193 7.38 -31.61 10.02
C THR A 193 8.11 -32.96 10.04
N THR A 194 9.02 -33.10 10.99
CA THR A 194 9.74 -34.35 11.21
C THR A 194 9.71 -34.67 12.67
N PRO A 195 9.75 -35.97 13.07
CA PRO A 195 9.60 -36.34 14.49
C PRO A 195 10.60 -35.60 15.32
N PRO A 196 10.25 -35.11 16.51
CA PRO A 196 9.04 -35.44 17.25
C PRO A 196 7.82 -34.59 16.90
N CYS A 197 7.89 -33.77 15.86
CA CYS A 197 6.67 -33.03 15.41
C CYS A 197 6.05 -32.16 16.49
N SER A 198 6.92 -31.49 17.25
CA SER A 198 6.56 -30.66 18.37
C SER A 198 5.75 -29.48 17.87
N GLU A 199 4.72 -29.14 18.63
CA GLU A 199 3.81 -28.02 18.31
C GLU A 199 4.31 -26.70 18.87
N GLY A 200 3.55 -25.65 18.68
CA GLY A 200 3.97 -24.36 19.20
C GLY A 200 4.91 -23.69 18.24
N VAL A 201 4.89 -24.09 16.97
CA VAL A 201 5.82 -23.53 15.97
C VAL A 201 5.11 -22.44 15.16
N ARG A 202 5.75 -21.26 15.04
CA ARG A 202 5.29 -20.22 14.15
C ARG A 202 5.66 -20.50 12.73
N TRP A 203 4.68 -20.67 11.85
CA TRP A 203 4.93 -20.84 10.45
C TRP A 203 4.64 -19.60 9.65
N ILE A 204 5.63 -19.20 8.88
CA ILE A 204 5.58 -18.02 8.01
C ILE A 204 5.89 -18.53 6.61
N VAL A 205 4.91 -18.68 5.74
CA VAL A 205 5.10 -19.20 4.44
C VAL A 205 4.98 -18.09 3.41
N MET A 206 6.05 -17.83 2.66
CA MET A 206 6.11 -16.68 1.75
C MET A 206 5.13 -16.95 0.60
N GLU A 207 4.38 -15.90 0.24
CA GLU A 207 3.43 -16.01 -0.85
C GLU A 207 4.14 -16.11 -2.20
N GLU A 208 5.23 -15.41 -2.33
CA GLU A 208 5.98 -15.40 -3.61
C GLU A 208 7.01 -16.52 -3.67
N GLU A 209 6.95 -17.25 -4.76
CA GLU A 209 7.83 -18.40 -5.05
C GLU A 209 9.16 -17.94 -5.64
N MET A 210 10.22 -18.66 -5.29
CA MET A 210 11.53 -18.50 -5.89
C MET A 210 11.66 -19.53 -7.04
N GLU A 211 12.83 -19.56 -7.67
CA GLU A 211 13.05 -20.40 -8.83
C GLU A 211 14.36 -21.14 -8.77
N MET A 212 14.35 -22.29 -9.36
CA MET A 212 15.58 -23.12 -9.55
C MET A 212 15.42 -23.97 -10.82
N SER A 213 16.50 -24.52 -11.34
CA SER A 213 16.40 -25.35 -12.51
C SER A 213 15.91 -26.77 -12.28
N LYS A 214 15.42 -27.35 -13.35
CA LYS A 214 14.96 -28.70 -13.33
C LYS A 214 16.12 -29.59 -12.93
N GLU A 215 17.30 -29.28 -13.43
CA GLU A 215 18.48 -30.05 -13.09
C GLU A 215 18.79 -29.99 -11.57
N GLN A 216 18.63 -28.83 -10.96
CA GLN A 216 18.87 -28.68 -9.54
C GLN A 216 17.89 -29.52 -8.73
N ILE A 217 16.64 -29.50 -9.14
CA ILE A 217 15.63 -30.28 -8.46
C ILE A 217 15.94 -31.74 -8.60
N GLU A 218 16.30 -32.15 -9.79
CA GLU A 218 16.61 -33.55 -10.06
C GLU A 218 17.79 -33.99 -9.22
N LYS A 219 18.82 -33.16 -9.12
CA LYS A 219 19.98 -33.55 -8.34
C LYS A 219 19.62 -33.78 -6.88
N PHE A 220 18.82 -32.91 -6.30
CA PHE A 220 18.42 -33.06 -4.94
C PHE A 220 17.63 -34.33 -4.75
N ARG A 221 16.70 -34.61 -5.63
CA ARG A 221 15.90 -35.80 -5.53
C ARG A 221 16.71 -37.06 -5.65
N LYS A 222 17.67 -37.05 -6.56
CA LYS A 222 18.49 -38.20 -6.76
C LYS A 222 19.30 -38.51 -5.50
N ILE A 223 19.90 -37.51 -4.91
CA ILE A 223 20.68 -37.71 -3.72
C ILE A 223 19.85 -38.19 -2.54
N MET A 224 18.68 -37.62 -2.36
CA MET A 224 17.76 -38.01 -1.33
C MET A 224 17.21 -39.41 -1.55
N GLY A 225 17.08 -39.81 -2.80
CA GLY A 225 16.59 -41.12 -3.12
C GLY A 225 15.10 -41.28 -3.16
N GLY A 226 14.40 -40.18 -3.10
CA GLY A 226 12.97 -40.21 -3.13
C GLY A 226 12.38 -38.95 -2.57
N ASP A 227 11.07 -38.95 -2.43
CA ASP A 227 10.31 -37.83 -1.89
C ASP A 227 10.72 -37.58 -0.44
N THR A 228 10.80 -36.29 -0.05
CA THR A 228 11.15 -35.95 1.31
C THR A 228 10.10 -35.03 1.96
N ASN A 229 8.83 -35.25 1.62
CA ASN A 229 7.75 -34.48 2.21
C ASN A 229 6.90 -35.29 3.13
N ARG A 230 6.57 -34.74 4.27
CA ARG A 230 5.48 -35.30 5.14
C ARG A 230 4.12 -35.03 4.47
N PRO A 231 3.20 -35.99 4.44
CA PRO A 231 1.87 -35.64 3.96
C PRO A 231 1.20 -34.49 4.73
N VAL A 232 0.38 -33.74 4.02
CA VAL A 232 -0.31 -32.61 4.64
C VAL A 232 -1.22 -33.16 5.74
N GLN A 233 -1.36 -32.39 6.79
CA GLN A 233 -2.12 -32.74 7.96
C GLN A 233 -3.37 -31.85 8.02
N PRO A 234 -4.42 -32.33 8.67
CA PRO A 234 -5.64 -31.55 8.70
C PRO A 234 -5.46 -30.17 9.43
N LEU A 235 -6.08 -29.15 8.86
CA LEU A 235 -6.08 -27.80 9.40
C LEU A 235 -6.90 -27.84 10.67
N ASN A 236 -7.97 -28.61 10.61
CA ASN A 236 -8.88 -28.74 11.73
C ASN A 236 -9.44 -27.36 12.05
N ALA A 237 -9.37 -26.96 13.31
CA ALA A 237 -9.87 -25.67 13.73
C ALA A 237 -9.15 -24.48 13.08
N ARG A 238 -7.85 -24.56 12.79
CA ARG A 238 -7.04 -23.43 12.35
C ARG A 238 -7.56 -22.76 11.09
N MET A 239 -7.26 -21.47 10.99
CA MET A 239 -7.31 -20.72 9.75
C MET A 239 -5.88 -20.27 9.39
N ILE A 240 -5.64 -20.01 8.13
CA ILE A 240 -4.33 -19.51 7.70
C ILE A 240 -4.55 -18.00 7.45
N MET A 241 -3.75 -17.16 8.04
CA MET A 241 -3.84 -15.76 7.87
C MET A 241 -2.90 -15.33 6.74
N GLU A 242 -3.38 -14.45 5.89
CA GLU A 242 -2.58 -13.91 4.80
C GLU A 242 -2.38 -12.42 4.96
N LYS A 243 -1.12 -11.99 4.84
CA LYS A 243 -0.78 -10.52 4.89
C LYS A 243 -1.23 -9.58 3.66
N GLY B 22 -11.19 -36.87 39.46
CA GLY B 22 -10.40 -36.32 40.61
C GLY B 22 -9.91 -34.89 40.47
N TRP B 23 -10.05 -34.26 39.29
CA TRP B 23 -9.47 -32.94 39.09
C TRP B 23 -10.28 -31.91 39.80
N SER B 24 -9.65 -30.81 40.18
CA SER B 24 -10.41 -29.69 40.70
C SER B 24 -9.81 -28.34 40.31
N TYR B 25 -10.47 -27.29 40.74
CA TYR B 25 -9.97 -25.92 40.53
C TYR B 25 -8.98 -25.40 41.59
N HIS B 26 -8.77 -26.20 42.65
CA HIS B 26 -8.04 -25.75 43.88
C HIS B 26 -7.20 -26.90 44.43
N GLY B 27 -6.12 -26.52 45.11
CA GLY B 27 -5.34 -27.47 45.87
C GLY B 27 -4.50 -28.44 45.07
N GLU B 28 -4.41 -29.67 45.58
CA GLU B 28 -3.40 -30.63 45.15
C GLU B 28 -3.77 -31.29 43.82
N HIS B 29 -5.08 -31.29 43.54
CA HIS B 29 -5.65 -31.80 42.25
C HIS B 29 -6.05 -30.65 41.28
N GLY B 30 -5.52 -29.46 41.60
CA GLY B 30 -5.82 -28.19 40.91
C GLY B 30 -5.03 -28.03 39.60
N PRO B 31 -5.25 -26.91 38.91
CA PRO B 31 -4.98 -26.82 37.45
C PRO B 31 -3.55 -27.04 37.13
N GLU B 32 -2.64 -26.59 38.01
CA GLU B 32 -1.19 -26.79 37.77
C GLU B 32 -0.76 -28.25 37.83
N HIS B 33 -1.62 -29.13 38.37
CA HIS B 33 -1.33 -30.56 38.54
C HIS B 33 -2.16 -31.47 37.67
N TRP B 34 -3.09 -30.91 36.89
CA TRP B 34 -4.00 -31.75 36.10
C TRP B 34 -3.26 -32.75 35.26
N GLY B 35 -2.16 -32.30 34.67
CA GLY B 35 -1.41 -33.13 33.73
C GLY B 35 -0.69 -34.33 34.35
N ASP B 36 -0.51 -34.28 35.66
CA ASP B 36 0.00 -35.43 36.46
C ASP B 36 -1.09 -36.40 36.98
N LEU B 37 -2.38 -36.09 36.82
CA LEU B 37 -3.45 -36.91 37.39
C LEU B 37 -3.71 -38.20 36.65
N LYS B 38 -3.59 -38.18 35.34
CA LYS B 38 -3.87 -39.37 34.50
C LYS B 38 -3.13 -39.20 33.18
N ASP B 39 -2.89 -40.33 32.52
CA ASP B 39 -2.25 -40.35 31.20
C ASP B 39 -3.13 -39.67 30.11
N GLU B 40 -4.44 -39.81 30.23
CA GLU B 40 -5.40 -39.23 29.30
C GLU B 40 -5.34 -37.68 29.31
N TYR B 41 -4.74 -37.10 30.32
CA TYR B 41 -4.70 -35.63 30.50
C TYR B 41 -3.39 -35.06 30.05
N ILE B 42 -2.67 -35.83 29.26
CA ILE B 42 -1.35 -35.41 28.81
C ILE B 42 -1.29 -34.03 28.13
N MET B 43 -2.36 -33.63 27.43
CA MET B 43 -2.38 -32.30 26.76
C MET B 43 -2.23 -31.16 27.75
N CYS B 44 -2.77 -31.36 28.97
CA CYS B 44 -2.72 -30.33 29.98
C CYS B 44 -1.24 -30.07 30.33
N LYS B 45 -0.42 -31.07 30.19
CA LYS B 45 1.04 -30.95 30.41
C LYS B 45 1.88 -30.50 29.19
N ILE B 46 1.64 -31.07 28.04
CA ILE B 46 2.50 -30.80 26.89
C ILE B 46 1.86 -29.91 25.76
N GLY B 47 0.58 -29.63 25.88
CA GLY B 47 -0.13 -28.90 24.84
C GLY B 47 0.48 -27.53 24.68
N LYS B 48 0.63 -27.08 23.43
CA LYS B 48 1.05 -25.71 23.12
C LYS B 48 -0.08 -24.83 22.53
N ASN B 49 -1.28 -25.38 22.41
CA ASN B 49 -2.48 -24.72 21.94
C ASN B 49 -3.68 -24.80 22.87
N GLN B 50 -3.42 -24.44 24.11
CA GLN B 50 -4.38 -24.63 25.22
C GLN B 50 -5.15 -23.37 25.46
N SER B 51 -6.31 -23.56 26.06
CA SER B 51 -7.25 -22.51 26.40
C SER B 51 -7.52 -22.57 27.95
N PRO B 52 -7.95 -21.48 28.57
CA PRO B 52 -8.16 -20.20 27.91
C PRO B 52 -6.88 -19.41 27.76
N VAL B 53 -7.00 -18.25 27.18
CA VAL B 53 -5.87 -17.37 26.98
C VAL B 53 -6.21 -15.93 27.28
N ASP B 54 -5.20 -15.12 27.42
CA ASP B 54 -5.37 -13.71 27.62
C ASP B 54 -5.37 -13.23 26.17
N ILE B 55 -6.44 -12.58 25.78
CA ILE B 55 -6.61 -12.06 24.45
C ILE B 55 -5.85 -10.71 24.40
N ASN B 56 -4.58 -10.81 24.07
CA ASN B 56 -3.68 -9.68 24.01
C ASN B 56 -2.76 -9.60 22.80
N ARG B 57 -2.93 -10.45 21.82
CA ARG B 57 -2.16 -10.41 20.60
C ARG B 57 -3.20 -10.57 19.52
N ILE B 58 -3.75 -9.48 19.06
CA ILE B 58 -4.84 -9.51 18.12
C ILE B 58 -4.60 -8.85 16.79
N VAL B 59 -5.16 -9.44 15.77
CA VAL B 59 -5.05 -8.90 14.45
C VAL B 59 -6.40 -8.79 13.74
N ASP B 60 -6.69 -7.69 13.07
CA ASP B 60 -7.93 -7.55 12.35
C ASP B 60 -7.92 -8.58 11.22
N ALA B 61 -9.02 -9.28 11.04
CA ALA B 61 -9.14 -10.23 9.97
C ALA B 61 -10.50 -10.22 9.26
N LYS B 62 -10.52 -10.54 7.98
CA LYS B 62 -11.74 -10.53 7.22
C LYS B 62 -12.53 -11.81 7.43
N LEU B 63 -12.99 -12.02 8.65
CA LEU B 63 -13.76 -13.17 9.00
C LEU B 63 -15.24 -13.06 8.62
N LYS B 64 -15.87 -14.17 8.32
CA LYS B 64 -17.27 -14.16 8.01
C LYS B 64 -18.11 -14.24 9.25
N PRO B 65 -19.31 -13.69 9.19
CA PRO B 65 -20.24 -13.86 10.34
C PRO B 65 -20.51 -15.31 10.60
N ILE B 66 -20.64 -15.66 11.87
CA ILE B 66 -21.03 -17.02 12.24
C ILE B 66 -22.54 -17.14 12.19
N LYS B 67 -23.01 -18.13 11.48
CA LYS B 67 -24.46 -18.32 11.30
C LYS B 67 -24.95 -19.05 12.54
N ILE B 68 -25.89 -18.44 13.26
CA ILE B 68 -26.42 -19.02 14.52
C ILE B 68 -27.92 -19.38 14.35
N GLU B 69 -28.20 -20.66 14.28
CA GLU B 69 -29.51 -21.16 14.04
C GLU B 69 -29.97 -21.97 15.23
N TYR B 70 -30.42 -21.24 16.24
CA TYR B 70 -30.87 -21.79 17.46
C TYR B 70 -32.38 -21.69 17.54
N ARG B 71 -32.96 -22.67 18.23
CA ARG B 71 -34.37 -22.86 18.49
C ARG B 71 -34.42 -22.91 20.00
N ALA B 72 -35.58 -22.68 20.60
CA ALA B 72 -35.67 -22.76 22.04
C ALA B 72 -35.49 -24.24 22.29
N GLY B 73 -34.45 -24.60 23.02
CA GLY B 73 -34.13 -25.98 23.30
C GLY B 73 -33.48 -26.40 24.59
N ALA B 74 -33.35 -25.53 25.57
CA ALA B 74 -32.72 -25.92 26.81
C ALA B 74 -33.70 -26.71 27.64
N THR B 75 -33.28 -27.89 28.04
CA THR B 75 -34.13 -28.77 28.79
C THR B 75 -33.82 -29.05 30.26
N LYS B 76 -32.56 -29.15 30.62
CA LYS B 76 -32.18 -29.48 31.96
C LYS B 76 -31.01 -28.68 32.49
N VAL B 77 -30.93 -28.57 33.80
CA VAL B 77 -29.86 -27.87 34.45
C VAL B 77 -29.16 -28.79 35.43
N LEU B 78 -27.87 -28.97 35.24
CA LEU B 78 -27.07 -29.82 36.05
C LEU B 78 -25.92 -29.16 36.83
N ASN B 79 -25.76 -29.52 38.10
CA ASN B 79 -24.65 -29.05 38.88
C ASN B 79 -23.73 -30.23 38.90
N ASN B 80 -22.60 -30.16 38.24
CA ASN B 80 -21.68 -31.29 38.22
C ASN B 80 -20.51 -31.14 39.16
N GLY B 81 -20.59 -30.14 39.98
CA GLY B 81 -19.57 -29.85 40.94
C GLY B 81 -18.47 -28.97 40.39
N HIS B 82 -18.43 -28.81 39.09
CA HIS B 82 -17.46 -27.95 38.46
C HIS B 82 -18.11 -26.75 37.83
N THR B 83 -19.37 -26.84 37.54
CA THR B 83 -20.09 -25.78 36.90
C THR B 83 -21.55 -26.10 36.91
N ILE B 84 -22.35 -25.20 36.38
CA ILE B 84 -23.75 -25.40 36.21
C ILE B 84 -23.83 -25.54 34.68
N LYS B 85 -24.33 -26.68 34.22
CA LYS B 85 -24.44 -27.00 32.82
C LYS B 85 -25.85 -27.22 32.35
N VAL B 86 -26.24 -26.54 31.30
CA VAL B 86 -27.56 -26.63 30.74
C VAL B 86 -27.54 -27.43 29.44
N SER B 87 -28.28 -28.53 29.44
CA SER B 87 -28.36 -29.39 28.23
C SER B 87 -29.32 -28.85 27.24
N TYR B 88 -29.07 -29.16 25.98
CA TYR B 88 -29.84 -28.62 24.91
C TYR B 88 -30.30 -29.81 24.11
N GLU B 89 -31.51 -29.73 23.63
CA GLU B 89 -31.96 -30.82 22.78
C GLU B 89 -31.47 -30.59 21.35
N PRO B 90 -31.37 -31.67 20.58
CA PRO B 90 -30.91 -31.56 19.23
C PRO B 90 -31.72 -30.63 18.33
N GLY B 91 -31.06 -30.11 17.30
CA GLY B 91 -31.67 -29.29 16.29
C GLY B 91 -31.15 -27.89 16.18
N SER B 92 -30.31 -27.43 17.12
CA SER B 92 -29.83 -26.06 17.10
C SER B 92 -28.33 -26.13 16.74
N TYR B 93 -27.88 -25.23 15.87
CA TYR B 93 -26.52 -25.32 15.38
C TYR B 93 -25.93 -23.96 14.96
N ILE B 94 -24.63 -23.98 14.78
CA ILE B 94 -23.92 -22.90 14.19
C ILE B 94 -23.15 -23.43 13.00
N VAL B 95 -22.76 -22.47 12.12
CA VAL B 95 -21.95 -22.80 10.94
C VAL B 95 -20.62 -22.06 11.07
N VAL B 96 -19.56 -22.83 11.07
CA VAL B 96 -18.17 -22.34 11.09
C VAL B 96 -17.39 -23.03 10.00
N ASP B 97 -16.67 -22.26 9.19
CA ASP B 97 -15.92 -22.87 8.02
C ASP B 97 -16.79 -23.76 7.11
N GLY B 98 -18.05 -23.38 6.96
CA GLY B 98 -19.00 -24.12 6.18
C GLY B 98 -19.47 -25.39 6.80
N ILE B 99 -19.13 -25.64 8.04
CA ILE B 99 -19.44 -26.93 8.68
C ILE B 99 -20.53 -26.67 9.77
N LYS B 100 -21.43 -27.63 9.95
CA LYS B 100 -22.51 -27.51 10.96
C LYS B 100 -22.02 -28.10 12.27
N PHE B 101 -22.07 -27.28 13.30
CA PHE B 101 -21.75 -27.73 14.71
C PHE B 101 -23.01 -27.59 15.59
N GLU B 102 -23.48 -28.74 16.05
CA GLU B 102 -24.73 -28.78 16.86
C GLU B 102 -24.48 -28.41 18.30
N LEU B 103 -25.29 -27.50 18.81
CA LEU B 103 -25.27 -27.09 20.19
C LEU B 103 -25.67 -28.25 21.10
N LYS B 104 -24.76 -28.61 21.99
CA LYS B 104 -24.97 -29.72 22.98
C LYS B 104 -25.35 -29.23 24.35
N GLN B 105 -24.73 -28.12 24.78
CA GLN B 105 -24.88 -27.65 26.12
C GLN B 105 -24.26 -26.30 26.25
N PHE B 106 -24.66 -25.58 27.26
CA PHE B 106 -23.90 -24.39 27.72
C PHE B 106 -23.63 -24.43 29.19
N HIS B 107 -22.59 -23.77 29.62
CA HIS B 107 -22.21 -23.82 31.06
C HIS B 107 -21.38 -22.54 31.39
N PHE B 108 -20.98 -22.39 32.63
CA PHE B 108 -20.56 -21.10 33.15
C PHE B 108 -19.33 -21.21 33.98
N HIS B 109 -18.59 -20.10 34.03
CA HIS B 109 -17.40 -19.98 34.82
C HIS B 109 -17.35 -18.60 35.50
N ALA B 110 -16.71 -18.55 36.70
CA ALA B 110 -16.57 -17.25 37.42
C ALA B 110 -15.34 -17.27 38.22
N PRO B 111 -14.44 -16.32 38.02
CA PRO B 111 -14.48 -15.26 37.05
C PRO B 111 -14.20 -15.81 35.62
N SER B 112 -14.16 -14.92 34.64
CA SER B 112 -13.99 -15.34 33.23
C SER B 112 -12.77 -16.19 33.11
N GLU B 113 -12.83 -17.12 32.19
CA GLU B 113 -11.67 -17.91 31.85
C GLU B 113 -10.72 -17.08 30.98
N HIS B 114 -11.25 -16.63 29.85
CA HIS B 114 -10.44 -15.73 29.00
C HIS B 114 -10.30 -14.39 29.68
N LYS B 115 -9.17 -13.77 29.42
CA LYS B 115 -8.97 -12.38 29.79
C LYS B 115 -8.88 -11.53 28.53
N LEU B 116 -9.14 -10.24 28.69
CA LEU B 116 -9.12 -9.34 27.55
C LEU B 116 -8.14 -8.25 27.94
N LYS B 117 -7.04 -8.21 27.23
CA LYS B 117 -5.92 -7.33 27.53
C LYS B 117 -5.53 -7.28 29.00
N GLY B 118 -5.39 -8.44 29.59
CA GLY B 118 -4.97 -8.57 30.93
C GLY B 118 -6.05 -8.49 31.98
N GLN B 119 -7.29 -8.32 31.62
CA GLN B 119 -8.32 -8.11 32.64
C GLN B 119 -9.39 -9.21 32.51
N HIS B 120 -9.92 -9.62 33.64
CA HIS B 120 -11.07 -10.56 33.70
C HIS B 120 -12.39 -9.87 33.65
N TYR B 121 -13.39 -10.58 33.17
CA TYR B 121 -14.74 -10.22 33.41
C TYR B 121 -15.17 -11.08 34.63
N PRO B 122 -16.30 -10.72 35.30
CA PRO B 122 -16.61 -11.52 36.51
C PRO B 122 -17.23 -12.88 36.16
N PHE B 123 -17.63 -13.05 34.91
CA PHE B 123 -18.39 -14.23 34.51
C PHE B 123 -18.26 -14.50 33.00
N GLU B 124 -18.30 -15.79 32.63
CA GLU B 124 -18.22 -16.19 31.22
C GLU B 124 -19.07 -17.42 30.98
N ALA B 125 -19.84 -17.40 29.92
CA ALA B 125 -20.59 -18.53 29.42
C ALA B 125 -19.92 -19.19 28.21
N HIS B 126 -20.01 -20.51 28.16
CA HIS B 126 -19.50 -21.30 27.09
C HIS B 126 -20.60 -22.12 26.49
N PHE B 127 -20.75 -21.99 25.20
CA PHE B 127 -21.76 -22.67 24.39
C PHE B 127 -21.03 -23.70 23.61
N VAL B 128 -21.25 -24.96 23.91
CA VAL B 128 -20.45 -26.07 23.37
C VAL B 128 -21.16 -26.80 22.24
N HIS B 129 -20.52 -26.84 21.10
CA HIS B 129 -21.03 -27.45 19.88
C HIS B 129 -20.13 -28.53 19.33
N ALA B 130 -20.72 -29.48 18.63
CA ALA B 130 -19.98 -30.56 17.99
C ALA B 130 -20.48 -30.90 16.60
N ASP B 131 -19.58 -31.15 15.67
CA ASP B 131 -19.96 -31.53 14.33
C ASP B 131 -20.19 -33.01 14.31
N LYS B 132 -20.51 -33.57 13.16
CA LYS B 132 -20.79 -34.98 13.04
C LYS B 132 -19.63 -35.88 13.38
N HIS B 133 -18.41 -35.41 13.26
CA HIS B 133 -17.26 -36.20 13.62
C HIS B 133 -16.75 -35.93 15.02
N GLY B 134 -17.47 -35.14 15.79
CA GLY B 134 -17.04 -34.83 17.12
C GLY B 134 -16.10 -33.65 17.28
N ASN B 135 -15.77 -32.94 16.22
CA ASN B 135 -14.92 -31.78 16.33
C ASN B 135 -15.72 -30.73 17.05
N LEU B 136 -15.09 -29.98 17.93
CA LEU B 136 -15.78 -29.02 18.72
C LEU B 136 -15.61 -27.55 18.43
N ALA B 137 -16.66 -26.80 18.62
CA ALA B 137 -16.61 -25.38 18.49
C ALA B 137 -17.30 -24.78 19.71
N VAL B 138 -16.66 -23.86 20.38
CA VAL B 138 -17.23 -23.24 21.52
C VAL B 138 -17.33 -21.74 21.33
N ILE B 139 -18.46 -21.19 21.70
CA ILE B 139 -18.69 -19.79 21.68
C ILE B 139 -18.61 -19.32 23.13
N GLY B 140 -17.78 -18.37 23.38
CA GLY B 140 -17.62 -17.81 24.68
C GLY B 140 -18.26 -16.45 24.73
N VAL B 141 -18.94 -16.15 25.81
CA VAL B 141 -19.58 -14.87 26.01
C VAL B 141 -19.23 -14.30 27.35
N PHE B 142 -18.67 -13.12 27.38
CA PHE B 142 -18.35 -12.48 28.59
C PHE B 142 -19.63 -11.80 29.19
N PHE B 143 -19.68 -11.79 30.51
CA PHE B 143 -20.78 -11.07 31.23
C PHE B 143 -20.11 -10.10 32.18
N LYS B 144 -20.60 -8.88 32.14
CA LYS B 144 -20.21 -7.92 33.20
C LYS B 144 -21.33 -7.76 34.25
N GLU B 145 -20.95 -7.14 35.37
CA GLU B 145 -21.89 -6.81 36.42
C GLU B 145 -22.76 -5.66 35.95
N GLY B 146 -24.06 -5.87 35.97
CA GLY B 146 -24.97 -4.81 35.58
C GLY B 146 -26.37 -5.17 35.97
N ARG B 147 -27.25 -5.02 35.02
CA ARG B 147 -28.60 -5.31 35.22
C ARG B 147 -28.82 -6.84 35.31
N GLU B 148 -29.76 -7.25 36.16
CA GLU B 148 -30.24 -8.64 36.19
C GLU B 148 -30.50 -9.19 34.79
N ASN B 149 -30.02 -10.40 34.53
CA ASN B 149 -30.27 -11.04 33.27
C ASN B 149 -31.50 -11.92 33.37
N PRO B 150 -32.50 -11.67 32.54
CA PRO B 150 -33.78 -12.33 32.70
C PRO B 150 -33.76 -13.79 32.29
N ILE B 151 -32.86 -14.16 31.40
CA ILE B 151 -32.77 -15.54 30.96
C ILE B 151 -32.03 -16.33 31.99
N LEU B 152 -30.93 -15.78 32.48
CA LEU B 152 -30.22 -16.43 33.56
C LEU B 152 -31.13 -16.57 34.82
N GLU B 153 -32.05 -15.64 35.02
CA GLU B 153 -32.95 -15.74 36.19
C GLU B 153 -33.81 -16.98 36.16
N LYS B 154 -34.21 -17.41 34.98
CA LYS B 154 -34.97 -18.63 34.86
C LYS B 154 -34.19 -19.86 35.22
N ILE B 155 -32.89 -19.86 34.92
CA ILE B 155 -32.06 -20.98 35.27
C ILE B 155 -31.68 -20.92 36.70
N TRP B 156 -31.34 -19.72 37.15
CA TRP B 156 -30.77 -19.51 38.52
C TRP B 156 -31.88 -19.95 39.58
N LYS B 157 -33.13 -19.67 39.26
CA LYS B 157 -34.30 -19.97 40.14
C LYS B 157 -34.36 -21.41 40.54
N VAL B 158 -33.86 -22.29 39.66
CA VAL B 158 -33.87 -23.73 39.88
C VAL B 158 -32.50 -24.38 39.91
N MET B 159 -31.48 -23.58 40.04
CA MET B 159 -30.13 -24.08 40.02
C MET B 159 -29.88 -25.14 41.10
N PRO B 160 -29.47 -26.36 40.74
CA PRO B 160 -29.21 -27.29 41.83
C PRO B 160 -27.97 -26.93 42.64
N GLU B 161 -28.07 -27.14 43.96
CA GLU B 161 -27.07 -26.62 44.89
C GLU B 161 -25.98 -27.59 45.13
N ASN B 162 -26.15 -28.84 44.77
CA ASN B 162 -25.09 -29.84 45.03
C ASN B 162 -24.69 -30.56 43.76
N ALA B 163 -23.44 -31.02 43.78
CA ALA B 163 -22.90 -31.80 42.75
C ALA B 163 -23.70 -33.06 42.53
N GLY B 164 -23.94 -33.39 41.28
CA GLY B 164 -24.68 -34.60 40.91
C GLY B 164 -26.19 -34.43 40.81
N GLU B 165 -26.70 -33.26 41.06
CA GLU B 165 -28.09 -32.98 40.92
C GLU B 165 -28.48 -32.31 39.67
N GLU B 166 -29.55 -32.75 39.07
CA GLU B 166 -30.03 -32.22 37.81
C GLU B 166 -31.52 -31.95 37.90
N VAL B 167 -31.99 -30.88 37.27
CA VAL B 167 -33.37 -30.48 37.29
C VAL B 167 -33.88 -30.17 35.92
N LYS B 168 -35.08 -30.60 35.61
CA LYS B 168 -35.73 -30.23 34.34
C LYS B 168 -36.26 -28.83 34.38
N LEU B 169 -36.11 -28.11 33.27
CA LEU B 169 -36.68 -26.77 33.18
C LEU B 169 -38.16 -26.90 32.90
N ALA B 170 -38.93 -26.00 33.49
CA ALA B 170 -40.41 -25.93 33.26
C ALA B 170 -40.68 -25.58 31.80
N HIS B 171 -39.98 -24.55 31.31
CA HIS B 171 -40.11 -24.07 29.91
C HIS B 171 -38.75 -24.06 29.18
N LYS B 172 -38.77 -24.38 27.89
CA LYS B 172 -37.53 -24.39 27.10
C LYS B 172 -37.01 -22.95 26.86
N ILE B 173 -35.72 -22.80 27.08
CA ILE B 173 -35.07 -21.52 26.98
C ILE B 173 -34.37 -21.55 25.61
N ASN B 174 -34.32 -20.39 24.97
CA ASN B 174 -33.53 -20.22 23.74
C ASN B 174 -32.19 -19.62 24.09
N ALA B 175 -31.15 -20.38 23.85
CA ALA B 175 -29.76 -19.90 24.14
C ALA B 175 -29.37 -18.61 23.36
N GLU B 176 -30.02 -18.38 22.24
CA GLU B 176 -29.77 -17.21 21.42
C GLU B 176 -30.01 -15.92 22.19
N ASP B 177 -30.94 -15.94 23.13
CA ASP B 177 -31.15 -14.80 24.01
C ASP B 177 -30.03 -14.47 24.96
N LEU B 178 -29.11 -15.38 25.18
CA LEU B 178 -27.92 -15.08 25.95
C LEU B 178 -26.73 -14.58 25.10
N LEU B 179 -26.91 -14.50 23.82
CA LEU B 179 -25.81 -14.00 22.92
C LEU B 179 -26.03 -12.57 22.60
N PRO B 180 -24.95 -11.81 22.42
CA PRO B 180 -25.18 -10.40 22.02
C PRO B 180 -25.77 -10.28 20.67
N LYS B 181 -26.40 -9.13 20.42
CA LYS B 181 -26.96 -8.82 19.06
C LYS B 181 -25.83 -8.43 18.10
N ASP B 182 -24.85 -7.70 18.60
CA ASP B 182 -23.63 -7.45 17.83
C ASP B 182 -22.79 -8.75 17.86
N ARG B 183 -22.52 -9.30 16.70
CA ARG B 183 -21.90 -10.62 16.59
C ARG B 183 -20.44 -10.62 16.11
N ASP B 184 -19.76 -9.52 16.24
CA ASP B 184 -18.29 -9.53 16.03
C ASP B 184 -17.63 -10.43 17.13
N TYR B 185 -16.53 -11.04 16.77
CA TYR B 185 -15.87 -12.05 17.59
C TYR B 185 -14.39 -12.12 17.39
N TYR B 186 -13.73 -12.70 18.37
CA TYR B 186 -12.36 -13.14 18.31
C TYR B 186 -12.37 -14.63 17.97
N ARG B 187 -11.40 -15.09 17.18
CA ARG B 187 -11.28 -16.53 16.85
C ARG B 187 -9.86 -16.99 17.03
N TYR B 188 -9.71 -18.18 17.63
CA TYR B 188 -8.39 -18.83 17.67
C TYR B 188 -8.62 -20.36 17.89
N SER B 189 -7.55 -21.09 17.65
CA SER B 189 -7.48 -22.54 17.75
C SER B 189 -6.95 -22.88 19.16
N GLY B 190 -7.74 -23.60 19.90
CA GLY B 190 -7.44 -23.90 21.23
C GLY B 190 -7.91 -25.26 21.72
N SER B 191 -8.35 -25.28 22.98
CA SER B 191 -8.58 -26.57 23.71
C SER B 191 -9.81 -26.49 24.58
N LEU B 192 -10.25 -27.65 25.04
CA LEU B 192 -11.17 -27.68 26.21
C LEU B 192 -10.44 -27.06 27.42
N THR B 193 -11.17 -26.37 28.27
CA THR B 193 -10.57 -25.74 29.46
C THR B 193 -10.62 -26.60 30.74
N THR B 194 -11.13 -27.80 30.59
CA THR B 194 -11.15 -28.81 31.69
C THR B 194 -10.58 -30.09 31.15
N PRO B 195 -9.95 -30.91 32.00
CA PRO B 195 -9.35 -32.21 31.54
C PRO B 195 -10.33 -33.01 30.71
N PRO B 196 -9.95 -33.63 29.59
CA PRO B 196 -8.60 -33.88 29.21
C PRO B 196 -7.97 -32.71 28.37
N CYS B 197 -8.65 -31.55 28.27
CA CYS B 197 -8.04 -30.40 27.66
C CYS B 197 -7.59 -30.69 26.20
N SER B 198 -8.44 -31.41 25.48
CA SER B 198 -8.20 -31.84 24.13
C SER B 198 -8.12 -30.59 23.21
N GLU B 199 -7.20 -30.65 22.28
CA GLU B 199 -6.94 -29.57 21.32
C GLU B 199 -7.77 -29.75 20.09
N GLY B 200 -7.60 -28.86 19.12
CA GLY B 200 -8.41 -28.93 17.95
C GLY B 200 -9.79 -28.29 18.15
N VAL B 201 -9.91 -27.40 19.12
CA VAL B 201 -11.20 -26.73 19.37
C VAL B 201 -11.24 -25.37 18.75
N ARG B 202 -12.28 -25.10 18.01
CA ARG B 202 -12.54 -23.74 17.48
C ARG B 202 -13.09 -22.85 18.57
N TRP B 203 -12.40 -21.78 18.91
CA TRP B 203 -12.92 -20.79 19.87
C TRP B 203 -13.40 -19.55 19.18
N ILE B 204 -14.62 -19.17 19.49
CA ILE B 204 -15.28 -18.01 18.99
C ILE B 204 -15.68 -17.20 20.22
N VAL B 205 -14.96 -16.17 20.58
CA VAL B 205 -15.25 -15.34 21.78
C VAL B 205 -15.89 -14.05 21.34
N MET B 206 -17.12 -13.81 21.74
CA MET B 206 -17.85 -12.64 21.33
C MET B 206 -17.22 -11.39 21.89
N GLU B 207 -17.11 -10.38 21.02
CA GLU B 207 -16.48 -9.16 21.44
C GLU B 207 -17.38 -8.37 22.40
N GLU B 208 -18.67 -8.42 22.17
CA GLU B 208 -19.63 -7.69 23.01
C GLU B 208 -20.03 -8.52 24.24
N GLU B 209 -19.92 -7.91 25.41
CA GLU B 209 -20.25 -8.48 26.68
C GLU B 209 -21.76 -8.38 26.95
N MET B 210 -22.29 -9.40 27.61
CA MET B 210 -23.63 -9.40 28.13
C MET B 210 -23.55 -8.91 29.61
N GLU B 211 -24.70 -8.92 30.29
CA GLU B 211 -24.82 -8.36 31.60
C GLU B 211 -25.66 -9.26 32.50
N MET B 212 -25.25 -9.25 33.76
CA MET B 212 -26.02 -9.91 34.82
C MET B 212 -25.89 -9.13 36.13
N SER B 213 -26.76 -9.44 37.11
CA SER B 213 -26.64 -8.74 38.41
C SER B 213 -25.54 -9.25 39.31
N LYS B 214 -25.10 -8.36 40.19
CA LYS B 214 -24.16 -8.73 41.26
C LYS B 214 -24.66 -9.96 42.06
N GLU B 215 -25.95 -9.98 42.32
CA GLU B 215 -26.59 -11.05 43.08
C GLU B 215 -26.55 -12.40 42.30
N GLN B 216 -26.79 -12.33 40.99
CA GLN B 216 -26.65 -13.54 40.09
C GLN B 216 -25.26 -14.10 40.12
N ILE B 217 -24.26 -13.22 40.11
CA ILE B 217 -22.86 -13.65 40.16
C ILE B 217 -22.51 -14.24 41.48
N GLU B 218 -22.96 -13.58 42.54
CA GLU B 218 -22.70 -14.10 43.93
C GLU B 218 -23.38 -15.48 44.14
N LYS B 219 -24.60 -15.63 43.67
CA LYS B 219 -25.29 -16.88 43.87
C LYS B 219 -24.56 -18.05 43.19
N PHE B 220 -24.12 -17.84 41.94
CA PHE B 220 -23.33 -18.84 41.25
C PHE B 220 -22.10 -19.17 42.02
N ARG B 221 -21.35 -18.14 42.41
CA ARG B 221 -20.06 -18.36 43.09
C ARG B 221 -20.27 -19.08 44.45
N LYS B 222 -21.33 -18.72 45.13
CA LYS B 222 -21.65 -19.36 46.44
C LYS B 222 -21.95 -20.85 46.26
N ILE B 223 -22.80 -21.19 45.28
CA ILE B 223 -23.01 -22.61 44.97
C ILE B 223 -21.79 -23.35 44.56
N MET B 224 -20.94 -22.74 43.72
CA MET B 224 -19.73 -23.43 43.27
C MET B 224 -18.71 -23.53 44.36
N GLY B 225 -18.74 -22.59 45.29
CA GLY B 225 -17.85 -22.67 46.45
C GLY B 225 -16.50 -22.05 46.23
N GLY B 226 -16.33 -21.35 45.11
CA GLY B 226 -15.05 -20.68 44.84
C GLY B 226 -14.90 -20.45 43.32
N ASP B 227 -13.69 -20.05 42.93
CA ASP B 227 -13.38 -19.72 41.56
C ASP B 227 -13.49 -20.98 40.69
N THR B 228 -14.02 -20.80 39.47
CA THR B 228 -14.12 -21.95 38.54
C THR B 228 -13.45 -21.68 37.18
N ASN B 229 -12.33 -20.98 37.20
CA ASN B 229 -11.57 -20.70 35.98
C ASN B 229 -10.26 -21.42 35.95
N ARG B 230 -9.92 -22.01 34.82
CA ARG B 230 -8.56 -22.42 34.57
C ARG B 230 -7.65 -21.17 34.38
N PRO B 231 -6.42 -21.19 34.87
CA PRO B 231 -5.53 -20.07 34.58
C PRO B 231 -5.26 -19.95 33.07
N VAL B 232 -5.05 -18.73 32.64
CA VAL B 232 -4.76 -18.47 31.22
C VAL B 232 -3.47 -19.16 30.85
N GLN B 233 -3.43 -19.66 29.63
CA GLN B 233 -2.34 -20.48 29.12
C GLN B 233 -1.63 -19.66 28.01
N PRO B 234 -0.36 -19.95 27.77
CA PRO B 234 0.37 -19.10 26.84
C PRO B 234 -0.18 -19.22 25.42
N LEU B 235 -0.10 -18.14 24.67
CA LEU B 235 -0.49 -18.13 23.29
C LEU B 235 0.44 -18.95 22.42
N ASN B 236 1.70 -18.91 22.76
CA ASN B 236 2.73 -19.60 22.02
C ASN B 236 2.79 -19.05 20.59
N ALA B 237 2.63 -19.90 19.59
CA ALA B 237 2.69 -19.47 18.21
C ALA B 237 1.45 -18.76 17.69
N ARG B 238 0.34 -18.73 18.45
CA ARG B 238 -0.95 -18.26 17.98
C ARG B 238 -1.11 -16.77 17.97
N MET B 239 -1.97 -16.33 17.04
CA MET B 239 -2.55 -14.99 17.09
C MET B 239 -4.05 -15.11 17.25
N ILE B 240 -4.69 -14.10 17.82
CA ILE B 240 -6.13 -14.13 17.93
C ILE B 240 -6.64 -13.23 16.76
N MET B 241 -7.55 -13.71 15.95
CA MET B 241 -8.11 -12.94 14.86
C MET B 241 -9.37 -12.26 15.35
N GLU B 242 -9.57 -11.02 14.93
CA GLU B 242 -10.79 -10.28 15.27
C GLU B 242 -11.57 -9.89 14.05
N LYS B 243 -12.87 -10.20 14.06
CA LYS B 243 -13.76 -9.78 12.95
C LYS B 243 -14.09 -8.23 12.71
N GLY C 22 35.59 26.76 -3.84
CA GLY C 22 34.86 27.74 -4.72
C GLY C 22 34.13 27.21 -5.93
N TRP C 23 34.30 25.93 -6.27
CA TRP C 23 33.69 25.37 -7.49
C TRP C 23 32.24 25.14 -7.33
N SER C 24 31.50 25.17 -8.42
CA SER C 24 30.10 24.87 -8.35
C SER C 24 29.61 24.24 -9.62
N TYR C 25 28.35 23.88 -9.62
CA TYR C 25 27.71 23.32 -10.79
C TYR C 25 27.13 24.32 -11.78
N HIS C 26 27.16 25.61 -11.42
CA HIS C 26 26.45 26.69 -12.16
C HIS C 26 27.34 27.94 -12.25
N GLY C 27 27.12 28.71 -13.29
CA GLY C 27 27.63 30.07 -13.36
C GLY C 27 29.10 30.18 -13.62
N GLU C 28 29.71 31.16 -12.98
CA GLU C 28 31.07 31.59 -13.31
C GLU C 28 32.14 30.65 -12.73
N HIS C 29 31.78 29.92 -11.67
CA HIS C 29 32.63 28.91 -11.01
C HIS C 29 32.19 27.47 -11.40
N GLY C 30 31.39 27.40 -12.46
CA GLY C 30 30.77 26.19 -12.97
C GLY C 30 31.72 25.35 -13.82
N PRO C 31 31.23 24.19 -14.28
CA PRO C 31 32.11 23.07 -14.71
C PRO C 31 33.05 23.41 -15.83
N GLU C 32 32.59 24.24 -16.78
CA GLU C 32 33.49 24.72 -17.86
C GLU C 32 34.69 25.56 -17.39
N HIS C 33 34.67 26.04 -16.14
CA HIS C 33 35.70 26.95 -15.60
C HIS C 33 36.49 26.36 -14.52
N TRP C 34 36.14 25.16 -14.09
CA TRP C 34 36.79 24.54 -12.94
C TRP C 34 38.29 24.57 -13.05
N GLY C 35 38.79 24.32 -14.24
CA GLY C 35 40.20 24.25 -14.51
C GLY C 35 40.95 25.52 -14.23
N ASP C 36 40.28 26.63 -14.35
CA ASP C 36 40.88 27.90 -14.10
C ASP C 36 40.78 28.34 -12.66
N LEU C 37 40.03 27.60 -11.85
CA LEU C 37 39.85 27.91 -10.44
C LEU C 37 41.08 27.78 -9.55
N LYS C 38 41.85 26.72 -9.70
CA LYS C 38 43.04 26.54 -8.90
C LYS C 38 44.04 25.76 -9.67
N ASP C 39 45.29 25.87 -9.28
CA ASP C 39 46.34 25.16 -9.94
C ASP C 39 46.15 23.67 -9.75
N GLU C 40 45.63 23.28 -8.61
CA GLU C 40 45.40 21.89 -8.29
C GLU C 40 44.34 21.26 -9.18
N TYR C 41 43.50 22.05 -9.78
CA TYR C 41 42.43 21.56 -10.60
C TYR C 41 42.79 21.43 -12.08
N ILE C 42 44.07 21.37 -12.35
CA ILE C 42 44.56 21.33 -13.70
C ILE C 42 44.04 20.23 -14.62
N MET C 43 43.80 19.03 -14.12
CA MET C 43 43.30 17.95 -14.98
C MET C 43 41.96 18.26 -15.61
N CYS C 44 41.16 19.07 -14.94
CA CYS C 44 39.87 19.42 -15.47
C CYS C 44 40.03 20.07 -16.80
N LYS C 45 41.05 20.89 -16.94
CA LYS C 45 41.33 21.60 -18.16
C LYS C 45 42.06 20.76 -19.21
N ILE C 46 43.14 20.11 -18.80
CA ILE C 46 43.93 19.35 -19.73
C ILE C 46 43.80 17.83 -19.80
N GLY C 47 42.98 17.24 -18.96
CA GLY C 47 42.82 15.82 -18.94
C GLY C 47 42.19 15.24 -20.17
N LYS C 48 42.69 14.10 -20.60
CA LYS C 48 42.13 13.42 -21.74
C LYS C 48 41.34 12.15 -21.36
N ASN C 49 41.28 11.84 -20.09
CA ASN C 49 40.56 10.66 -19.63
C ASN C 49 39.65 11.01 -18.47
N GLN C 50 38.75 11.93 -18.74
CA GLN C 50 37.80 12.47 -17.77
C GLN C 50 36.45 11.78 -17.75
N SER C 51 35.80 11.92 -16.61
CA SER C 51 34.46 11.39 -16.36
C SER C 51 33.58 12.56 -15.91
N PRO C 52 32.21 12.55 -16.12
CA PRO C 52 31.64 11.36 -16.75
C PRO C 52 31.69 11.36 -18.26
N VAL C 53 31.14 10.31 -18.85
CA VAL C 53 31.08 10.17 -20.28
C VAL C 53 29.74 9.65 -20.74
N ASP C 54 29.50 9.80 -22.01
CA ASP C 54 28.32 9.31 -22.62
C ASP C 54 28.78 7.95 -23.05
N ILE C 55 28.11 6.92 -22.57
CA ILE C 55 28.49 5.56 -22.87
C ILE C 55 27.94 5.21 -24.22
N ASN C 56 28.69 5.58 -25.24
CA ASN C 56 28.33 5.37 -26.62
C ASN C 56 29.31 4.70 -27.59
N ARG C 57 30.33 4.21 -27.11
CA ARG C 57 31.32 3.51 -27.89
C ARG C 57 31.69 2.32 -27.03
N ILE C 58 31.00 1.29 -27.18
CA ILE C 58 31.07 0.11 -26.38
C ILE C 58 31.56 -1.10 -27.11
N VAL C 59 32.31 -1.92 -26.42
CA VAL C 59 32.81 -3.16 -26.95
C VAL C 59 32.58 -4.30 -25.95
N ASP C 60 32.13 -5.45 -26.43
CA ASP C 60 31.92 -6.57 -25.56
C ASP C 60 33.29 -7.09 -25.11
N ALA C 61 33.46 -7.34 -23.84
CA ALA C 61 34.72 -7.86 -23.34
C ALA C 61 34.51 -8.95 -22.31
N LYS C 62 35.45 -9.86 -22.21
CA LYS C 62 35.34 -10.95 -21.28
C LYS C 62 35.76 -10.55 -19.88
N LEU C 63 35.06 -9.62 -19.30
CA LEU C 63 35.36 -9.16 -17.98
C LEU C 63 34.88 -10.13 -16.91
N LYS C 64 35.55 -10.14 -15.77
CA LYS C 64 35.17 -10.98 -14.65
C LYS C 64 34.10 -10.30 -13.83
N PRO C 65 33.25 -11.10 -13.18
CA PRO C 65 32.38 -10.46 -12.18
C PRO C 65 33.18 -9.69 -11.13
N ILE C 66 32.64 -8.57 -10.68
CA ILE C 66 33.23 -7.87 -9.57
C ILE C 66 32.73 -8.55 -8.28
N LYS C 67 33.65 -8.90 -7.42
CA LYS C 67 33.36 -9.38 -6.12
C LYS C 67 32.96 -8.23 -5.17
N ILE C 68 31.77 -8.31 -4.61
CA ILE C 68 31.23 -7.24 -3.73
C ILE C 68 30.96 -7.83 -2.37
N GLU C 69 31.81 -7.46 -1.44
CA GLU C 69 31.80 -7.89 -0.08
C GLU C 69 31.46 -6.74 0.86
N TYR C 70 30.17 -6.39 0.85
CA TYR C 70 29.64 -5.34 1.72
C TYR C 70 28.91 -5.93 2.98
N ARG C 71 29.03 -5.22 4.08
CA ARG C 71 28.34 -5.46 5.36
C ARG C 71 27.44 -4.24 5.54
N ALA C 72 26.47 -4.31 6.44
CA ALA C 72 25.73 -3.13 6.84
C ALA C 72 26.74 -2.18 7.52
N GLY C 73 26.94 -0.99 6.96
CA GLY C 73 27.96 -0.06 7.49
C GLY C 73 27.77 1.45 7.33
N ALA C 74 26.65 1.89 6.76
CA ALA C 74 26.39 3.33 6.58
C ALA C 74 26.07 3.92 7.92
N THR C 75 26.78 4.98 8.29
CA THR C 75 26.71 5.54 9.63
C THR C 75 26.16 6.95 9.70
N LYS C 76 26.59 7.82 8.78
CA LYS C 76 26.23 9.25 8.81
C LYS C 76 25.82 9.75 7.46
N VAL C 77 25.07 10.84 7.45
CA VAL C 77 24.56 11.43 6.25
C VAL C 77 24.90 12.89 6.33
N LEU C 78 25.66 13.36 5.35
CA LEU C 78 26.12 14.72 5.29
C LEU C 78 25.59 15.45 4.04
N ASN C 79 25.19 16.71 4.23
CA ASN C 79 24.92 17.61 3.12
C ASN C 79 26.12 18.53 3.06
N ASN C 80 26.90 18.40 1.99
CA ASN C 80 28.10 19.27 1.85
C ASN C 80 27.86 20.41 0.87
N GLY C 81 26.62 20.62 0.49
CA GLY C 81 26.27 21.65 -0.48
C GLY C 81 26.37 21.21 -1.93
N HIS C 82 27.09 20.13 -2.20
CA HIS C 82 27.25 19.59 -3.59
C HIS C 82 26.49 18.30 -3.82
N THR C 83 26.28 17.58 -2.73
CA THR C 83 25.57 16.33 -2.75
C THR C 83 25.14 15.98 -1.31
N ILE C 84 24.47 14.84 -1.19
CA ILE C 84 24.19 14.17 0.08
C ILE C 84 25.15 12.98 0.04
N LYS C 85 26.00 12.93 1.02
CA LYS C 85 26.98 11.92 1.13
C LYS C 85 26.79 11.07 2.38
N VAL C 86 26.76 9.78 2.16
CA VAL C 86 26.66 8.79 3.24
C VAL C 86 28.00 8.11 3.51
N SER C 87 28.53 8.34 4.71
CA SER C 87 29.79 7.72 5.12
C SER C 87 29.59 6.25 5.48
N TYR C 88 30.65 5.49 5.30
CA TYR C 88 30.60 4.05 5.51
C TYR C 88 31.74 3.71 6.43
N GLU C 89 31.48 2.82 7.37
CA GLU C 89 32.55 2.44 8.26
C GLU C 89 33.40 1.38 7.57
N PRO C 90 34.64 1.22 8.03
CA PRO C 90 35.54 0.26 7.41
C PRO C 90 35.06 -1.18 7.44
N GLY C 91 35.56 -1.97 6.49
CA GLY C 91 35.31 -3.40 6.42
C GLY C 91 34.55 -3.86 5.22
N SER C 92 34.01 -2.96 4.38
CA SER C 92 33.27 -3.38 3.20
C SER C 92 34.10 -3.05 1.99
N TYR C 93 34.15 -3.97 1.02
CA TYR C 93 35.07 -3.81 -0.09
C TYR C 93 34.60 -4.47 -1.34
N ILE C 94 35.23 -4.06 -2.44
CA ILE C 94 35.09 -4.73 -3.73
C ILE C 94 36.47 -5.18 -4.19
N VAL C 95 36.46 -6.09 -5.15
CA VAL C 95 37.75 -6.59 -5.76
C VAL C 95 37.72 -6.37 -7.25
N VAL C 96 38.70 -5.61 -7.71
CA VAL C 96 38.86 -5.25 -9.09
C VAL C 96 40.31 -5.48 -9.44
N ASP C 97 40.54 -6.19 -10.52
CA ASP C 97 41.92 -6.56 -10.94
C ASP C 97 42.74 -7.25 -9.85
N GLY C 98 42.04 -8.05 -9.04
CA GLY C 98 42.67 -8.72 -7.91
C GLY C 98 43.04 -7.84 -6.78
N ILE C 99 42.56 -6.60 -6.74
CA ILE C 99 42.95 -5.66 -5.70
C ILE C 99 41.74 -5.31 -4.85
N LYS C 100 41.96 -5.15 -3.55
CA LYS C 100 40.86 -4.78 -2.66
C LYS C 100 40.68 -3.26 -2.61
N PHE C 101 39.47 -2.80 -2.92
CA PHE C 101 39.10 -1.38 -2.76
C PHE C 101 38.00 -1.24 -1.69
N GLU C 102 38.33 -0.57 -0.58
CA GLU C 102 37.44 -0.40 0.52
C GLU C 102 36.40 0.72 0.28
N LEU C 103 35.12 0.41 0.50
CA LEU C 103 34.03 1.35 0.37
C LEU C 103 34.18 2.44 1.44
N LYS C 104 34.23 3.70 1.00
CA LYS C 104 34.39 4.89 1.90
C LYS C 104 33.09 5.62 2.08
N GLN C 105 32.33 5.74 1.01
CA GLN C 105 31.14 6.55 1.03
C GLN C 105 30.38 6.37 -0.24
N PHE C 106 29.13 6.78 -0.21
CA PHE C 106 28.35 6.89 -1.40
C PHE C 106 27.55 8.19 -1.42
N HIS C 107 27.24 8.66 -2.59
CA HIS C 107 26.62 9.95 -2.71
C HIS C 107 25.86 9.96 -4.02
N PHE C 108 25.18 11.06 -4.28
CA PHE C 108 24.21 11.11 -5.37
C PHE C 108 24.36 12.34 -6.30
N HIS C 109 23.79 12.20 -7.49
CA HIS C 109 23.70 13.24 -8.47
C HIS C 109 22.39 13.21 -9.19
N ALA C 110 21.90 14.38 -9.60
CA ALA C 110 20.66 14.47 -10.37
C ALA C 110 20.71 15.65 -11.31
N PRO C 111 20.40 15.46 -12.59
CA PRO C 111 20.26 14.17 -13.21
C PRO C 111 21.60 13.36 -13.25
N SER C 112 21.54 12.20 -13.92
CA SER C 112 22.73 11.29 -14.01
C SER C 112 23.94 12.01 -14.58
N GLU C 113 25.10 11.65 -14.06
CA GLU C 113 26.38 12.12 -14.65
C GLU C 113 26.69 11.43 -15.97
N HIS C 114 26.73 10.10 -15.95
CA HIS C 114 26.88 9.34 -17.18
C HIS C 114 25.61 9.41 -17.95
N LYS C 115 25.78 9.34 -19.26
CA LYS C 115 24.69 9.08 -20.13
C LYS C 115 24.84 7.71 -20.75
N LEU C 116 23.74 7.18 -21.22
CA LEU C 116 23.77 5.90 -21.91
C LEU C 116 23.17 6.09 -23.29
N LYS C 117 23.99 5.88 -24.31
CA LYS C 117 23.60 6.20 -25.67
C LYS C 117 22.84 7.54 -25.82
N GLY C 118 23.41 8.59 -25.25
CA GLY C 118 22.90 9.93 -25.47
C GLY C 118 21.77 10.32 -24.53
N GLN C 119 21.36 9.47 -23.60
CA GLN C 119 20.22 9.76 -22.73
C GLN C 119 20.61 9.71 -21.28
N HIS C 120 20.09 10.67 -20.52
CA HIS C 120 20.28 10.72 -19.08
C HIS C 120 19.27 9.86 -18.36
N TYR C 121 19.63 9.43 -17.17
CA TYR C 121 18.65 8.93 -16.20
C TYR C 121 18.42 10.10 -15.26
N PRO C 122 17.31 10.08 -14.50
CA PRO C 122 17.07 11.21 -13.61
C PRO C 122 17.92 11.22 -12.38
N PHE C 123 18.61 10.11 -12.07
CA PHE C 123 19.41 10.07 -10.86
C PHE C 123 20.52 9.03 -10.99
N GLU C 124 21.59 9.25 -10.25
CA GLU C 124 22.73 8.36 -10.25
C GLU C 124 23.38 8.37 -8.90
N ALA C 125 23.74 7.17 -8.45
CA ALA C 125 24.51 7.03 -7.22
C ALA C 125 25.95 6.59 -7.51
N HIS C 126 26.86 7.07 -6.69
CA HIS C 126 28.27 6.71 -6.76
C HIS C 126 28.74 6.13 -5.49
N PHE C 127 29.34 4.96 -5.59
CA PHE C 127 29.91 4.26 -4.48
C PHE C 127 31.41 4.32 -4.60
N VAL C 128 32.03 5.07 -3.72
CA VAL C 128 33.45 5.32 -3.77
C VAL C 128 34.33 4.45 -2.92
N HIS C 129 35.30 3.83 -3.57
CA HIS C 129 36.22 2.93 -2.93
C HIS C 129 37.65 3.31 -3.17
N ALA C 130 38.53 2.96 -2.25
CA ALA C 130 39.93 3.24 -2.40
C ALA C 130 40.76 2.09 -1.90
N ASP C 131 41.83 1.80 -2.59
CA ASP C 131 42.73 0.75 -2.21
C ASP C 131 43.70 1.26 -1.19
N LYS C 132 44.64 0.44 -0.78
CA LYS C 132 45.62 0.85 0.22
C LYS C 132 46.49 2.02 -0.17
N HIS C 133 46.77 2.18 -1.44
CA HIS C 133 47.58 3.29 -1.90
C HIS C 133 46.77 4.47 -2.28
N GLY C 134 45.46 4.39 -2.13
CA GLY C 134 44.62 5.49 -2.49
C GLY C 134 44.08 5.52 -3.89
N ASN C 135 44.32 4.48 -4.66
CA ASN C 135 43.77 4.40 -5.99
C ASN C 135 42.28 4.22 -5.88
N LEU C 136 41.50 4.89 -6.70
CA LEU C 136 40.05 4.79 -6.57
C LEU C 136 39.27 3.99 -7.55
N ALA C 137 38.19 3.40 -7.06
CA ALA C 137 37.28 2.66 -7.89
C ALA C 137 35.90 3.12 -7.53
N VAL C 138 35.11 3.49 -8.50
CA VAL C 138 33.77 3.94 -8.27
C VAL C 138 32.77 3.11 -9.02
N ILE C 139 31.73 2.67 -8.29
CA ILE C 139 30.58 2.03 -8.88
C ILE C 139 29.50 3.06 -9.07
N GLY C 140 29.02 3.17 -10.26
CA GLY C 140 27.94 4.03 -10.59
C GLY C 140 26.68 3.21 -10.82
N VAL C 141 25.56 3.71 -10.29
CA VAL C 141 24.27 3.04 -10.45
C VAL C 141 23.21 4.05 -10.88
N PHE C 142 22.60 3.79 -12.03
CA PHE C 142 21.52 4.57 -12.54
C PHE C 142 20.21 4.27 -11.77
N PHE C 143 19.41 5.31 -11.54
CA PHE C 143 18.05 5.16 -10.97
C PHE C 143 17.07 5.78 -11.94
N LYS C 144 16.02 5.02 -12.25
CA LYS C 144 14.92 5.58 -13.03
C LYS C 144 13.76 5.91 -12.07
N GLU C 145 12.83 6.72 -12.58
CA GLU C 145 11.61 7.05 -11.87
C GLU C 145 10.71 5.82 -11.83
N GLY C 146 10.29 5.43 -10.64
CA GLY C 146 9.40 4.27 -10.50
C GLY C 146 8.85 4.17 -9.10
N ARG C 147 8.93 2.96 -8.53
CA ARG C 147 8.55 2.72 -7.13
C ARG C 147 9.47 3.42 -6.17
N GLU C 148 8.88 3.91 -5.08
CA GLU C 148 9.66 4.41 -3.92
C GLU C 148 10.74 3.44 -3.54
N ASN C 149 11.95 3.93 -3.34
CA ASN C 149 13.04 3.08 -2.92
C ASN C 149 13.08 3.04 -1.42
N PRO C 150 12.97 1.83 -0.83
CA PRO C 150 12.90 1.70 0.62
C PRO C 150 14.15 2.03 1.37
N ILE C 151 15.30 1.78 0.74
CA ILE C 151 16.55 2.15 1.38
C ILE C 151 16.80 3.66 1.36
N LEU C 152 16.49 4.28 0.24
CA LEU C 152 16.67 5.70 0.11
C LEU C 152 15.73 6.47 1.04
N GLU C 153 14.52 5.94 1.22
CA GLU C 153 13.58 6.60 2.09
C GLU C 153 14.16 6.70 3.48
N LYS C 154 14.97 5.74 3.88
CA LYS C 154 15.59 5.83 5.18
C LYS C 154 16.48 7.02 5.25
N ILE C 155 17.27 7.25 4.21
CA ILE C 155 18.14 8.42 4.17
C ILE C 155 17.41 9.73 3.93
N TRP C 156 16.44 9.69 3.04
CA TRP C 156 15.70 10.87 2.70
C TRP C 156 14.96 11.44 3.90
N LYS C 157 14.46 10.59 4.76
CA LYS C 157 13.73 11.04 5.93
C LYS C 157 14.58 11.93 6.80
N VAL C 158 15.84 11.59 6.93
CA VAL C 158 16.74 12.37 7.77
C VAL C 158 17.74 13.23 6.99
N MET C 159 17.52 13.44 5.71
CA MET C 159 18.49 14.19 4.91
C MET C 159 18.71 15.60 5.43
N PRO C 160 19.93 15.99 5.78
CA PRO C 160 20.08 17.40 6.21
C PRO C 160 19.83 18.39 5.09
N GLU C 161 19.18 19.51 5.42
CA GLU C 161 18.72 20.46 4.41
C GLU C 161 19.69 21.56 4.15
N ASN C 162 20.71 21.70 4.97
CA ASN C 162 21.70 22.76 4.72
C ASN C 162 23.10 22.25 4.65
N ALA C 163 23.89 22.96 3.86
CA ALA C 163 25.26 22.62 3.65
C ALA C 163 25.99 22.65 4.95
N GLY C 164 26.85 21.68 5.20
CA GLY C 164 27.63 21.59 6.43
C GLY C 164 26.96 20.78 7.54
N GLU C 165 25.70 20.40 7.38
CA GLU C 165 25.00 19.61 8.40
C GLU C 165 25.14 18.11 8.16
N GLU C 166 25.39 17.38 9.25
CA GLU C 166 25.56 15.95 9.23
C GLU C 166 24.70 15.30 10.31
N VAL C 167 24.13 14.14 10.00
CA VAL C 167 23.27 13.43 10.95
C VAL C 167 23.70 11.97 11.02
N LYS C 168 23.70 11.41 12.23
CA LYS C 168 23.92 9.96 12.40
C LYS C 168 22.68 9.19 12.07
N LEU C 169 22.86 8.06 11.40
CA LEU C 169 21.73 7.19 11.08
C LEU C 169 21.38 6.39 12.32
N ALA C 170 20.08 6.20 12.52
CA ALA C 170 19.55 5.40 13.65
C ALA C 170 20.03 3.96 13.53
N HIS C 171 19.86 3.40 12.33
CA HIS C 171 20.28 2.01 12.01
C HIS C 171 21.23 1.97 10.79
N LYS C 172 22.22 1.08 10.84
CA LYS C 172 23.18 0.96 9.76
C LYS C 172 22.51 0.39 8.51
N ILE C 173 22.79 1.03 7.40
CA ILE C 173 22.25 0.62 6.10
C ILE C 173 23.32 -0.18 5.37
N ASN C 174 22.88 -1.17 4.60
CA ASN C 174 23.77 -1.95 3.79
C ASN C 174 23.69 -1.42 2.38
N ALA C 175 24.79 -0.89 1.90
CA ALA C 175 24.82 -0.33 0.53
C ALA C 175 24.52 -1.35 -0.53
N GLU C 176 24.76 -2.63 -0.24
CA GLU C 176 24.48 -3.70 -1.21
C GLU C 176 23.04 -3.74 -1.64
N ASP C 177 22.14 -3.32 -0.74
CA ASP C 177 20.71 -3.20 -1.11
C ASP C 177 20.39 -2.11 -2.13
N LEU C 178 21.29 -1.16 -2.34
CA LEU C 178 21.15 -0.18 -3.44
C LEU C 178 21.75 -0.62 -4.79
N LEU C 179 22.34 -1.82 -4.86
CA LEU C 179 22.91 -2.31 -6.11
C LEU C 179 21.96 -3.27 -6.76
N PRO C 180 21.97 -3.33 -8.09
CA PRO C 180 21.13 -4.35 -8.70
C PRO C 180 21.61 -5.77 -8.44
N LYS C 181 20.68 -6.73 -8.59
CA LYS C 181 21.02 -8.17 -8.45
C LYS C 181 21.79 -8.63 -9.66
N ASP C 182 21.38 -8.16 -10.84
CA ASP C 182 22.10 -8.46 -12.06
C ASP C 182 23.36 -7.52 -12.02
N ARG C 183 24.55 -8.12 -12.10
CA ARG C 183 25.78 -7.33 -11.95
C ARG C 183 26.68 -7.14 -13.14
N ASP C 184 26.10 -7.20 -14.32
CA ASP C 184 26.78 -6.88 -15.52
C ASP C 184 27.07 -5.38 -15.46
N TYR C 185 28.18 -4.99 -16.06
CA TYR C 185 28.66 -3.61 -15.91
C TYR C 185 29.48 -3.19 -17.11
N TYR C 186 29.55 -1.87 -17.24
CA TYR C 186 30.43 -1.18 -18.16
C TYR C 186 31.67 -0.77 -17.37
N ARG C 187 32.82 -0.87 -17.99
CA ARG C 187 34.08 -0.46 -17.34
C ARG C 187 34.93 0.44 -18.26
N TYR C 188 35.50 1.48 -17.64
CA TYR C 188 36.43 2.33 -18.34
C TYR C 188 37.33 3.02 -17.33
N SER C 189 38.39 3.59 -17.88
CA SER C 189 39.39 4.32 -17.13
C SER C 189 39.07 5.85 -17.22
N GLY C 190 38.87 6.46 -16.07
CA GLY C 190 38.42 7.84 -16.00
C GLY C 190 38.92 8.67 -14.84
N SER C 191 38.01 9.51 -14.32
CA SER C 191 38.39 10.52 -13.31
C SER C 191 37.32 10.71 -12.22
N LEU C 192 37.73 11.42 -11.17
CA LEU C 192 36.71 12.04 -10.27
C LEU C 192 35.88 13.01 -11.07
N THR C 193 34.59 13.05 -10.80
CA THR C 193 33.67 14.00 -11.51
C THR C 193 33.61 15.42 -10.88
N THR C 194 34.33 15.62 -9.79
CA THR C 194 34.37 16.91 -9.09
C THR C 194 35.81 17.26 -8.90
N PRO C 195 36.14 18.57 -8.92
CA PRO C 195 37.53 18.95 -8.72
C PRO C 195 38.19 18.27 -7.55
N PRO C 196 39.47 17.89 -7.59
CA PRO C 196 40.41 18.12 -8.67
C PRO C 196 40.31 17.23 -9.94
N CYS C 197 39.29 16.39 -10.04
CA CYS C 197 39.07 15.60 -11.26
C CYS C 197 40.29 14.71 -11.62
N SER C 198 40.89 14.12 -10.58
CA SER C 198 42.06 13.31 -10.67
C SER C 198 41.76 12.04 -11.51
N GLU C 199 42.72 11.66 -12.33
CA GLU C 199 42.58 10.53 -13.26
C GLU C 199 43.12 9.26 -12.62
N GLY C 200 43.11 8.16 -13.36
CA GLY C 200 43.51 6.90 -12.75
C GLY C 200 42.37 6.21 -11.97
N VAL C 201 41.14 6.59 -12.24
CA VAL C 201 39.99 6.09 -11.48
C VAL C 201 39.34 4.98 -12.28
N ARG C 202 39.11 3.84 -11.62
CA ARG C 202 38.37 2.75 -12.26
C ARG C 202 36.91 2.97 -12.15
N TRP C 203 36.25 3.04 -13.27
CA TRP C 203 34.77 3.23 -13.28
C TRP C 203 34.07 1.90 -13.64
N ILE C 204 33.10 1.55 -12.79
CA ILE C 204 32.28 0.35 -12.96
C ILE C 204 30.86 0.85 -12.95
N VAL C 205 30.25 0.97 -14.10
CA VAL C 205 28.87 1.49 -14.19
C VAL C 205 27.94 0.29 -14.43
N MET C 206 27.02 0.06 -13.50
CA MET C 206 26.08 -1.10 -13.60
C MET C 206 25.16 -0.94 -14.75
N GLU C 207 24.99 -2.03 -15.50
CA GLU C 207 24.14 -1.99 -16.68
C GLU C 207 22.65 -1.82 -16.22
N GLU C 208 22.28 -2.45 -15.10
CA GLU C 208 20.89 -2.52 -14.69
C GLU C 208 20.61 -1.35 -13.76
N GLU C 209 19.54 -0.61 -14.12
CA GLU C 209 19.07 0.53 -13.35
C GLU C 209 18.27 0.10 -12.11
N MET C 210 18.38 0.88 -11.05
CA MET C 210 17.51 0.75 -9.88
C MET C 210 16.31 1.72 -10.06
N GLU C 211 15.46 1.79 -9.05
CA GLU C 211 14.24 2.58 -9.07
C GLU C 211 14.04 3.41 -7.82
N MET C 212 13.48 4.61 -8.02
CA MET C 212 13.09 5.51 -6.91
C MET C 212 11.88 6.35 -7.33
N SER C 213 11.19 6.95 -6.36
CA SER C 213 9.93 7.68 -6.70
C SER C 213 10.24 9.08 -7.24
N LYS C 214 9.28 9.58 -8.00
CA LYS C 214 9.32 10.96 -8.47
C LYS C 214 9.52 11.94 -7.32
N GLU C 215 8.87 11.66 -6.20
CA GLU C 215 8.94 12.50 -4.99
C GLU C 215 10.35 12.46 -4.37
N GLN C 216 10.94 11.26 -4.32
CA GLN C 216 12.34 11.14 -3.83
C GLN C 216 13.32 11.97 -4.69
N ILE C 217 13.15 11.91 -5.99
CA ILE C 217 14.01 12.69 -6.90
C ILE C 217 13.80 14.18 -6.68
N GLU C 218 12.53 14.59 -6.62
CA GLU C 218 12.19 16.03 -6.44
C GLU C 218 12.73 16.53 -5.13
N LYS C 219 12.65 15.72 -4.09
CA LYS C 219 13.15 16.18 -2.79
C LYS C 219 14.64 16.43 -2.81
N PHE C 220 15.37 15.50 -3.43
CA PHE C 220 16.81 15.65 -3.54
C PHE C 220 17.16 16.91 -4.33
N ARG C 221 16.52 17.08 -5.47
CA ARG C 221 16.78 18.26 -6.30
C ARG C 221 16.45 19.57 -5.59
N LYS C 222 15.36 19.57 -4.83
CA LYS C 222 14.94 20.77 -4.07
C LYS C 222 16.00 21.14 -3.06
N ILE C 223 16.44 20.18 -2.26
CA ILE C 223 17.48 20.47 -1.26
C ILE C 223 18.78 20.92 -1.89
N MET C 224 19.17 20.29 -3.00
CA MET C 224 20.41 20.69 -3.69
C MET C 224 20.29 22.06 -4.39
N GLY C 225 19.08 22.39 -4.82
CA GLY C 225 18.80 23.71 -5.40
C GLY C 225 18.98 23.75 -6.89
N GLY C 226 19.16 22.60 -7.51
CA GLY C 226 19.42 22.54 -8.92
C GLY C 226 20.19 21.29 -9.33
N ASP C 227 20.63 21.28 -10.59
CA ASP C 227 21.33 20.15 -11.18
C ASP C 227 22.65 19.94 -10.49
N THR C 228 23.00 18.67 -10.24
CA THR C 228 24.31 18.37 -9.60
C THR C 228 25.17 17.39 -10.48
N ASN C 229 25.08 17.52 -11.81
CA ASN C 229 25.91 16.70 -12.75
C ASN C 229 26.99 17.49 -13.49
N ARG C 230 28.21 16.97 -13.53
CA ARG C 230 29.22 17.46 -14.47
C ARG C 230 28.86 17.11 -15.88
N PRO C 231 29.03 18.05 -16.86
CA PRO C 231 28.73 17.62 -18.22
C PRO C 231 29.62 16.44 -18.66
N VAL C 232 29.11 15.66 -19.62
CA VAL C 232 29.87 14.55 -20.15
C VAL C 232 31.09 15.07 -20.84
N GLN C 233 32.16 14.29 -20.72
CA GLN C 233 33.47 14.61 -21.27
C GLN C 233 33.82 13.68 -22.42
N PRO C 234 34.67 14.13 -23.36
CA PRO C 234 34.97 13.32 -24.52
C PRO C 234 35.70 12.00 -24.16
N LEU C 235 35.23 10.99 -24.85
CA LEU C 235 35.80 9.65 -24.69
C LEU C 235 37.20 9.65 -25.24
N ASN C 236 37.36 10.35 -26.37
CA ASN C 236 38.65 10.43 -27.04
C ASN C 236 39.09 9.02 -27.43
N ALA C 237 40.31 8.65 -27.10
CA ALA C 237 40.84 7.33 -27.41
C ALA C 237 40.09 6.18 -26.75
N ARG C 238 39.62 6.35 -25.51
CA ARG C 238 38.99 5.29 -24.77
C ARG C 238 37.87 4.57 -25.48
N MET C 239 37.73 3.28 -25.09
CA MET C 239 36.51 2.50 -25.36
C MET C 239 35.88 2.14 -24.03
N ILE C 240 34.61 1.88 -24.03
CA ILE C 240 33.96 1.44 -22.81
C ILE C 240 33.76 -0.10 -23.02
N MET C 241 34.16 -0.87 -22.05
CA MET C 241 34.04 -2.33 -22.14
C MET C 241 32.74 -2.71 -21.42
N GLU C 242 32.06 -3.69 -21.99
CA GLU C 242 30.88 -4.23 -21.40
C GLU C 242 30.97 -5.70 -21.12
N LYS C 243 30.71 -6.07 -19.87
CA LYS C 243 30.68 -7.49 -19.47
C LYS C 243 29.61 -8.43 -20.12
N GLY D 22 -8.80 25.74 -11.68
CA GLY D 22 -8.01 24.58 -11.19
C GLY D 22 -7.00 23.95 -12.14
N TRP D 23 -6.97 24.35 -13.41
CA TRP D 23 -6.08 23.72 -14.39
C TRP D 23 -4.64 24.12 -14.21
N SER D 24 -3.71 23.24 -14.58
CA SER D 24 -2.33 23.66 -14.56
C SER D 24 -1.54 23.03 -15.70
N TYR D 25 -0.28 23.39 -15.79
CA TYR D 25 0.64 22.79 -16.71
C TYR D 25 1.30 21.48 -16.27
N HIS D 26 1.05 21.06 -15.03
CA HIS D 26 1.78 19.94 -14.37
C HIS D 26 0.83 19.11 -13.50
N GLY D 27 1.16 17.83 -13.36
CA GLY D 27 0.52 16.99 -12.37
C GLY D 27 -0.89 16.60 -12.70
N GLU D 28 -1.72 16.52 -11.67
CA GLU D 28 -3.00 15.81 -11.76
C GLU D 28 -4.07 16.67 -12.46
N HIS D 29 -3.85 17.98 -12.44
CA HIS D 29 -4.72 18.97 -13.09
C HIS D 29 -4.08 19.49 -14.42
N GLY D 30 -3.09 18.73 -14.88
CA GLY D 30 -2.25 19.07 -16.04
C GLY D 30 -2.95 18.78 -17.38
N PRO D 31 -2.24 19.10 -18.49
CA PRO D 31 -2.89 19.20 -19.82
C PRO D 31 -3.62 17.95 -20.26
N GLU D 32 -3.06 16.77 -19.99
CA GLU D 32 -3.75 15.51 -20.33
C GLU D 32 -5.12 15.32 -19.63
N HIS D 33 -5.40 16.11 -18.60
CA HIS D 33 -6.58 15.93 -17.73
C HIS D 33 -7.52 17.08 -17.77
N TRP D 34 -7.15 18.14 -18.50
CA TRP D 34 -7.95 19.36 -18.54
C TRP D 34 -9.37 19.10 -18.88
N GLY D 35 -9.58 18.16 -19.79
CA GLY D 35 -10.93 17.83 -20.24
C GLY D 35 -11.85 17.14 -19.24
N ASP D 36 -11.26 16.56 -18.21
CA ASP D 36 -12.00 15.96 -17.10
C ASP D 36 -12.29 16.96 -15.94
N LEU D 37 -11.70 18.17 -15.97
CA LEU D 37 -11.85 19.14 -14.87
C LEU D 37 -13.22 19.78 -14.78
N LYS D 38 -13.85 20.05 -15.90
CA LYS D 38 -15.18 20.73 -15.94
C LYS D 38 -15.85 20.40 -17.25
N ASP D 39 -17.19 20.50 -17.26
CA ASP D 39 -17.98 20.27 -18.46
C ASP D 39 -17.67 21.30 -19.56
N GLU D 40 -17.37 22.53 -19.14
CA GLU D 40 -17.06 23.63 -20.06
C GLU D 40 -15.75 23.38 -20.82
N TYR D 41 -14.93 22.44 -20.36
CA TYR D 41 -13.63 22.13 -20.97
C TYR D 41 -13.70 20.92 -21.92
N ILE D 42 -14.91 20.55 -22.32
CA ILE D 42 -15.10 19.37 -23.14
C ILE D 42 -14.21 19.33 -24.42
N MET D 43 -13.93 20.47 -25.01
CA MET D 43 -13.15 20.53 -26.23
C MET D 43 -11.76 19.99 -26.04
N CYS D 44 -11.19 20.18 -24.86
CA CYS D 44 -9.85 19.70 -24.60
C CYS D 44 -9.85 18.21 -24.80
N LYS D 45 -10.91 17.56 -24.41
CA LYS D 45 -11.06 16.13 -24.55
C LYS D 45 -11.46 15.58 -25.92
N ILE D 46 -12.48 16.15 -26.52
CA ILE D 46 -12.99 15.69 -27.79
C ILE D 46 -12.67 16.47 -29.04
N GLY D 47 -11.99 17.59 -28.91
CA GLY D 47 -11.67 18.40 -30.06
C GLY D 47 -10.73 17.77 -31.04
N LYS D 48 -11.00 18.00 -32.31
CA LYS D 48 -10.18 17.50 -33.41
C LYS D 48 -9.42 18.62 -34.10
N ASN D 49 -9.60 19.84 -33.68
CA ASN D 49 -8.92 20.97 -34.28
C ASN D 49 -8.31 21.83 -33.20
N GLN D 50 -7.49 21.21 -32.38
CA GLN D 50 -6.84 21.82 -31.24
C GLN D 50 -5.49 22.40 -31.50
N SER D 51 -5.07 23.30 -30.64
CA SER D 51 -3.78 23.95 -30.70
C SER D 51 -3.06 23.76 -29.37
N PRO D 52 -1.74 23.82 -29.36
CA PRO D 52 -0.92 24.06 -30.53
C PRO D 52 -0.63 22.79 -31.34
N VAL D 53 0.16 22.92 -32.39
CA VAL D 53 0.49 21.80 -33.23
C VAL D 53 1.92 21.84 -33.67
N ASP D 54 2.41 20.72 -34.17
CA ASP D 54 3.71 20.64 -34.72
C ASP D 54 3.45 20.95 -36.17
N ILE D 55 4.09 21.99 -36.66
CA ILE D 55 3.94 22.46 -38.01
C ILE D 55 4.77 21.58 -38.90
N ASN D 56 4.20 20.56 -39.29
CA ASN D 56 4.88 19.59 -40.11
C ASN D 56 4.14 19.06 -41.33
N ARG D 57 3.01 19.59 -41.68
CA ARG D 57 2.39 19.33 -42.93
C ARG D 57 2.02 20.66 -43.46
N ILE D 58 2.86 21.18 -44.32
CA ILE D 58 2.72 22.51 -44.87
C ILE D 58 2.48 22.57 -46.37
N VAL D 59 1.66 23.49 -46.79
CA VAL D 59 1.38 23.69 -48.17
C VAL D 59 1.49 25.14 -48.55
N ASP D 60 2.11 25.41 -49.68
CA ASP D 60 2.22 26.75 -50.15
C ASP D 60 0.82 27.22 -50.46
N ALA D 61 0.47 28.42 -50.07
CA ALA D 61 -0.82 28.97 -50.38
C ALA D 61 -0.70 30.42 -50.69
N LYS D 62 -1.58 30.92 -51.55
CA LYS D 62 -1.61 32.31 -51.96
C LYS D 62 -2.38 33.15 -50.95
N LEU D 63 -1.83 33.25 -49.76
CA LEU D 63 -2.47 34.01 -48.71
C LEU D 63 -2.16 35.49 -48.82
N LYS D 64 -3.07 36.32 -48.35
CA LYS D 64 -2.87 37.78 -48.37
C LYS D 64 -2.05 38.24 -47.16
N PRO D 65 -1.32 39.36 -47.28
CA PRO D 65 -0.66 39.90 -46.11
C PRO D 65 -1.70 40.24 -45.07
N ILE D 66 -1.38 40.01 -43.83
CA ILE D 66 -2.25 40.45 -42.73
C ILE D 66 -2.00 41.92 -42.44
N LYS D 67 -3.05 42.70 -42.43
CA LYS D 67 -2.94 44.13 -42.17
C LYS D 67 -2.81 44.32 -40.67
N ILE D 68 -1.75 44.97 -40.23
CA ILE D 68 -1.49 45.15 -38.79
C ILE D 68 -1.45 46.63 -38.48
N GLU D 69 -2.51 47.10 -37.83
CA GLU D 69 -2.72 48.48 -37.48
C GLU D 69 -2.67 48.66 -35.95
N TYR D 70 -1.46 48.64 -35.44
CA TYR D 70 -1.22 48.81 -34.01
C TYR D 70 -0.74 50.23 -33.70
N ARG D 71 -1.11 50.71 -32.52
CA ARG D 71 -0.62 51.96 -31.91
C ARG D 71 0.13 51.52 -30.66
N ALA D 72 0.93 52.42 -30.07
CA ALA D 72 1.47 52.15 -28.74
C ALA D 72 0.29 52.09 -27.76
N GLY D 73 0.08 50.92 -27.26
CA GLY D 73 -1.03 50.72 -26.36
C GLY D 73 -0.96 49.77 -25.19
N ALA D 74 0.12 49.20 -24.84
CA ALA D 74 0.26 48.27 -23.70
C ALA D 74 0.24 49.10 -22.43
N THR D 75 -0.63 48.74 -21.49
CA THR D 75 -0.86 49.52 -20.28
C THR D 75 -0.48 48.84 -18.97
N LYS D 76 -0.78 47.56 -18.83
CA LYS D 76 -0.55 46.83 -17.58
C LYS D 76 0.11 45.50 -17.83
N VAL D 77 0.75 44.99 -16.80
CA VAL D 77 1.42 43.70 -16.86
C VAL D 77 0.96 42.91 -15.69
N LEU D 78 0.40 41.74 -15.96
CA LEU D 78 -0.16 40.87 -14.94
C LEU D 78 0.51 39.50 -14.92
N ASN D 79 0.75 38.99 -13.71
CA ASN D 79 1.15 37.62 -13.51
C ASN D 79 -0.07 36.92 -13.01
N ASN D 80 -0.62 36.01 -13.82
CA ASN D 80 -1.83 35.27 -13.41
C ASN D 80 -1.49 33.83 -12.98
N GLY D 81 -0.21 33.55 -12.79
CA GLY D 81 0.27 32.26 -12.36
C GLY D 81 0.49 31.32 -13.54
N HIS D 82 -0.09 31.62 -14.70
CA HIS D 82 0.04 30.77 -15.92
C HIS D 82 0.94 31.38 -16.96
N THR D 83 1.03 32.70 -16.92
CA THR D 83 1.82 33.45 -17.83
C THR D 83 1.99 34.86 -17.28
N ILE D 84 2.71 35.66 -18.05
CA ILE D 84 2.78 37.08 -17.88
C ILE D 84 1.97 37.64 -19.02
N LYS D 85 0.95 38.42 -18.68
CA LYS D 85 0.04 38.94 -19.63
C LYS D 85 0.02 40.45 -19.63
N VAL D 86 0.15 41.00 -20.82
CA VAL D 86 0.14 42.45 -21.02
C VAL D 86 -1.14 42.92 -21.68
N SER D 87 -1.92 43.71 -20.96
CA SER D 87 -3.18 44.26 -21.48
C SER D 87 -2.94 45.41 -22.43
N TYR D 88 -3.85 45.57 -23.36
CA TYR D 88 -3.70 46.53 -24.42
C TYR D 88 -4.97 47.34 -24.43
N GLU D 89 -4.83 48.64 -24.64
CA GLU D 89 -6.03 49.47 -24.65
C GLU D 89 -6.64 49.42 -26.05
N PRO D 90 -7.94 49.73 -26.16
CA PRO D 90 -8.61 49.62 -27.43
C PRO D 90 -8.05 50.51 -28.49
N GLY D 91 -8.28 50.13 -29.74
CA GLY D 91 -7.85 50.91 -30.89
C GLY D 91 -6.82 50.28 -31.80
N SER D 92 -6.22 49.14 -31.43
CA SER D 92 -5.22 48.51 -32.24
C SER D 92 -5.87 47.23 -32.80
N TYR D 93 -5.65 46.95 -34.08
CA TYR D 93 -6.32 45.79 -34.72
C TYR D 93 -5.54 45.20 -35.86
N ILE D 94 -5.97 43.99 -36.23
CA ILE D 94 -5.51 43.34 -37.44
C ILE D 94 -6.74 43.03 -38.31
N VAL D 95 -6.46 42.78 -39.58
CA VAL D 95 -7.50 42.41 -40.55
C VAL D 95 -7.19 41.05 -41.11
N VAL D 96 -8.15 40.12 -40.91
CA VAL D 96 -8.06 38.78 -41.44
C VAL D 96 -9.41 38.46 -42.09
N ASP D 97 -9.36 37.93 -43.33
CA ASP D 97 -10.58 37.58 -44.10
C ASP D 97 -11.52 38.78 -44.18
N GLY D 98 -10.93 39.97 -44.26
CA GLY D 98 -11.69 41.20 -44.37
C GLY D 98 -12.40 41.60 -43.09
N ILE D 99 -12.08 40.95 -41.97
CA ILE D 99 -12.73 41.25 -40.71
C ILE D 99 -11.72 41.92 -39.72
N LYS D 100 -12.18 42.88 -38.92
CA LYS D 100 -11.33 43.57 -37.95
C LYS D 100 -11.30 42.81 -36.64
N PHE D 101 -10.11 42.45 -36.21
CA PHE D 101 -9.92 41.79 -34.90
C PHE D 101 -9.07 42.71 -34.04
N GLU D 102 -9.67 43.18 -32.96
CA GLU D 102 -9.01 44.10 -32.05
C GLU D 102 -8.06 43.40 -31.08
N LEU D 103 -6.84 43.94 -30.98
CA LEU D 103 -5.87 43.42 -30.02
C LEU D 103 -6.37 43.68 -28.61
N LYS D 104 -6.45 42.61 -27.81
CA LYS D 104 -6.81 42.68 -26.40
C LYS D 104 -5.61 42.56 -25.46
N GLN D 105 -4.68 41.69 -25.78
CA GLN D 105 -3.57 41.40 -24.87
C GLN D 105 -2.55 40.59 -25.59
N PHE D 106 -1.38 40.52 -25.00
CA PHE D 106 -0.38 39.54 -25.37
C PHE D 106 0.27 38.88 -24.20
N HIS D 107 0.76 37.68 -24.39
CA HIS D 107 1.30 36.91 -23.27
C HIS D 107 2.31 35.93 -23.80
N PHE D 108 2.90 35.12 -22.91
CA PHE D 108 4.08 34.30 -23.28
C PHE D 108 4.07 32.87 -22.77
N HIS D 109 4.86 32.04 -23.43
CA HIS D 109 5.03 30.65 -23.09
C HIS D 109 6.46 30.21 -23.27
N ALA D 110 6.89 29.27 -22.45
CA ALA D 110 8.24 28.70 -22.55
C ALA D 110 8.24 27.27 -22.13
N PRO D 111 8.72 26.33 -22.95
CA PRO D 111 9.20 26.56 -24.30
C PRO D 111 7.97 26.84 -25.24
N SER D 112 8.24 26.97 -26.53
CA SER D 112 7.20 27.28 -27.52
C SER D 112 6.10 26.28 -27.44
N GLU D 113 4.89 26.77 -27.71
CA GLU D 113 3.75 25.87 -27.84
C GLU D 113 3.80 25.13 -29.16
N HIS D 114 3.87 25.89 -30.23
CA HIS D 114 4.01 25.30 -31.54
C HIS D 114 5.40 24.76 -31.73
N LYS D 115 5.49 23.67 -32.45
CA LYS D 115 6.76 23.19 -32.92
C LYS D 115 6.86 23.43 -34.43
N LEU D 116 8.08 23.45 -34.94
CA LEU D 116 8.32 23.58 -36.38
C LEU D 116 9.15 22.41 -36.84
N LYS D 117 8.56 21.58 -37.69
CA LYS D 117 9.13 20.32 -38.12
C LYS D 117 9.72 19.44 -36.99
N GLY D 118 8.95 19.26 -35.93
CA GLY D 118 9.37 18.48 -34.79
C GLY D 118 10.27 19.17 -33.76
N GLN D 119 10.57 20.44 -33.93
CA GLN D 119 11.48 21.11 -32.99
C GLN D 119 10.81 22.29 -32.31
N HIS D 120 11.07 22.47 -31.02
CA HIS D 120 10.64 23.66 -30.25
C HIS D 120 11.54 24.83 -30.47
N TYR D 121 11.01 26.02 -30.25
CA TYR D 121 11.78 27.21 -29.97
C TYR D 121 11.75 27.35 -28.42
N PRO D 122 12.64 28.19 -27.84
CA PRO D 122 12.64 28.23 -26.34
C PRO D 122 11.54 29.10 -25.81
N PHE D 123 10.94 29.90 -26.68
CA PHE D 123 9.95 30.85 -26.22
C PHE D 123 8.94 31.19 -27.34
N GLU D 124 7.72 31.59 -26.94
CA GLU D 124 6.65 31.98 -27.90
C GLU D 124 5.76 33.04 -27.30
N ALA D 125 5.48 34.08 -28.09
CA ALA D 125 4.53 35.09 -27.71
C ALA D 125 3.20 34.95 -28.49
N HIS D 126 2.11 35.19 -27.82
CA HIS D 126 0.77 35.15 -28.40
C HIS D 126 0.12 36.53 -28.27
N PHE D 127 -0.33 37.07 -29.40
CA PHE D 127 -1.03 38.32 -29.44
C PHE D 127 -2.48 37.97 -29.75
N VAL D 128 -3.36 38.22 -28.80
CA VAL D 128 -4.75 37.84 -28.88
C VAL D 128 -5.69 38.94 -29.31
N HIS D 129 -6.49 38.65 -30.33
CA HIS D 129 -7.43 39.61 -30.88
C HIS D 129 -8.81 39.02 -30.96
N ALA D 130 -9.80 39.88 -30.93
CA ALA D 130 -11.16 39.44 -31.03
C ALA D 130 -11.97 40.39 -31.84
N ASP D 131 -12.87 39.86 -32.62
CA ASP D 131 -13.72 40.66 -33.46
C ASP D 131 -14.97 41.04 -32.68
N LYS D 132 -15.90 41.74 -33.30
CA LYS D 132 -17.10 42.18 -32.62
C LYS D 132 -17.99 41.09 -32.04
N HIS D 133 -17.96 39.92 -32.64
CA HIS D 133 -18.76 38.81 -32.16
C HIS D 133 -17.99 37.91 -31.25
N GLY D 134 -16.78 38.31 -30.91
CA GLY D 134 -15.96 37.51 -30.05
C GLY D 134 -15.15 36.42 -30.68
N ASN D 135 -15.09 36.37 -32.01
CA ASN D 135 -14.29 35.37 -32.69
C ASN D 135 -12.86 35.74 -32.49
N LEU D 136 -12.00 34.78 -32.25
CA LEU D 136 -10.61 35.09 -32.00
C LEU D 136 -9.58 34.80 -33.08
N ALA D 137 -8.60 35.65 -33.15
CA ALA D 137 -7.49 35.50 -34.04
C ALA D 137 -6.24 35.74 -33.22
N VAL D 138 -5.30 34.83 -33.30
CA VAL D 138 -4.08 34.95 -32.56
C VAL D 138 -2.85 34.87 -33.45
N ILE D 139 -1.97 35.83 -33.26
CA ILE D 139 -0.64 35.84 -33.85
C ILE D 139 0.36 35.26 -32.87
N GLY D 140 1.05 34.24 -33.34
CA GLY D 140 2.07 33.58 -32.59
C GLY D 140 3.42 33.98 -33.16
N VAL D 141 4.37 34.30 -32.27
CA VAL D 141 5.72 34.69 -32.66
C VAL D 141 6.71 33.82 -31.89
N PHE D 142 7.54 33.10 -32.61
CA PHE D 142 8.63 32.35 -32.05
C PHE D 142 9.80 33.28 -31.66
N PHE D 143 10.44 32.96 -30.53
CA PHE D 143 11.68 33.70 -30.08
C PHE D 143 12.77 32.68 -29.92
N LYS D 144 13.92 32.96 -30.54
CA LYS D 144 15.10 32.13 -30.31
C LYS D 144 16.04 32.84 -29.32
N GLU D 145 16.99 32.07 -28.81
CA GLU D 145 18.02 32.61 -27.88
C GLU D 145 19.01 33.44 -28.67
N GLY D 146 19.17 34.70 -28.31
CA GLY D 146 20.11 35.57 -29.05
C GLY D 146 20.37 36.84 -28.29
N ARG D 147 20.28 37.97 -28.99
CA ARG D 147 20.40 39.29 -28.36
C ARG D 147 19.28 39.54 -27.41
N GLU D 148 19.59 40.22 -26.32
CA GLU D 148 18.58 40.83 -25.46
C GLU D 148 17.55 41.54 -26.29
N ASN D 149 16.29 41.27 -25.99
CA ASN D 149 15.21 42.01 -26.64
C ASN D 149 14.89 43.28 -25.85
N PRO D 150 14.99 44.46 -26.48
CA PRO D 150 14.76 45.72 -25.76
C PRO D 150 13.35 46.02 -25.35
N ILE D 151 12.38 45.51 -26.09
CA ILE D 151 10.98 45.74 -25.71
C ILE D 151 10.61 44.82 -24.55
N LEU D 152 11.02 43.55 -24.64
CA LEU D 152 10.79 42.63 -23.54
C LEU D 152 11.52 43.10 -22.27
N GLU D 153 12.68 43.75 -22.43
CA GLU D 153 13.36 44.29 -21.26
C GLU D 153 12.52 45.30 -20.48
N LYS D 154 11.74 46.12 -21.17
CA LYS D 154 10.86 47.08 -20.48
C LYS D 154 9.80 46.38 -19.66
N ILE D 155 9.31 45.26 -20.14
CA ILE D 155 8.29 44.52 -19.41
C ILE D 155 8.95 43.71 -18.28
N TRP D 156 10.05 43.06 -18.61
CA TRP D 156 10.73 42.10 -17.72
C TRP D 156 11.20 42.83 -16.45
N LYS D 157 11.64 44.08 -16.62
CA LYS D 157 12.06 44.96 -15.51
C LYS D 157 11.04 45.08 -14.41
N VAL D 158 9.77 45.03 -14.78
CA VAL D 158 8.66 45.31 -13.92
C VAL D 158 7.75 44.08 -13.76
N MET D 159 8.22 42.93 -14.22
CA MET D 159 7.44 41.71 -14.22
C MET D 159 6.99 41.33 -12.83
N PRO D 160 5.69 41.28 -12.55
CA PRO D 160 5.34 40.83 -11.20
C PRO D 160 5.74 39.37 -10.93
N GLU D 161 6.23 39.10 -9.71
CA GLU D 161 6.79 37.79 -9.39
C GLU D 161 5.81 36.83 -8.78
N ASN D 162 4.63 37.29 -8.39
CA ASN D 162 3.61 36.37 -7.84
C ASN D 162 2.30 36.45 -8.55
N ALA D 163 1.62 35.31 -8.54
CA ALA D 163 0.32 35.19 -9.16
C ALA D 163 -0.64 36.17 -8.54
N GLY D 164 -1.42 36.83 -9.36
CA GLY D 164 -2.40 37.81 -8.90
C GLY D 164 -1.91 39.24 -8.87
N GLU D 165 -0.63 39.46 -9.08
CA GLU D 165 -0.08 40.83 -9.04
C GLU D 165 -0.04 41.46 -10.43
N GLU D 166 -0.45 42.72 -10.48
CA GLU D 166 -0.51 43.49 -11.71
C GLU D 166 0.14 44.86 -11.53
N VAL D 167 0.84 45.32 -12.55
CA VAL D 167 1.58 46.59 -12.47
C VAL D 167 1.27 47.39 -13.71
N LYS D 168 1.07 48.69 -13.52
CA LYS D 168 0.91 49.63 -14.62
C LYS D 168 2.27 50.01 -15.22
N LEU D 169 2.33 50.04 -16.55
CA LEU D 169 3.58 50.36 -17.23
C LEU D 169 3.77 51.86 -17.16
N ALA D 170 5.02 52.28 -16.96
CA ALA D 170 5.39 53.71 -16.93
C ALA D 170 5.07 54.35 -18.28
N HIS D 171 5.52 53.70 -19.36
CA HIS D 171 5.30 54.15 -20.75
C HIS D 171 4.61 53.07 -21.60
N LYS D 172 3.72 53.50 -22.49
CA LYS D 172 3.00 52.55 -23.35
C LYS D 172 3.94 51.94 -24.38
N ILE D 173 3.84 50.63 -24.52
CA ILE D 173 4.66 49.87 -25.44
C ILE D 173 3.82 49.62 -26.67
N ASN D 174 4.47 49.60 -27.83
CA ASN D 174 3.82 49.22 -29.09
C ASN D 174 4.15 47.77 -29.38
N ALA D 175 3.13 46.95 -29.38
CA ALA D 175 3.30 45.52 -29.64
C ALA D 175 3.90 45.24 -31.01
N GLU D 176 3.73 46.17 -31.94
CA GLU D 176 4.26 45.99 -33.30
C GLU D 176 5.78 45.80 -33.31
N ASP D 177 6.45 46.36 -32.32
CA ASP D 177 7.91 46.18 -32.19
C ASP D 177 8.32 44.76 -31.81
N LEU D 178 7.38 43.97 -31.31
CA LEU D 178 7.67 42.56 -31.02
C LEU D 178 7.38 41.64 -32.21
N LEU D 179 6.90 42.20 -33.32
CA LEU D 179 6.62 41.39 -34.52
C LEU D 179 7.73 41.50 -35.51
N PRO D 180 8.01 40.41 -36.26
CA PRO D 180 9.06 40.55 -37.27
C PRO D 180 8.67 41.49 -38.39
N LYS D 181 9.68 42.03 -39.08
CA LYS D 181 9.47 42.92 -40.24
C LYS D 181 8.99 42.08 -41.43
N ASP D 182 9.54 40.89 -41.57
CA ASP D 182 9.10 39.95 -42.61
C ASP D 182 7.82 39.33 -42.07
N ARG D 183 6.74 39.48 -42.81
CA ARG D 183 5.44 39.04 -42.31
C ARG D 183 4.78 37.87 -42.96
N ASP D 184 5.59 37.02 -43.53
CA ASP D 184 5.14 35.73 -44.00
C ASP D 184 4.70 34.93 -42.78
N TYR D 185 3.72 34.08 -42.96
CA TYR D 185 3.11 33.36 -41.87
C TYR D 185 2.55 32.05 -42.28
N TYR D 186 2.36 31.18 -41.26
CA TYR D 186 1.68 29.95 -41.35
C TYR D 186 0.25 30.22 -40.84
N ARG D 187 -0.75 29.60 -41.47
CA ARG D 187 -2.16 29.79 -41.02
C ARG D 187 -2.86 28.48 -40.92
N TYR D 188 -3.65 28.35 -39.85
CA TYR D 188 -4.49 27.21 -39.70
C TYR D 188 -5.64 27.54 -38.74
N SER D 189 -6.62 26.65 -38.74
CA SER D 189 -7.81 26.74 -37.91
C SER D 189 -7.57 25.84 -36.67
N GLY D 190 -7.65 26.47 -35.51
CA GLY D 190 -7.31 25.82 -34.28
C GLY D 190 -8.13 26.28 -33.09
N SER D 191 -7.45 26.33 -31.92
CA SER D 191 -8.12 26.50 -30.63
C SER D 191 -7.30 27.42 -29.72
N LEU D 192 -7.94 27.86 -28.68
CA LEU D 192 -7.21 28.37 -27.50
C LEU D 192 -6.32 27.25 -26.95
N THR D 193 -5.14 27.61 -26.49
CA THR D 193 -4.21 26.61 -25.91
C THR D 193 -4.35 26.41 -24.38
N THR D 194 -5.29 27.13 -23.78
CA THR D 194 -5.63 26.97 -22.36
C THR D 194 -7.12 26.76 -22.23
N PRO D 195 -7.59 26.04 -21.19
CA PRO D 195 -9.03 25.76 -21.04
C PRO D 195 -9.81 27.05 -21.12
N PRO D 196 -10.95 27.09 -21.79
CA PRO D 196 -11.69 25.94 -22.28
C PRO D 196 -11.28 25.39 -23.69
N CYS D 197 -10.19 25.90 -24.26
CA CYS D 197 -9.63 25.35 -25.51
C CYS D 197 -10.66 25.41 -26.65
N SER D 198 -11.37 26.52 -26.70
CA SER D 198 -12.48 26.73 -27.64
C SER D 198 -11.91 26.75 -29.05
N GLU D 199 -12.61 26.12 -29.97
CA GLU D 199 -12.21 26.05 -31.38
C GLU D 199 -12.73 27.23 -32.17
N GLY D 200 -12.45 27.28 -33.46
CA GLY D 200 -12.86 28.43 -34.24
C GLY D 200 -11.88 29.56 -34.18
N VAL D 201 -10.64 29.28 -33.80
CA VAL D 201 -9.65 30.28 -33.65
C VAL D 201 -8.76 30.31 -34.87
N ARG D 202 -8.61 31.50 -35.41
CA ARG D 202 -7.68 31.72 -36.49
C ARG D 202 -6.25 31.86 -35.93
N TRP D 203 -5.40 30.95 -36.33
CA TRP D 203 -3.93 31.05 -35.94
C TRP D 203 -3.13 31.60 -37.12
N ILE D 204 -2.35 32.58 -36.82
CA ILE D 204 -1.39 33.17 -37.68
C ILE D 204 -0.03 33.05 -36.97
N VAL D 205 0.83 32.13 -37.42
CA VAL D 205 2.13 31.91 -36.79
C VAL D 205 3.17 32.50 -37.70
N MET D 206 3.87 33.53 -37.23
CA MET D 206 4.92 34.20 -38.03
C MET D 206 6.08 33.26 -38.37
N GLU D 207 6.48 33.27 -39.64
CA GLU D 207 7.55 32.35 -40.13
C GLU D 207 8.91 32.80 -39.54
N GLU D 208 9.09 34.10 -39.41
CA GLU D 208 10.32 34.66 -38.95
C GLU D 208 10.32 34.78 -37.41
N GLU D 209 11.37 34.19 -36.83
CA GLU D 209 11.59 34.22 -35.38
C GLU D 209 12.17 35.57 -34.93
N MET D 210 11.78 36.00 -33.73
CA MET D 210 12.39 37.12 -33.06
C MET D 210 13.47 36.56 -32.12
N GLU D 211 14.09 37.45 -31.36
CA GLU D 211 15.23 37.10 -30.51
C GLU D 211 15.10 37.66 -29.14
N MET D 212 15.57 36.88 -28.18
CA MET D 212 15.70 37.39 -26.78
C MET D 212 16.93 36.73 -26.09
N SER D 213 17.38 37.29 -24.97
CA SER D 213 18.56 36.73 -24.30
C SER D 213 18.27 35.45 -23.52
N LYS D 214 19.32 34.66 -23.36
CA LYS D 214 19.27 33.50 -22.45
C LYS D 214 18.73 33.91 -21.04
N GLU D 215 19.17 35.06 -20.56
CA GLU D 215 18.80 35.56 -19.23
C GLU D 215 17.30 35.88 -19.20
N GLN D 216 16.80 36.52 -20.26
CA GLN D 216 15.36 36.84 -20.36
C GLN D 216 14.50 35.57 -20.30
N ILE D 217 14.92 34.56 -21.00
CA ILE D 217 14.23 33.29 -21.00
C ILE D 217 14.28 32.63 -19.62
N GLU D 218 15.48 32.59 -19.02
CA GLU D 218 15.67 32.00 -17.67
C GLU D 218 14.87 32.76 -16.63
N LYS D 219 14.85 34.08 -16.71
CA LYS D 219 14.03 34.82 -15.79
C LYS D 219 12.52 34.46 -15.85
N PHE D 220 11.99 34.40 -17.07
CA PHE D 220 10.58 34.11 -17.24
C PHE D 220 10.31 32.72 -16.69
N ARG D 221 11.13 31.76 -17.04
CA ARG D 221 10.92 30.39 -16.57
C ARG D 221 11.00 30.29 -15.05
N LYS D 222 11.93 31.03 -14.47
CA LYS D 222 12.08 31.03 -13.00
C LYS D 222 10.81 31.55 -12.35
N ILE D 223 10.31 32.68 -12.81
CA ILE D 223 9.09 33.25 -12.22
C ILE D 223 7.91 32.33 -12.40
N MET D 224 7.80 31.71 -13.57
CA MET D 224 6.67 30.81 -13.81
C MET D 224 6.81 29.52 -13.02
N GLY D 225 8.04 29.08 -12.78
CA GLY D 225 8.28 27.92 -11.93
C GLY D 225 8.33 26.63 -12.71
N GLY D 226 8.34 26.73 -14.03
CA GLY D 226 8.41 25.56 -14.88
C GLY D 226 7.86 25.83 -16.28
N ASP D 227 7.73 24.76 -17.04
CA ASP D 227 7.26 24.84 -18.44
C ASP D 227 5.82 25.38 -18.48
N THR D 228 5.54 26.26 -19.43
CA THR D 228 4.18 26.80 -19.60
C THR D 228 3.58 26.52 -21.02
N ASN D 229 3.86 25.35 -21.59
CA ASN D 229 3.33 24.95 -22.91
C ASN D 229 2.38 23.81 -22.84
N ARG D 230 1.27 23.91 -23.55
CA ARG D 230 0.43 22.74 -23.76
C ARG D 230 1.15 21.79 -24.74
N PRO D 231 1.12 20.46 -24.49
CA PRO D 231 1.64 19.56 -25.55
C PRO D 231 0.94 19.76 -26.93
N VAL D 232 1.71 19.52 -28.00
CA VAL D 232 1.18 19.63 -29.36
C VAL D 232 0.08 18.61 -29.55
N GLN D 233 -0.92 19.00 -30.32
CA GLN D 233 -2.11 18.22 -30.58
C GLN D 233 -2.11 17.75 -32.01
N PRO D 234 -2.76 16.64 -32.28
CA PRO D 234 -2.71 16.09 -33.63
C PRO D 234 -3.37 17.05 -34.66
N LEU D 235 -2.78 17.06 -35.86
CA LEU D 235 -3.32 17.84 -36.93
C LEU D 235 -4.66 17.31 -37.38
N ASN D 236 -4.78 16.00 -37.41
CA ASN D 236 -5.98 15.35 -37.85
C ASN D 236 -6.25 15.67 -39.32
N ALA D 237 -7.40 16.22 -39.64
CA ALA D 237 -7.73 16.54 -41.02
C ALA D 237 -7.05 17.77 -41.60
N ARG D 238 -6.33 18.60 -40.77
CA ARG D 238 -5.81 19.91 -41.15
C ARG D 238 -4.51 19.87 -41.92
N MET D 239 -4.34 20.87 -42.75
CA MET D 239 -3.06 21.25 -43.34
C MET D 239 -2.72 22.60 -42.82
N ILE D 240 -1.45 22.90 -42.79
CA ILE D 240 -1.05 24.24 -42.38
C ILE D 240 -0.71 24.96 -43.70
N MET D 241 -1.22 26.17 -43.88
CA MET D 241 -0.94 26.92 -45.06
C MET D 241 0.21 27.87 -44.79
N GLU D 242 1.11 28.00 -45.78
CA GLU D 242 2.16 28.95 -45.74
C GLU D 242 2.13 30.00 -46.79
N LYS D 243 2.23 31.26 -46.37
CA LYS D 243 2.23 32.38 -47.32
C LYS D 243 3.49 32.49 -48.26
N GLY E 22 -0.49 30.79 27.23
CA GLY E 22 0.46 30.36 28.31
C GLY E 22 0.33 28.94 28.85
N TRP E 23 -0.73 28.21 28.50
CA TRP E 23 -0.98 26.90 29.10
C TRP E 23 -0.02 25.86 28.54
N SER E 24 0.29 24.86 29.32
CA SER E 24 1.08 23.76 28.77
C SER E 24 0.67 22.41 29.34
N TYR E 25 1.32 21.36 28.85
CA TYR E 25 1.08 20.01 29.36
C TYR E 25 1.90 19.63 30.58
N HIS E 26 2.80 20.52 30.99
CA HIS E 26 3.84 20.21 32.03
C HIS E 26 4.07 21.41 32.94
N GLY E 27 4.48 21.13 34.17
CA GLY E 27 5.00 22.16 35.06
C GLY E 27 3.97 23.10 35.62
N GLU E 28 4.35 24.36 35.74
CA GLU E 28 3.61 25.34 36.54
C GLU E 28 2.38 25.90 35.80
N HIS E 29 2.42 25.82 34.47
CA HIS E 29 1.28 26.21 33.60
C HIS E 29 0.54 24.95 33.04
N GLY E 30 0.79 23.82 33.71
CA GLY E 30 0.28 22.50 33.33
C GLY E 30 -1.19 22.29 33.71
N PRO E 31 -1.72 21.09 33.36
CA PRO E 31 -3.16 20.86 33.39
C PRO E 31 -3.85 21.12 34.72
N GLU E 32 -3.21 20.74 35.83
CA GLU E 32 -3.79 21.01 37.17
C GLU E 32 -3.92 22.51 37.51
N HIS E 33 -3.26 23.40 36.76
CA HIS E 33 -3.26 24.85 37.00
C HIS E 33 -3.97 25.64 35.95
N TRP E 34 -4.46 24.98 34.90
CA TRP E 34 -5.06 25.70 33.77
C TRP E 34 -6.14 26.67 34.21
N GLY E 35 -6.87 26.25 35.22
CA GLY E 35 -7.96 26.99 35.79
C GLY E 35 -7.53 28.33 36.35
N ASP E 36 -6.34 28.36 36.93
CA ASP E 36 -5.74 29.56 37.48
C ASP E 36 -5.23 30.53 36.43
N LEU E 37 -4.96 30.06 35.23
CA LEU E 37 -4.40 30.92 34.20
C LEU E 37 -5.15 32.10 33.66
N LYS E 38 -6.43 31.96 33.40
CA LYS E 38 -7.19 33.05 32.84
C LYS E 38 -8.61 32.91 33.26
N ASP E 39 -9.33 34.01 33.27
CA ASP E 39 -10.73 33.99 33.65
C ASP E 39 -11.49 33.16 32.65
N GLU E 40 -11.08 33.19 31.42
CA GLU E 40 -11.75 32.44 30.40
C GLU E 40 -11.73 30.95 30.69
N TYR E 41 -10.77 30.48 31.45
CA TYR E 41 -10.60 29.06 31.73
C TYR E 41 -11.32 28.53 32.95
N ILE E 42 -12.38 29.18 33.34
CA ILE E 42 -13.13 28.80 34.50
C ILE E 42 -13.69 27.39 34.49
N MET E 43 -14.09 26.88 33.34
CA MET E 43 -14.62 25.53 33.26
C MET E 43 -13.61 24.51 33.73
N CYS E 44 -12.35 24.76 33.47
CA CYS E 44 -11.33 23.85 33.92
C CYS E 44 -11.41 23.76 35.40
N LYS E 45 -11.64 24.89 36.04
CA LYS E 45 -11.79 24.95 37.47
C LYS E 45 -13.06 24.39 38.08
N ILE E 46 -14.19 24.71 37.49
CA ILE E 46 -15.46 24.31 38.03
C ILE E 46 -16.35 23.36 37.22
N GLY E 47 -15.91 23.00 36.02
CA GLY E 47 -16.68 22.13 35.16
C GLY E 47 -16.91 20.77 35.75
N LYS E 48 -18.09 20.23 35.53
CA LYS E 48 -18.44 18.91 36.01
C LYS E 48 -18.71 17.95 34.85
N ASN E 49 -18.50 18.41 33.65
CA ASN E 49 -18.69 17.60 32.48
C ASN E 49 -17.47 17.75 31.57
N GLN E 50 -16.31 17.56 32.15
CA GLN E 50 -15.03 17.68 31.48
C GLN E 50 -14.55 16.42 30.77
N SER E 51 -13.62 16.60 29.84
CA SER E 51 -13.02 15.57 29.04
C SER E 51 -11.53 15.79 29.13
N PRO E 52 -10.73 14.75 28.91
CA PRO E 52 -11.19 13.39 28.61
C PRO E 52 -11.58 12.61 29.84
N VAL E 53 -12.04 11.41 29.66
CA VAL E 53 -12.44 10.58 30.75
C VAL E 53 -11.97 9.14 30.57
N ASP E 54 -11.95 8.41 31.66
CA ASP E 54 -11.65 7.02 31.60
C ASP E 54 -13.03 6.41 31.33
N ILE E 55 -13.12 5.70 30.24
CA ILE E 55 -14.34 5.10 29.84
C ILE E 55 -14.54 3.80 30.61
N ASN E 56 -15.16 3.92 31.76
CA ASN E 56 -15.40 2.80 32.62
C ASN E 56 -16.78 2.62 33.24
N ARG E 57 -17.69 3.40 32.80
CA ARG E 57 -19.05 3.31 33.26
C ARG E 57 -19.88 3.41 31.99
N ILE E 58 -20.10 2.23 31.45
CA ILE E 58 -20.70 2.12 30.15
C ILE E 58 -22.01 1.40 30.11
N VAL E 59 -22.94 1.87 29.31
CA VAL E 59 -24.23 1.24 29.15
C VAL E 59 -24.57 1.01 27.68
N ASP E 60 -25.14 -0.13 27.34
CA ASP E 60 -25.53 -0.38 25.97
C ASP E 60 -26.67 0.59 25.67
N ALA E 61 -26.67 1.20 24.50
CA ALA E 61 -27.70 2.10 24.08
C ALA E 61 -27.98 1.92 22.62
N LYS E 62 -29.21 2.12 22.21
CA LYS E 62 -29.57 1.99 20.83
C LYS E 62 -29.26 3.27 20.08
N LEU E 63 -28.00 3.57 19.94
CA LEU E 63 -27.59 4.76 19.20
C LEU E 63 -27.60 4.52 17.68
N LYS E 64 -27.80 5.58 16.94
CA LYS E 64 -27.83 5.48 15.46
C LYS E 64 -26.44 5.57 14.90
N PRO E 65 -26.23 5.02 13.71
CA PRO E 65 -24.93 5.16 13.09
C PRO E 65 -24.68 6.66 12.79
N ILE E 66 -23.45 7.10 12.93
CA ILE E 66 -23.09 8.46 12.59
C ILE E 66 -22.82 8.49 11.09
N LYS E 67 -23.47 9.39 10.41
CA LYS E 67 -23.28 9.57 8.99
C LYS E 67 -22.01 10.36 8.80
N ILE E 68 -21.08 9.82 8.01
CA ILE E 68 -19.82 10.44 7.79
C ILE E 68 -19.63 10.70 6.30
N GLU E 69 -19.67 11.99 5.94
CA GLU E 69 -19.63 12.44 4.56
C GLU E 69 -18.41 13.29 4.34
N TYR E 70 -17.29 12.61 4.19
CA TYR E 70 -16.03 13.25 4.01
C TYR E 70 -15.57 13.12 2.56
N ARG E 71 -14.80 14.12 2.13
CA ARG E 71 -14.16 14.22 0.81
C ARG E 71 -12.72 14.35 1.12
N ALA E 72 -11.86 14.12 0.14
CA ALA E 72 -10.45 14.43 0.32
C ALA E 72 -10.33 15.97 0.51
N GLY E 73 -9.83 16.41 1.65
CA GLY E 73 -9.82 17.83 1.97
C GLY E 73 -8.75 18.38 2.90
N ALA E 74 -7.80 17.55 3.33
CA ALA E 74 -6.74 18.04 4.19
C ALA E 74 -5.77 18.83 3.36
N THR E 75 -5.48 20.04 3.80
CA THR E 75 -4.69 20.98 3.01
C THR E 75 -3.34 21.34 3.61
N LYS E 76 -3.29 21.58 4.92
CA LYS E 76 -2.11 22.09 5.58
C LYS E 76 -1.85 21.34 6.86
N VAL E 77 -0.61 21.39 7.30
CA VAL E 77 -0.16 20.73 8.51
C VAL E 77 0.58 21.75 9.29
N LEU E 78 0.12 22.00 10.51
CA LEU E 78 0.71 22.95 11.39
C LEU E 78 1.21 22.34 12.68
N ASN E 79 2.36 22.82 13.15
CA ASN E 79 2.86 22.48 14.48
C ASN E 79 2.62 23.71 15.29
N ASN E 80 1.73 23.62 16.27
CA ASN E 80 1.41 24.80 17.11
C ASN E 80 2.04 24.69 18.48
N GLY E 81 2.96 23.76 18.63
CA GLY E 81 3.66 23.58 19.87
C GLY E 81 2.92 22.68 20.85
N HIS E 82 1.62 22.48 20.65
CA HIS E 82 0.80 21.56 21.47
C HIS E 82 0.45 20.23 20.78
N THR E 83 0.42 20.28 19.47
CA THR E 83 0.06 19.17 18.66
C THR E 83 0.48 19.46 17.22
N ILE E 84 0.18 18.50 16.37
CA ILE E 84 0.25 18.62 14.94
C ILE E 84 -1.17 18.62 14.48
N LYS E 85 -1.53 19.68 13.81
CA LYS E 85 -2.87 19.90 13.40
C LYS E 85 -3.00 20.03 11.93
N VAL E 86 -3.92 19.26 11.39
CA VAL E 86 -4.20 19.24 9.97
C VAL E 86 -5.51 19.96 9.65
N SER E 87 -5.41 21.06 8.90
CA SER E 87 -6.60 21.82 8.52
C SER E 87 -7.31 21.10 7.43
N TYR E 88 -8.60 21.27 7.42
CA TYR E 88 -9.45 20.67 6.43
C TYR E 88 -10.23 21.74 5.70
N GLU E 89 -10.36 21.58 4.40
CA GLU E 89 -11.13 22.53 3.63
C GLU E 89 -12.59 22.22 3.81
N PRO E 90 -13.43 23.31 3.65
CA PRO E 90 -14.85 23.04 3.85
C PRO E 90 -15.53 22.08 2.91
N GLY E 91 -16.65 21.52 3.34
CA GLY E 91 -17.42 20.58 2.57
C GLY E 91 -17.51 19.14 3.06
N SER E 92 -16.83 18.82 4.15
CA SER E 92 -16.89 17.47 4.71
C SER E 92 -17.60 17.54 6.03
N TYR E 93 -18.51 16.64 6.29
CA TYR E 93 -19.28 16.69 7.51
C TYR E 93 -19.76 15.37 8.06
N ILE E 94 -20.28 15.42 9.27
CA ILE E 94 -20.88 14.30 9.94
C ILE E 94 -22.22 14.79 10.45
N VAL E 95 -23.15 13.88 10.67
CA VAL E 95 -24.45 14.22 11.20
C VAL E 95 -24.70 13.50 12.52
N VAL E 96 -25.01 14.27 13.55
CA VAL E 96 -25.31 13.74 14.84
C VAL E 96 -26.57 14.41 15.31
N ASP E 97 -27.52 13.65 15.82
CA ASP E 97 -28.76 14.23 16.28
C ASP E 97 -29.44 15.02 15.16
N GLY E 98 -29.25 14.57 13.94
CA GLY E 98 -29.82 15.21 12.78
C GLY E 98 -29.22 16.53 12.44
N ILE E 99 -28.10 16.88 13.05
CA ILE E 99 -27.45 18.13 12.83
C ILE E 99 -26.16 17.96 12.09
N LYS E 100 -25.87 18.86 11.18
CA LYS E 100 -24.68 18.78 10.40
C LYS E 100 -23.51 19.45 11.08
N PHE E 101 -22.40 18.73 11.27
CA PHE E 101 -21.24 19.33 11.87
C PHE E 101 -20.14 19.24 10.84
N GLU E 102 -19.56 20.35 10.47
CA GLU E 102 -18.52 20.37 9.48
C GLU E 102 -17.13 20.13 10.05
N LEU E 103 -16.39 19.23 9.43
CA LEU E 103 -15.06 18.96 9.86
C LEU E 103 -14.19 20.18 9.62
N LYS E 104 -13.47 20.60 10.64
CA LYS E 104 -12.60 21.73 10.55
C LYS E 104 -11.13 21.40 10.57
N GLN E 105 -10.77 20.42 11.34
CA GLN E 105 -9.37 20.03 11.51
C GLN E 105 -9.31 18.70 12.24
N PHE E 106 -8.15 18.05 12.10
CA PHE E 106 -7.79 16.95 12.99
C PHE E 106 -6.44 17.08 13.55
N HIS E 107 -6.22 16.54 14.73
CA HIS E 107 -4.96 16.68 15.38
C HIS E 107 -4.77 15.47 16.31
N PHE E 108 -3.65 15.43 17.01
CA PHE E 108 -3.19 14.22 17.68
C PHE E 108 -2.73 14.45 19.09
N HIS E 109 -2.77 13.36 19.85
CA HIS E 109 -2.25 13.32 21.19
C HIS E 109 -1.53 12.02 21.48
N ALA E 110 -0.55 12.08 22.37
CA ALA E 110 0.21 10.86 22.76
C ALA E 110 0.69 11.01 24.17
N PRO E 111 0.37 10.09 25.05
CA PRO E 111 -0.49 8.94 24.81
C PRO E 111 -1.97 9.40 24.71
N SER E 112 -2.86 8.42 24.58
CA SER E 112 -4.30 8.72 24.39
C SER E 112 -4.79 9.62 25.55
N GLU E 113 -5.72 10.50 25.20
CA GLU E 113 -6.43 11.32 26.21
C GLU E 113 -7.46 10.50 26.98
N HIS E 114 -8.37 9.86 26.24
CA HIS E 114 -9.28 8.94 26.86
C HIS E 114 -8.55 7.65 27.27
N LYS E 115 -9.02 7.06 28.33
CA LYS E 115 -8.66 5.71 28.68
C LYS E 115 -9.83 4.79 28.53
N LEU E 116 -9.55 3.52 28.40
CA LEU E 116 -10.61 2.50 28.20
C LEU E 116 -10.39 1.48 29.27
N LYS E 117 -11.33 1.43 30.19
CA LYS E 117 -11.24 0.61 31.40
C LYS E 117 -9.91 0.69 32.12
N GLY E 118 -9.48 1.92 32.35
CA GLY E 118 -8.27 2.15 33.09
C GLY E 118 -6.95 2.07 32.27
N GLN E 119 -7.01 1.82 30.97
CA GLN E 119 -5.80 1.67 30.19
C GLN E 119 -5.73 2.70 29.09
N HIS E 120 -4.54 3.21 28.82
CA HIS E 120 -4.27 4.10 27.68
C HIS E 120 -4.02 3.33 26.41
N TYR E 121 -4.28 3.94 25.29
CA TYR E 121 -3.65 3.56 24.03
C TYR E 121 -2.39 4.50 23.87
N PRO E 122 -1.41 4.11 23.02
CA PRO E 122 -0.27 5.04 22.85
C PRO E 122 -0.57 6.31 22.04
N PHE E 123 -1.69 6.39 21.33
CA PHE E 123 -1.96 7.54 20.47
C PHE E 123 -3.48 7.69 20.28
N GLU E 124 -3.91 8.93 20.08
CA GLU E 124 -5.34 9.25 19.83
C GLU E 124 -5.45 10.43 18.86
N ALA E 125 -6.32 10.30 17.90
CA ALA E 125 -6.61 11.35 16.98
C ALA E 125 -7.97 11.96 17.28
N HIS E 126 -8.07 13.27 17.10
CA HIS E 126 -9.35 14.01 17.26
C HIS E 126 -9.74 14.69 15.99
N PHE E 127 -10.94 14.44 15.54
CA PHE E 127 -11.47 15.06 14.37
C PHE E 127 -12.53 16.03 14.87
N VAL E 128 -12.24 17.31 14.76
CA VAL E 128 -13.10 18.36 15.26
C VAL E 128 -14.07 18.94 14.27
N HIS E 129 -15.34 18.91 14.61
CA HIS E 129 -16.39 19.42 13.76
C HIS E 129 -17.20 20.48 14.48
N ALA E 130 -17.80 21.36 13.71
CA ALA E 130 -18.63 22.40 14.27
C ALA E 130 -19.84 22.63 13.42
N ASP E 131 -20.97 22.82 14.06
CA ASP E 131 -22.18 23.12 13.32
C ASP E 131 -22.21 24.61 12.98
N LYS E 132 -23.28 25.05 12.34
CA LYS E 132 -23.40 26.45 11.94
C LYS E 132 -23.37 27.41 13.13
N HIS E 133 -23.90 27.00 14.26
CA HIS E 133 -23.91 27.81 15.45
C HIS E 133 -22.69 27.69 16.31
N GLY E 134 -21.72 26.91 15.88
CA GLY E 134 -20.52 26.73 16.64
C GLY E 134 -20.51 25.62 17.64
N ASN E 135 -21.58 24.84 17.73
CA ASN E 135 -21.60 23.71 18.63
C ASN E 135 -20.65 22.69 18.10
N LEU E 136 -19.85 22.11 18.98
CA LEU E 136 -18.84 21.16 18.56
C LEU E 136 -19.13 19.67 18.75
N ALA E 137 -18.64 18.88 17.80
CA ALA E 137 -18.71 17.47 17.85
C ALA E 137 -17.34 16.92 17.51
N VAL E 138 -16.80 16.07 18.38
CA VAL E 138 -15.51 15.51 18.14
C VAL E 138 -15.45 14.00 18.07
N ILE E 139 -14.92 13.49 16.99
CA ILE E 139 -14.64 12.04 16.84
C ILE E 139 -13.21 11.75 17.32
N GLY E 140 -13.12 10.85 18.28
CA GLY E 140 -11.83 10.40 18.85
C GLY E 140 -11.55 8.98 18.29
N VAL E 141 -10.30 8.74 17.85
CA VAL E 141 -9.88 7.44 17.29
C VAL E 141 -8.58 7.02 17.98
N PHE E 142 -8.63 5.89 18.64
CA PHE E 142 -7.50 5.29 19.27
C PHE E 142 -6.61 4.62 18.22
N PHE E 143 -5.31 4.71 18.45
CA PHE E 143 -4.30 4.04 17.59
C PHE E 143 -3.45 3.18 18.51
N LYS E 144 -3.29 1.90 18.12
CA LYS E 144 -2.35 1.02 18.80
C LYS E 144 -1.09 0.87 17.96
N GLU E 145 -0.04 0.39 18.59
CA GLU E 145 1.25 0.11 17.94
C GLU E 145 1.10 -1.12 17.03
N GLY E 146 1.45 -0.97 15.77
CA GLY E 146 1.31 -2.07 14.83
C GLY E 146 1.97 -1.73 13.51
N ARG E 147 1.27 -2.01 12.42
CA ARG E 147 1.76 -1.67 11.11
C ARG E 147 1.82 -0.17 10.91
N GLU E 148 2.83 0.27 10.16
CA GLU E 148 2.94 1.64 9.69
C GLU E 148 1.64 2.08 9.05
N ASN E 149 1.16 3.25 9.44
CA ASN E 149 -0.05 3.78 8.86
C ASN E 149 0.31 4.58 7.63
N PRO E 150 -0.24 4.18 6.44
CA PRO E 150 0.13 4.88 5.19
C PRO E 150 -0.37 6.29 5.04
N ILE E 151 -1.49 6.62 5.67
CA ILE E 151 -2.02 8.00 5.61
C ILE E 151 -1.21 8.89 6.53
N LEU E 152 -0.95 8.43 7.74
CA LEU E 152 -0.14 9.22 8.62
C LEU E 152 1.24 9.42 8.03
N GLU E 153 1.75 8.42 7.27
CA GLU E 153 3.11 8.57 6.66
C GLU E 153 3.20 9.75 5.72
N LYS E 154 2.13 10.04 5.00
CA LYS E 154 2.09 11.24 4.18
C LYS E 154 2.21 12.53 4.99
N ILE E 155 1.64 12.56 6.17
CA ILE E 155 1.68 13.77 6.98
C ILE E 155 2.98 13.85 7.70
N TRP E 156 3.40 12.69 8.25
CA TRP E 156 4.62 12.60 9.07
C TRP E 156 5.88 13.02 8.27
N LYS E 157 5.90 12.63 7.00
CA LYS E 157 6.98 12.98 6.05
C LYS E 157 7.29 14.47 6.02
N VAL E 158 6.27 15.29 6.23
CA VAL E 158 6.37 16.75 6.11
C VAL E 158 6.11 17.48 7.41
N MET E 159 6.08 16.75 8.51
CA MET E 159 5.64 17.27 9.77
C MET E 159 6.54 18.40 10.18
N PRO E 160 6.00 19.63 10.38
CA PRO E 160 6.93 20.66 10.83
C PRO E 160 7.45 20.40 12.22
N GLU E 161 8.73 20.70 12.42
CA GLU E 161 9.42 20.33 13.65
C GLU E 161 9.43 21.41 14.69
N ASN E 162 9.04 22.62 14.34
CA ASN E 162 9.01 23.69 15.33
C ASN E 162 7.68 24.37 15.39
N ALA E 163 7.39 24.86 16.59
CA ALA E 163 6.12 25.51 16.86
C ALA E 163 6.00 26.70 15.96
N GLY E 164 4.84 26.90 15.41
CA GLY E 164 4.57 28.03 14.53
C GLY E 164 4.78 27.76 13.04
N GLU E 165 5.37 26.63 12.70
CA GLU E 165 5.58 26.31 11.30
C GLU E 165 4.41 25.52 10.71
N GLU E 166 4.07 25.88 9.49
CA GLU E 166 2.98 25.27 8.78
C GLU E 166 3.41 24.93 7.35
N VAL E 167 2.92 23.83 6.83
CA VAL E 167 3.29 23.36 5.49
C VAL E 167 2.06 22.93 4.75
N LYS E 168 2.00 23.28 3.47
CA LYS E 168 0.92 22.84 2.60
C LYS E 168 1.18 21.42 2.12
N LEU E 169 0.13 20.61 2.09
CA LEU E 169 0.28 19.25 1.64
C LEU E 169 0.34 19.24 0.13
N ALA E 170 1.19 18.36 -0.42
CA ALA E 170 1.30 18.19 -1.88
C ALA E 170 -0.03 17.70 -2.45
N HIS E 171 -0.59 16.66 -1.83
CA HIS E 171 -1.89 16.05 -2.24
C HIS E 171 -2.90 16.01 -1.08
N LYS E 172 -4.18 16.25 -1.39
CA LYS E 172 -5.20 16.29 -0.36
C LYS E 172 -5.46 14.89 0.17
N ILE E 173 -5.54 14.82 1.49
CA ILE E 173 -5.76 13.56 2.22
C ILE E 173 -7.23 13.51 2.58
N ASN E 174 -7.79 12.31 2.56
CA ASN E 174 -9.13 12.09 2.98
C ASN E 174 -9.09 11.55 4.39
N ALA E 175 -9.61 12.32 5.32
CA ALA E 175 -9.60 11.90 6.73
C ALA E 175 -10.32 10.57 6.94
N GLU E 176 -11.27 10.25 6.07
CA GLU E 176 -12.07 9.06 6.25
C GLU E 176 -11.19 7.79 6.28
N ASP E 177 -10.09 7.84 5.58
CA ASP E 177 -9.09 6.76 5.61
C ASP E 177 -8.42 6.54 6.98
N LEU E 178 -8.50 7.52 7.86
CA LEU E 178 -8.02 7.35 9.23
C LEU E 178 -9.08 6.85 10.20
N LEU E 179 -10.29 6.59 9.73
CA LEU E 179 -11.32 6.13 10.60
C LEU E 179 -11.51 4.65 10.41
N PRO E 180 -11.94 3.93 11.45
CA PRO E 180 -12.17 2.50 11.22
C PRO E 180 -13.33 2.24 10.34
N LYS E 181 -13.34 1.07 9.75
CA LYS E 181 -14.48 0.61 8.93
C LYS E 181 -15.65 0.24 9.81
N ASP E 182 -15.37 -0.37 10.95
CA ASP E 182 -16.40 -0.69 11.94
C ASP E 182 -16.68 0.63 12.72
N ARG E 183 -17.90 1.09 12.71
CA ARG E 183 -18.21 2.42 13.24
C ARG E 183 -19.04 2.50 14.47
N ASP E 184 -19.00 1.46 15.24
CA ASP E 184 -19.54 1.50 16.58
C ASP E 184 -18.74 2.48 17.41
N TYR E 185 -19.40 3.11 18.34
CA TYR E 185 -18.82 4.21 19.11
C TYR E 185 -19.38 4.32 20.49
N TYR E 186 -18.59 4.95 21.33
CA TYR E 186 -18.97 5.40 22.61
C TYR E 186 -19.39 6.88 22.48
N ARG E 187 -20.41 7.29 23.25
CA ARG E 187 -20.85 8.71 23.22
C ARG E 187 -21.09 9.25 24.56
N TYR E 188 -20.63 10.49 24.79
CA TYR E 188 -20.94 11.17 26.01
C TYR E 188 -20.85 12.69 25.77
N SER E 189 -21.33 13.42 26.76
CA SER E 189 -21.35 14.90 26.77
C SER E 189 -20.17 15.39 27.60
N GLY E 190 -19.32 16.16 26.95
CA GLY E 190 -18.10 16.59 27.55
C GLY E 190 -17.59 17.96 27.15
N SER E 191 -16.25 18.08 26.98
CA SER E 191 -15.59 19.35 26.82
C SER E 191 -14.48 19.30 25.82
N LEU E 192 -14.03 20.46 25.39
CA LEU E 192 -12.70 20.59 24.83
C LEU E 192 -11.66 20.11 25.86
N THR E 193 -10.61 19.47 25.39
CA THR E 193 -9.55 18.98 26.27
C THR E 193 -8.35 19.95 26.46
N THR E 194 -8.42 21.08 25.80
CA THR E 194 -7.43 22.16 25.97
C THR E 194 -8.20 23.42 26.35
N PRO E 195 -7.56 24.37 27.08
CA PRO E 195 -8.26 25.60 27.51
C PRO E 195 -8.86 26.30 26.33
N PRO E 196 -10.07 26.84 26.40
CA PRO E 196 -10.83 27.07 27.62
C PRO E 196 -11.70 25.89 28.11
N CYS E 197 -11.58 24.71 27.50
CA CYS E 197 -12.23 23.50 28.06
C CYS E 197 -13.74 23.72 28.18
N SER E 198 -14.27 24.38 27.15
CA SER E 198 -15.71 24.66 27.04
C SER E 198 -16.52 23.37 26.96
N GLU E 199 -17.67 23.37 27.64
CA GLU E 199 -18.58 22.25 27.70
C GLU E 199 -19.64 22.33 26.64
N GLY E 200 -20.57 21.37 26.64
CA GLY E 200 -21.46 21.25 25.52
C GLY E 200 -20.91 20.53 24.30
N VAL E 201 -19.85 19.75 24.46
CA VAL E 201 -19.20 19.10 23.29
C VAL E 201 -19.69 17.68 23.17
N ARG E 202 -20.14 17.29 21.97
CA ARG E 202 -20.50 15.92 21.70
C ARG E 202 -19.22 15.10 21.44
N TRP E 203 -18.97 14.10 22.28
CA TRP E 203 -17.83 13.16 22.05
C TRP E 203 -18.33 11.83 21.48
N ILE E 204 -17.73 11.45 20.37
CA ILE E 204 -17.97 10.23 19.66
C ILE E 204 -16.60 9.52 19.63
N VAL E 205 -16.40 8.53 20.51
CA VAL E 205 -15.08 7.81 20.58
C VAL E 205 -15.31 6.43 19.89
N MET E 206 -14.62 6.20 18.80
CA MET E 206 -14.74 4.96 18.05
C MET E 206 -14.23 3.75 18.86
N GLU E 207 -15.04 2.73 18.88
CA GLU E 207 -14.74 1.50 19.63
C GLU E 207 -13.51 0.75 19.02
N GLU E 208 -13.40 0.77 17.71
CA GLU E 208 -12.33 0.09 16.99
C GLU E 208 -11.13 0.98 16.83
N GLU E 209 -10.00 0.46 17.26
CA GLU E 209 -8.71 1.12 17.17
C GLU E 209 -8.10 1.00 15.77
N MET E 210 -7.34 2.03 15.39
CA MET E 210 -6.52 1.99 14.20
C MET E 210 -5.09 1.62 14.62
N GLU E 211 -4.19 1.60 13.66
CA GLU E 211 -2.83 1.20 13.85
C GLU E 211 -1.75 2.07 13.26
N MET E 212 -0.66 2.17 13.97
CA MET E 212 0.50 2.90 13.54
C MET E 212 1.78 2.24 14.05
N SER E 213 2.90 2.54 13.42
CA SER E 213 4.16 2.01 13.83
C SER E 213 4.78 2.67 15.06
N LYS E 214 5.68 1.95 15.68
CA LYS E 214 6.36 2.42 16.84
C LYS E 214 7.10 3.66 16.46
N GLU E 215 7.72 3.62 15.29
CA GLU E 215 8.49 4.70 14.78
C GLU E 215 7.66 5.96 14.55
N GLN E 216 6.46 5.79 14.02
CA GLN E 216 5.57 6.92 13.78
C GLN E 216 5.22 7.57 15.11
N ILE E 217 4.95 6.75 16.11
CA ILE E 217 4.65 7.22 17.42
C ILE E 217 5.83 7.94 18.04
N GLU E 218 7.00 7.36 17.89
CA GLU E 218 8.22 7.93 18.44
C GLU E 218 8.49 9.28 17.82
N LYS E 219 8.30 9.41 16.52
CA LYS E 219 8.57 10.68 15.88
C LYS E 219 7.67 11.77 16.42
N PHE E 220 6.40 11.45 16.59
CA PHE E 220 5.48 12.46 17.08
C PHE E 220 5.87 12.93 18.44
N ARG E 221 6.18 12.00 19.31
CA ARG E 221 6.56 12.34 20.65
C ARG E 221 7.82 13.17 20.72
N LYS E 222 8.80 12.80 19.93
CA LYS E 222 10.05 13.52 19.95
C LYS E 222 9.87 14.95 19.51
N ILE E 223 9.08 15.16 18.47
CA ILE E 223 8.79 16.50 18.01
C ILE E 223 8.02 17.30 19.05
N MET E 224 7.05 16.67 19.68
CA MET E 224 6.26 17.32 20.72
C MET E 224 7.11 17.61 21.93
N GLY E 225 8.04 16.72 22.21
CA GLY E 225 8.92 16.90 23.34
C GLY E 225 8.46 16.31 24.62
N GLY E 226 7.40 15.55 24.55
CA GLY E 226 6.83 14.92 25.73
C GLY E 226 5.37 14.56 25.52
N ASP E 227 4.72 14.19 26.62
CA ASP E 227 3.31 13.80 26.61
C ASP E 227 2.43 14.97 26.23
N THR E 228 1.38 14.70 25.43
CA THR E 228 0.41 15.73 25.05
C THR E 228 -1.07 15.40 25.43
N ASN E 229 -1.26 14.76 26.59
CA ASN E 229 -2.59 14.38 27.04
C ASN E 229 -2.99 15.11 28.28
N ARG E 230 -4.22 15.63 28.28
CA ARG E 230 -4.81 16.11 29.57
C ARG E 230 -5.15 14.92 30.47
N PRO E 231 -4.87 15.01 31.78
CA PRO E 231 -5.33 13.90 32.62
C PRO E 231 -6.84 13.65 32.51
N VAL E 232 -7.23 12.41 32.75
CA VAL E 232 -8.67 12.09 32.73
C VAL E 232 -9.38 12.81 33.85
N GLN E 233 -10.61 13.18 33.57
CA GLN E 233 -11.45 13.95 34.49
C GLN E 233 -12.62 13.06 35.00
N PRO E 234 -13.12 13.32 36.23
CA PRO E 234 -14.18 12.52 36.76
C PRO E 234 -15.47 12.55 35.85
N LEU E 235 -16.07 11.42 35.74
CA LEU E 235 -17.29 11.21 35.00
C LEU E 235 -18.42 11.85 35.77
N ASN E 236 -18.34 11.73 37.09
CA ASN E 236 -19.36 12.27 37.98
C ASN E 236 -20.70 11.62 37.63
N ALA E 237 -21.73 12.42 37.42
CA ALA E 237 -23.05 11.92 37.08
C ALA E 237 -23.10 11.15 35.76
N ARG E 238 -22.31 11.57 34.75
CA ARG E 238 -22.38 11.02 33.41
C ARG E 238 -22.26 9.50 33.34
N MET E 239 -22.87 8.98 32.30
CA MET E 239 -22.63 7.57 31.79
C MET E 239 -22.09 7.66 30.42
N ILE E 240 -21.35 6.67 30.00
CA ILE E 240 -20.93 6.64 28.61
C ILE E 240 -21.89 5.67 27.93
N MET E 241 -22.42 6.04 26.78
CA MET E 241 -23.27 5.17 26.04
C MET E 241 -22.44 4.47 24.98
N GLU E 242 -22.70 3.19 24.81
CA GLU E 242 -22.10 2.41 23.73
C GLU E 242 -23.10 1.92 22.70
N LYS E 243 -22.82 2.16 21.43
CA LYS E 243 -23.64 1.66 20.32
C LYS E 243 -23.67 0.10 20.14
N GLY F 22 -27.20 -12.25 -31.51
CA GLY F 22 -27.60 -13.70 -31.43
C GLY F 22 -26.73 -14.63 -30.61
N TRP F 23 -25.54 -14.18 -30.18
CA TRP F 23 -24.61 -15.07 -29.46
C TRP F 23 -25.08 -15.36 -28.05
N SER F 24 -24.75 -16.54 -27.55
CA SER F 24 -25.06 -16.82 -26.12
C SER F 24 -23.94 -17.62 -25.46
N TYR F 25 -24.14 -17.88 -24.17
CA TYR F 25 -23.21 -18.74 -23.40
C TYR F 25 -23.49 -20.23 -23.47
N HIS F 26 -24.61 -20.59 -24.12
CA HIS F 26 -25.15 -21.99 -24.10
C HIS F 26 -25.71 -22.39 -25.47
N GLY F 27 -25.69 -23.69 -25.75
CA GLY F 27 -26.43 -24.26 -26.86
C GLY F 27 -25.84 -23.97 -28.23
N GLU F 28 -26.73 -23.75 -29.19
CA GLU F 28 -26.36 -23.73 -30.61
C GLU F 28 -25.69 -22.40 -31.05
N HIS F 29 -25.98 -21.32 -30.31
CA HIS F 29 -25.35 -20.00 -30.50
C HIS F 29 -24.26 -19.72 -29.42
N GLY F 30 -23.83 -20.81 -28.77
CA GLY F 30 -22.84 -20.79 -27.68
C GLY F 30 -21.39 -20.62 -28.15
N PRO F 31 -20.46 -20.52 -27.18
CA PRO F 31 -19.09 -20.06 -27.44
C PRO F 31 -18.36 -20.80 -28.52
N GLU F 32 -18.49 -22.14 -28.58
CA GLU F 32 -17.84 -22.92 -29.65
C GLU F 32 -18.32 -22.58 -31.09
N HIS F 33 -19.45 -21.89 -31.21
CA HIS F 33 -20.07 -21.54 -32.53
C HIS F 33 -20.03 -20.06 -32.85
N TRP F 34 -19.52 -19.24 -31.92
CA TRP F 34 -19.55 -17.80 -32.11
C TRP F 34 -18.97 -17.37 -33.44
N GLY F 35 -17.87 -18.00 -33.83
CA GLY F 35 -17.15 -17.63 -35.04
C GLY F 35 -17.91 -17.90 -36.34
N ASP F 36 -18.93 -18.77 -36.26
CA ASP F 36 -19.82 -19.06 -37.39
C ASP F 36 -21.06 -18.14 -37.46
N LEU F 37 -21.30 -17.31 -36.45
CA LEU F 37 -22.52 -16.49 -36.40
C LEU F 37 -22.51 -15.30 -37.32
N LYS F 38 -21.38 -14.64 -37.46
CA LYS F 38 -21.28 -13.47 -38.30
C LYS F 38 -19.87 -13.37 -38.79
N ASP F 39 -19.70 -12.68 -39.90
CA ASP F 39 -18.40 -12.46 -40.49
C ASP F 39 -17.57 -11.59 -39.55
N GLU F 40 -18.23 -10.67 -38.88
CA GLU F 40 -17.59 -9.75 -37.98
C GLU F 40 -16.88 -10.46 -36.84
N TYR F 41 -17.31 -11.66 -36.53
CA TYR F 41 -16.84 -12.46 -35.44
C TYR F 41 -15.73 -13.41 -35.82
N ILE F 42 -15.03 -13.09 -36.87
CA ILE F 42 -13.99 -13.92 -37.38
C ILE F 42 -12.83 -14.24 -36.41
N MET F 43 -12.46 -13.32 -35.55
CA MET F 43 -11.38 -13.57 -34.62
C MET F 43 -11.70 -14.76 -33.76
N CYS F 44 -12.95 -14.99 -33.40
CA CYS F 44 -13.29 -16.12 -32.58
C CYS F 44 -12.84 -17.34 -33.30
N LYS F 45 -13.06 -17.41 -34.60
CA LYS F 45 -12.63 -18.54 -35.37
C LYS F 45 -11.13 -18.67 -35.62
N ILE F 46 -10.49 -17.59 -36.02
CA ILE F 46 -9.09 -17.66 -36.33
C ILE F 46 -8.05 -17.04 -35.39
N GLY F 47 -8.48 -16.34 -34.37
CA GLY F 47 -7.55 -15.67 -33.49
C GLY F 47 -6.62 -16.58 -32.73
N LYS F 48 -5.38 -16.18 -32.60
CA LYS F 48 -4.40 -16.95 -31.86
C LYS F 48 -4.03 -16.26 -30.54
N ASN F 49 -4.63 -15.14 -30.28
CA ASN F 49 -4.35 -14.34 -29.10
C ASN F 49 -5.62 -13.97 -28.31
N GLN F 50 -6.46 -14.96 -28.12
CA GLN F 50 -7.74 -14.87 -27.44
C GLN F 50 -7.75 -14.94 -25.91
N SER F 51 -8.81 -14.44 -25.33
CA SER F 51 -9.05 -14.42 -23.90
C SER F 51 -10.41 -15.07 -23.65
N PRO F 52 -10.64 -15.59 -22.46
CA PRO F 52 -9.69 -15.65 -21.36
C PRO F 52 -8.78 -16.84 -21.47
N VAL F 53 -7.83 -16.96 -20.58
CA VAL F 53 -6.89 -18.05 -20.57
C VAL F 53 -6.69 -18.64 -19.19
N ASP F 54 -6.10 -19.80 -19.15
CA ASP F 54 -5.75 -20.42 -17.92
C ASP F 54 -4.36 -19.84 -17.67
N ILE F 55 -4.18 -19.14 -16.57
CA ILE F 55 -2.92 -18.52 -16.22
C ILE F 55 -2.03 -19.63 -15.67
N ASN F 56 -1.31 -20.34 -16.53
CA ASN F 56 -0.45 -21.45 -16.20
C ASN F 56 0.94 -21.46 -16.82
N ARG F 57 1.37 -20.43 -17.49
CA ARG F 57 2.70 -20.30 -18.07
C ARG F 57 3.11 -18.87 -17.75
N ILE F 58 3.76 -18.72 -16.47
CA ILE F 58 4.03 -17.44 -15.93
C ILE F 58 5.50 -17.18 -15.71
N VAL F 59 5.90 -15.96 -15.98
CA VAL F 59 7.25 -15.56 -15.79
C VAL F 59 7.29 -14.26 -15.01
N ASP F 60 8.18 -14.18 -14.05
CA ASP F 60 8.35 -12.98 -13.28
C ASP F 60 8.90 -11.93 -14.20
N ALA F 61 8.39 -10.72 -14.13
CA ALA F 61 8.84 -9.64 -14.97
C ALA F 61 8.87 -8.33 -14.23
N LYS F 62 9.79 -7.43 -14.57
CA LYS F 62 9.87 -6.17 -13.88
C LYS F 62 8.85 -5.20 -14.45
N LEU F 63 7.59 -5.49 -14.27
CA LEU F 63 6.52 -4.64 -14.75
C LEU F 63 6.38 -3.42 -13.89
N LYS F 64 5.89 -2.34 -14.44
CA LYS F 64 5.71 -1.12 -13.66
C LYS F 64 4.39 -1.12 -12.94
N PRO F 65 4.28 -0.44 -11.83
CA PRO F 65 2.96 -0.34 -11.19
C PRO F 65 1.99 0.35 -12.10
N ILE F 66 0.74 -0.02 -11.99
CA ILE F 66 -0.23 0.56 -12.83
C ILE F 66 -0.88 1.68 -12.06
N LYS F 67 -0.79 2.88 -12.60
CA LYS F 67 -1.37 4.00 -11.92
C LYS F 67 -2.87 3.94 -12.07
N ILE F 68 -3.60 3.99 -10.98
CA ILE F 68 -5.03 3.93 -11.02
C ILE F 68 -5.61 5.18 -10.40
N GLU F 69 -6.36 5.95 -11.18
CA GLU F 69 -6.97 7.18 -10.71
C GLU F 69 -8.45 7.17 -10.95
N TYR F 70 -9.18 6.66 -9.98
CA TYR F 70 -10.60 6.57 -10.07
C TYR F 70 -11.24 7.62 -9.18
N ARG F 71 -12.46 7.99 -9.52
CA ARG F 71 -13.29 8.95 -8.85
C ARG F 71 -14.52 8.14 -8.70
N ALA F 72 -15.46 8.54 -7.86
CA ALA F 72 -16.67 7.77 -7.71
C ALA F 72 -17.49 8.15 -8.92
N GLY F 73 -17.73 7.20 -9.80
CA GLY F 73 -18.46 7.49 -11.00
C GLY F 73 -19.47 6.52 -11.51
N ALA F 74 -19.76 5.47 -10.77
CA ALA F 74 -20.72 4.51 -11.24
C ALA F 74 -22.05 5.22 -11.22
N THR F 75 -22.77 5.15 -12.32
CA THR F 75 -24.05 5.85 -12.45
C THR F 75 -25.26 4.98 -12.68
N LYS F 76 -25.13 3.95 -13.50
CA LYS F 76 -26.26 3.11 -13.89
C LYS F 76 -25.88 1.67 -13.82
N VAL F 77 -26.88 0.83 -13.70
CA VAL F 77 -26.72 -0.61 -13.66
C VAL F 77 -27.67 -1.22 -14.65
N LEU F 78 -27.13 -1.97 -15.60
CA LEU F 78 -27.89 -2.53 -16.66
C LEU F 78 -27.78 -4.02 -16.64
N ASN F 79 -28.89 -4.68 -16.90
CA ASN F 79 -28.89 -6.09 -17.20
C ASN F 79 -29.07 -6.19 -18.71
N ASN F 80 -28.06 -6.70 -19.40
CA ASN F 80 -28.16 -6.83 -20.88
C ASN F 80 -28.42 -8.27 -21.30
N GLY F 81 -28.76 -9.11 -20.34
CA GLY F 81 -29.00 -10.51 -20.62
C GLY F 81 -27.73 -11.35 -20.61
N HIS F 82 -26.57 -10.74 -20.71
CA HIS F 82 -25.28 -11.47 -20.68
C HIS F 82 -24.49 -11.25 -19.38
N THR F 83 -24.75 -10.12 -18.76
CA THR F 83 -24.09 -9.72 -17.55
C THR F 83 -24.88 -8.59 -16.93
N ILE F 84 -24.37 -8.13 -15.80
CA ILE F 84 -24.80 -6.93 -15.16
C ILE F 84 -23.68 -5.98 -15.35
N LYS F 85 -23.98 -4.86 -15.98
CA LYS F 85 -23.01 -3.92 -16.35
C LYS F 85 -23.24 -2.59 -15.75
N VAL F 86 -22.18 -2.06 -15.17
CA VAL F 86 -22.23 -0.78 -14.50
C VAL F 86 -21.50 0.25 -15.31
N SER F 87 -22.22 1.27 -15.78
CA SER F 87 -21.61 2.37 -16.48
C SER F 87 -20.92 3.31 -15.58
N TYR F 88 -19.92 3.95 -16.13
CA TYR F 88 -19.10 4.89 -15.37
C TYR F 88 -19.08 6.19 -16.12
N GLU F 89 -19.09 7.28 -15.40
CA GLU F 89 -19.01 8.55 -16.06
C GLU F 89 -17.57 8.90 -16.31
N PRO F 90 -17.33 9.77 -17.30
CA PRO F 90 -15.97 10.11 -17.63
C PRO F 90 -15.16 10.75 -16.52
N GLY F 91 -13.83 10.67 -16.68
CA GLY F 91 -12.88 11.26 -15.75
C GLY F 91 -12.03 10.30 -14.91
N SER F 92 -12.30 9.00 -14.95
CA SER F 92 -11.51 8.01 -14.17
C SER F 92 -10.67 7.22 -15.14
N TYR F 93 -9.42 6.98 -14.80
CA TYR F 93 -8.52 6.29 -15.73
C TYR F 93 -7.44 5.46 -15.05
N ILE F 94 -6.79 4.66 -15.87
CA ILE F 94 -5.53 4.03 -15.53
C ILE F 94 -4.46 4.41 -16.55
N VAL F 95 -3.20 4.19 -16.18
CA VAL F 95 -2.07 4.42 -17.07
C VAL F 95 -1.29 3.13 -17.28
N VAL F 96 -1.20 2.70 -18.53
CA VAL F 96 -0.49 1.48 -18.96
C VAL F 96 0.40 1.86 -20.13
N ASP F 97 1.66 1.46 -20.08
CA ASP F 97 2.63 1.80 -21.14
C ASP F 97 2.67 3.33 -21.39
N GLY F 98 2.51 4.12 -20.33
CA GLY F 98 2.46 5.57 -20.45
C GLY F 98 1.24 6.13 -21.18
N ILE F 99 0.23 5.32 -21.42
CA ILE F 99 -0.96 5.74 -22.12
C ILE F 99 -2.14 5.79 -21.13
N LYS F 100 -2.99 6.80 -21.25
CA LYS F 100 -4.19 6.95 -20.43
C LYS F 100 -5.36 6.15 -21.00
N PHE F 101 -5.86 5.18 -20.24
CA PHE F 101 -7.06 4.42 -20.60
C PHE F 101 -8.20 4.79 -19.66
N GLU F 102 -9.27 5.35 -20.21
CA GLU F 102 -10.42 5.80 -19.41
C GLU F 102 -11.37 4.73 -19.11
N LEU F 103 -11.77 4.64 -17.83
CA LEU F 103 -12.74 3.63 -17.41
C LEU F 103 -14.13 3.94 -17.99
N LYS F 104 -14.74 2.95 -18.65
CA LYS F 104 -16.06 3.09 -19.30
C LYS F 104 -17.14 2.35 -18.59
N GLN F 105 -16.79 1.17 -18.10
CA GLN F 105 -17.80 0.33 -17.45
C GLN F 105 -17.12 -0.81 -16.72
N PHE F 106 -17.86 -1.45 -15.81
CA PHE F 106 -17.46 -2.73 -15.28
C PHE F 106 -18.59 -3.71 -15.24
N HIS F 107 -18.27 -4.99 -15.31
CA HIS F 107 -19.31 -5.99 -15.37
C HIS F 107 -18.75 -7.29 -14.82
N PHE F 108 -19.55 -8.34 -14.85
CA PHE F 108 -19.26 -9.54 -14.06
C PHE F 108 -19.52 -10.82 -14.79
N HIS F 109 -18.80 -11.84 -14.35
CA HIS F 109 -18.94 -13.15 -14.83
C HIS F 109 -18.94 -14.16 -13.69
N ALA F 110 -19.65 -15.28 -13.89
CA ALA F 110 -19.64 -16.37 -12.93
C ALA F 110 -19.83 -17.69 -13.62
N PRO F 111 -18.96 -18.67 -13.42
CA PRO F 111 -17.71 -18.54 -12.67
C PRO F 111 -16.67 -17.66 -13.40
N SER F 112 -15.47 -17.57 -12.81
CA SER F 112 -14.43 -16.74 -13.41
C SER F 112 -14.18 -17.16 -14.88
N GLU F 113 -13.83 -16.19 -15.68
CA GLU F 113 -13.35 -16.45 -17.03
C GLU F 113 -11.92 -16.97 -17.07
N HIS F 114 -11.01 -16.21 -16.49
CA HIS F 114 -9.64 -16.72 -16.30
C HIS F 114 -9.63 -17.82 -15.28
N LYS F 115 -8.72 -18.76 -15.49
CA LYS F 115 -8.36 -19.71 -14.49
C LYS F 115 -6.95 -19.44 -14.00
N LEU F 116 -6.65 -19.95 -12.82
CA LEU F 116 -5.30 -19.73 -12.21
C LEU F 116 -4.76 -21.08 -11.87
N LYS F 117 -3.72 -21.46 -12.58
CA LYS F 117 -3.17 -22.84 -12.54
C LYS F 117 -4.23 -23.93 -12.60
N GLY F 118 -5.14 -23.80 -13.56
CA GLY F 118 -6.13 -24.85 -13.76
C GLY F 118 -7.36 -24.73 -12.93
N GLN F 119 -7.47 -23.72 -12.11
CA GLN F 119 -8.62 -23.64 -11.21
C GLN F 119 -9.38 -22.37 -11.43
N HIS F 120 -10.70 -22.44 -11.33
CA HIS F 120 -11.57 -21.25 -11.37
C HIS F 120 -11.72 -20.60 -10.05
N TYR F 121 -12.04 -19.33 -10.05
CA TYR F 121 -12.68 -18.68 -8.94
C TYR F 121 -14.20 -18.67 -9.22
N PRO F 122 -15.04 -18.42 -8.20
CA PRO F 122 -16.47 -18.43 -8.48
C PRO F 122 -16.99 -17.19 -9.17
N PHE F 123 -16.21 -16.13 -9.20
CA PHE F 123 -16.67 -14.87 -9.76
C PHE F 123 -15.47 -14.06 -10.25
N GLU F 124 -15.71 -13.23 -11.26
CA GLU F 124 -14.68 -12.32 -11.82
C GLU F 124 -15.35 -11.04 -12.29
N ALA F 125 -14.71 -9.94 -11.96
CA ALA F 125 -15.11 -8.65 -12.42
C ALA F 125 -14.14 -8.13 -13.47
N HIS F 126 -14.67 -7.43 -14.45
CA HIS F 126 -13.89 -6.75 -15.49
C HIS F 126 -14.12 -5.31 -15.52
N PHE F 127 -13.07 -4.54 -15.46
CA PHE F 127 -13.13 -3.11 -15.54
C PHE F 127 -12.57 -2.74 -16.91
N VAL F 128 -13.44 -2.23 -17.76
CA VAL F 128 -13.09 -1.92 -19.13
C VAL F 128 -12.74 -0.49 -19.36
N HIS F 129 -11.56 -0.29 -19.92
CA HIS F 129 -11.01 1.02 -20.21
C HIS F 129 -10.63 1.17 -21.66
N ALA F 130 -10.69 2.38 -22.16
CA ALA F 130 -10.31 2.65 -23.52
C ALA F 130 -9.53 3.93 -23.66
N ASP F 131 -8.52 3.92 -24.50
CA ASP F 131 -7.77 5.12 -24.74
C ASP F 131 -8.51 5.98 -25.76
N LYS F 132 -7.98 7.14 -26.06
CA LYS F 132 -8.63 8.04 -26.99
C LYS F 132 -8.82 7.41 -28.36
N HIS F 133 -7.90 6.57 -28.77
CA HIS F 133 -7.98 5.89 -30.05
C HIS F 133 -8.77 4.61 -30.03
N GLY F 134 -9.41 4.33 -28.92
CA GLY F 134 -10.20 3.13 -28.80
C GLY F 134 -9.49 1.86 -28.42
N ASN F 135 -8.21 1.93 -28.10
CA ASN F 135 -7.48 0.73 -27.68
C ASN F 135 -7.97 0.38 -26.27
N LEU F 136 -8.24 -0.88 -26.02
CA LEU F 136 -8.76 -1.32 -24.75
C LEU F 136 -7.81 -1.98 -23.74
N ALA F 137 -7.99 -1.65 -22.49
CA ALA F 137 -7.24 -2.21 -21.38
C ALA F 137 -8.27 -2.71 -20.38
N VAL F 138 -8.18 -3.97 -19.99
CA VAL F 138 -9.09 -4.49 -19.03
C VAL F 138 -8.45 -5.02 -17.75
N ILE F 139 -8.89 -4.51 -16.62
CA ILE F 139 -8.48 -5.05 -15.29
C ILE F 139 -9.47 -6.14 -14.88
N GLY F 140 -8.95 -7.35 -14.71
CA GLY F 140 -9.74 -8.46 -14.22
C GLY F 140 -9.46 -8.63 -12.70
N VAL F 141 -10.50 -8.87 -11.91
CA VAL F 141 -10.39 -9.08 -10.47
C VAL F 141 -11.19 -10.33 -10.10
N PHE F 142 -10.50 -11.30 -9.53
CA PHE F 142 -11.09 -12.50 -9.02
C PHE F 142 -11.79 -12.21 -7.69
N PHE F 143 -12.91 -12.87 -7.48
CA PHE F 143 -13.61 -12.83 -6.18
C PHE F 143 -13.72 -14.26 -5.71
N LYS F 144 -13.36 -14.47 -4.44
CA LYS F 144 -13.66 -15.78 -3.81
C LYS F 144 -14.92 -15.63 -2.91
N GLU F 145 -15.44 -16.80 -2.53
CA GLU F 145 -16.54 -16.90 -1.55
C GLU F 145 -16.03 -16.56 -0.13
N GLY F 146 -16.63 -15.57 0.49
CA GLY F 146 -16.19 -15.17 1.83
C GLY F 146 -17.20 -14.24 2.43
N ARG F 147 -16.69 -13.17 3.00
CA ARG F 147 -17.50 -12.15 3.57
C ARG F 147 -18.28 -11.37 2.52
N GLU F 148 -19.52 -11.01 2.85
CA GLU F 148 -20.32 -10.12 2.03
C GLU F 148 -19.51 -8.92 1.58
N ASN F 149 -19.55 -8.60 0.28
CA ASN F 149 -18.91 -7.37 -0.20
C ASN F 149 -19.86 -6.19 -0.11
N PRO F 150 -19.44 -5.13 0.58
CA PRO F 150 -20.37 -4.00 0.81
C PRO F 150 -20.60 -3.12 -0.38
N ILE F 151 -19.65 -3.06 -1.32
CA ILE F 151 -19.83 -2.27 -2.52
C ILE F 151 -20.74 -3.02 -3.50
N LEU F 152 -20.49 -4.31 -3.67
CA LEU F 152 -21.38 -5.08 -4.48
C LEU F 152 -22.79 -5.03 -3.92
N GLU F 153 -22.92 -4.99 -2.59
CA GLU F 153 -24.28 -5.00 -2.00
C GLU F 153 -25.10 -3.82 -2.46
N LYS F 154 -24.46 -2.68 -2.63
CA LYS F 154 -25.16 -1.51 -3.16
C LYS F 154 -25.70 -1.73 -4.57
N ILE F 155 -24.95 -2.47 -5.38
CA ILE F 155 -25.38 -2.71 -6.77
C ILE F 155 -26.39 -3.83 -6.80
N TRP F 156 -26.09 -4.88 -6.03
CA TRP F 156 -26.94 -6.09 -5.99
C TRP F 156 -28.39 -5.75 -5.53
N LYS F 157 -28.51 -4.83 -4.58
CA LYS F 157 -29.80 -4.36 -4.05
C LYS F 157 -30.77 -3.92 -5.14
N VAL F 158 -30.22 -3.35 -6.21
CA VAL F 158 -30.97 -2.69 -7.25
C VAL F 158 -30.78 -3.36 -8.62
N MET F 159 -30.20 -4.54 -8.60
CA MET F 159 -29.86 -5.26 -9.82
C MET F 159 -31.12 -5.52 -10.65
N PRO F 160 -31.18 -5.02 -11.91
CA PRO F 160 -32.37 -5.38 -12.69
C PRO F 160 -32.41 -6.85 -13.03
N GLU F 161 -33.61 -7.41 -12.96
CA GLU F 161 -33.76 -8.84 -13.08
C GLU F 161 -34.06 -9.31 -14.49
N ASN F 162 -34.34 -8.41 -15.40
CA ASN F 162 -34.60 -8.81 -16.80
C ASN F 162 -33.72 -8.09 -17.77
N ALA F 163 -33.41 -8.79 -18.85
CA ALA F 163 -32.61 -8.25 -19.91
C ALA F 163 -33.23 -6.98 -20.43
N GLY F 164 -32.41 -5.98 -20.66
CA GLY F 164 -32.87 -4.69 -21.20
C GLY F 164 -33.23 -3.65 -20.18
N GLU F 165 -33.32 -4.03 -18.90
CA GLU F 165 -33.67 -3.08 -17.85
C GLU F 165 -32.43 -2.43 -17.26
N GLU F 166 -32.52 -1.14 -17.04
CA GLU F 166 -31.43 -0.33 -16.52
C GLU F 166 -31.93 0.60 -15.41
N VAL F 167 -31.11 0.79 -14.40
CA VAL F 167 -31.51 1.57 -13.23
C VAL F 167 -30.39 2.51 -12.90
N LYS F 168 -30.78 3.73 -12.54
CA LYS F 168 -29.84 4.70 -12.05
C LYS F 168 -29.50 4.43 -10.59
N LEU F 169 -28.23 4.56 -10.24
CA LEU F 169 -27.80 4.37 -8.84
C LEU F 169 -28.17 5.61 -8.05
N ALA F 170 -28.61 5.39 -6.80
CA ALA F 170 -28.95 6.48 -5.87
C ALA F 170 -27.71 7.32 -5.60
N HIS F 171 -26.61 6.63 -5.26
CA HIS F 171 -25.31 7.28 -4.99
C HIS F 171 -24.18 6.72 -5.87
N LYS F 172 -23.26 7.58 -6.29
CA LYS F 172 -22.14 7.14 -7.13
C LYS F 172 -21.16 6.26 -6.34
N ILE F 173 -20.79 5.14 -6.96
CA ILE F 173 -19.90 4.15 -6.37
C ILE F 173 -18.51 4.39 -6.95
N ASN F 174 -17.48 4.13 -6.17
CA ASN F 174 -16.11 4.29 -6.63
C ASN F 174 -15.54 2.92 -6.87
N ALA F 175 -15.17 2.65 -8.10
CA ALA F 175 -14.68 1.37 -8.49
C ALA F 175 -13.41 0.96 -7.80
N GLU F 176 -12.65 1.92 -7.35
CA GLU F 176 -11.41 1.63 -6.71
C GLU F 176 -11.65 0.76 -5.51
N ASP F 177 -12.76 0.95 -4.85
CA ASP F 177 -13.09 0.14 -3.70
C ASP F 177 -13.30 -1.35 -4.02
N LEU F 178 -13.52 -1.68 -5.27
CA LEU F 178 -13.69 -3.06 -5.66
C LEU F 178 -12.35 -3.67 -6.06
N LEU F 179 -11.30 -2.88 -5.98
CA LEU F 179 -9.99 -3.34 -6.32
C LEU F 179 -9.16 -3.64 -5.09
N PRO F 180 -8.29 -4.71 -5.22
CA PRO F 180 -7.48 -4.97 -4.04
C PRO F 180 -6.45 -3.90 -3.73
N LYS F 181 -6.10 -3.79 -2.46
CA LYS F 181 -5.09 -2.84 -2.01
C LYS F 181 -3.72 -3.24 -2.52
N ASP F 182 -3.44 -4.53 -2.56
CA ASP F 182 -2.18 -5.03 -3.07
C ASP F 182 -2.36 -5.00 -4.56
N ARG F 183 -1.43 -4.40 -5.28
CA ARG F 183 -1.57 -4.27 -6.70
C ARG F 183 -0.74 -5.02 -7.71
N ASP F 184 -0.15 -6.11 -7.28
CA ASP F 184 0.63 -6.92 -8.18
C ASP F 184 -0.39 -7.46 -9.16
N TYR F 185 0.05 -7.75 -10.36
CA TYR F 185 -0.82 -8.23 -11.40
C TYR F 185 -0.14 -9.12 -12.38
N TYR F 186 -0.94 -9.79 -13.18
CA TYR F 186 -0.52 -10.63 -14.25
C TYR F 186 -0.89 -9.82 -15.51
N ARG F 187 -0.05 -9.83 -16.53
CA ARG F 187 -0.32 -9.12 -17.75
C ARG F 187 -0.08 -9.98 -18.97
N TYR F 188 -0.96 -9.84 -19.93
CA TYR F 188 -0.85 -10.52 -21.19
C TYR F 188 -1.64 -9.80 -22.28
N SER F 189 -1.34 -10.12 -23.52
CA SER F 189 -2.00 -9.54 -24.75
C SER F 189 -3.05 -10.53 -25.17
N GLY F 190 -4.30 -10.04 -25.18
CA GLY F 190 -5.42 -10.88 -25.45
C GLY F 190 -6.57 -10.23 -26.24
N SER F 191 -7.77 -10.63 -25.89
CA SER F 191 -8.99 -10.22 -26.64
C SER F 191 -10.15 -9.88 -25.73
N LEU F 192 -11.17 -9.28 -26.32
CA LEU F 192 -12.48 -9.28 -25.70
C LEU F 192 -12.96 -10.71 -25.54
N THR F 193 -13.65 -10.97 -24.45
CA THR F 193 -14.16 -12.33 -24.18
C THR F 193 -15.60 -12.57 -24.68
N THR F 194 -16.17 -11.56 -25.31
CA THR F 194 -17.51 -11.70 -25.97
C THR F 194 -17.37 -11.20 -27.42
N PRO F 195 -18.19 -11.75 -28.36
CA PRO F 195 -18.08 -11.35 -29.79
C PRO F 195 -18.12 -9.85 -29.92
N PRO F 196 -17.31 -9.22 -30.75
CA PRO F 196 -16.51 -9.86 -31.79
C PRO F 196 -15.12 -10.38 -31.35
N CYS F 197 -14.81 -10.37 -30.05
CA CYS F 197 -13.55 -11.01 -29.56
C CYS F 197 -12.37 -10.42 -30.22
N SER F 198 -12.41 -9.10 -30.36
CA SER F 198 -11.33 -8.31 -30.97
C SER F 198 -10.04 -8.41 -30.16
N GLU F 199 -8.90 -8.49 -30.87
CA GLU F 199 -7.55 -8.66 -30.25
C GLU F 199 -6.92 -7.33 -30.09
N GLY F 200 -5.73 -7.33 -29.56
CA GLY F 200 -5.12 -6.05 -29.21
C GLY F 200 -5.49 -5.51 -27.86
N VAL F 201 -6.06 -6.35 -26.99
CA VAL F 201 -6.51 -5.90 -25.69
C VAL F 201 -5.41 -6.17 -24.63
N ARG F 202 -5.11 -5.15 -23.85
CA ARG F 202 -4.18 -5.29 -22.68
C ARG F 202 -4.94 -5.86 -21.47
N TRP F 203 -4.55 -7.08 -21.04
CA TRP F 203 -5.17 -7.70 -19.84
C TRP F 203 -4.26 -7.54 -18.62
N ILE F 204 -4.83 -7.01 -17.59
CA ILE F 204 -4.19 -6.77 -16.31
C ILE F 204 -5.04 -7.54 -15.27
N VAL F 205 -4.58 -8.71 -14.83
CA VAL F 205 -5.39 -9.55 -13.94
C VAL F 205 -4.72 -9.43 -12.56
N MET F 206 -5.44 -8.92 -11.59
CA MET F 206 -4.91 -8.67 -10.25
C MET F 206 -4.57 -10.02 -9.56
N GLU F 207 -3.36 -10.07 -8.95
CA GLU F 207 -2.91 -11.27 -8.27
C GLU F 207 -3.77 -11.56 -6.99
N GLU F 208 -4.17 -10.52 -6.31
CA GLU F 208 -4.96 -10.62 -5.08
C GLU F 208 -6.44 -10.60 -5.32
N GLU F 209 -7.09 -11.62 -4.78
CA GLU F 209 -8.53 -11.87 -4.92
C GLU F 209 -9.29 -11.00 -3.93
N MET F 210 -10.46 -10.59 -4.32
CA MET F 210 -11.39 -9.93 -3.44
C MET F 210 -12.37 -10.95 -2.96
N GLU F 211 -13.37 -10.51 -2.18
CA GLU F 211 -14.32 -11.42 -1.52
C GLU F 211 -15.75 -10.95 -1.64
N MET F 212 -16.62 -11.94 -1.78
CA MET F 212 -18.06 -11.69 -1.73
C MET F 212 -18.79 -12.90 -1.05
N SER F 213 -20.05 -12.70 -0.66
CA SER F 213 -20.78 -13.82 -0.02
C SER F 213 -21.30 -14.85 -0.98
N LYS F 214 -21.48 -16.05 -0.45
CA LYS F 214 -22.15 -17.11 -1.20
C LYS F 214 -23.52 -16.63 -1.79
N GLU F 215 -24.24 -15.85 -1.00
CA GLU F 215 -25.57 -15.35 -1.38
C GLU F 215 -25.47 -14.37 -2.53
N GLN F 216 -24.46 -13.47 -2.46
CA GLN F 216 -24.19 -12.54 -3.59
C GLN F 216 -23.88 -13.26 -4.90
N ILE F 217 -23.07 -14.31 -4.81
CA ILE F 217 -22.80 -15.14 -5.98
C ILE F 217 -24.05 -15.85 -6.51
N GLU F 218 -24.81 -16.46 -5.61
CA GLU F 218 -26.05 -17.19 -5.99
C GLU F 218 -27.10 -16.24 -6.60
N LYS F 219 -27.23 -15.05 -6.06
CA LYS F 219 -28.15 -14.12 -6.63
C LYS F 219 -27.79 -13.77 -8.09
N PHE F 220 -26.50 -13.49 -8.32
CA PHE F 220 -26.06 -13.13 -9.65
C PHE F 220 -26.32 -14.27 -10.62
N ARG F 221 -25.93 -15.47 -10.23
CA ARG F 221 -26.11 -16.64 -11.07
C ARG F 221 -27.61 -16.92 -11.37
N LYS F 222 -28.44 -16.72 -10.37
CA LYS F 222 -29.89 -16.93 -10.52
C LYS F 222 -30.41 -15.97 -11.58
N ILE F 223 -30.11 -14.68 -11.44
CA ILE F 223 -30.61 -13.70 -12.39
C ILE F 223 -30.11 -13.95 -13.78
N MET F 224 -28.83 -14.31 -13.91
CA MET F 224 -28.27 -14.59 -15.23
C MET F 224 -28.86 -15.87 -15.82
N GLY F 225 -29.21 -16.81 -14.97
CA GLY F 225 -29.85 -18.05 -15.42
C GLY F 225 -28.89 -19.12 -15.83
N GLY F 226 -27.61 -18.93 -15.51
CA GLY F 226 -26.62 -19.94 -15.76
C GLY F 226 -25.22 -19.32 -15.81
N ASP F 227 -24.26 -20.12 -16.22
CA ASP F 227 -22.85 -19.71 -16.33
C ASP F 227 -22.70 -18.59 -17.34
N THR F 228 -21.85 -17.62 -17.03
CA THR F 228 -21.57 -16.53 -17.96
C THR F 228 -20.09 -16.39 -18.35
N ASN F 229 -19.40 -17.50 -18.50
CA ASN F 229 -17.97 -17.47 -18.84
C ASN F 229 -17.73 -18.04 -20.20
N ARG F 230 -16.88 -17.37 -20.98
CA ARG F 230 -16.29 -18.04 -22.16
C ARG F 230 -15.28 -19.12 -21.74
N PRO F 231 -15.28 -20.30 -22.38
CA PRO F 231 -14.20 -21.22 -22.10
C PRO F 231 -12.78 -20.65 -22.34
N VAL F 232 -11.82 -21.12 -21.55
CA VAL F 232 -10.47 -20.65 -21.70
C VAL F 232 -9.97 -21.01 -23.06
N GLN F 233 -9.16 -20.12 -23.60
CA GLN F 233 -8.57 -20.29 -24.91
C GLN F 233 -7.05 -20.61 -24.80
N PRO F 234 -6.49 -21.25 -25.81
CA PRO F 234 -5.06 -21.59 -25.75
C PRO F 234 -4.14 -20.35 -25.71
N LEU F 235 -3.16 -20.41 -24.87
CA LEU F 235 -2.15 -19.39 -24.68
C LEU F 235 -1.28 -19.41 -25.91
N ASN F 236 -1.02 -20.62 -26.39
CA ASN F 236 -0.19 -20.80 -27.57
C ASN F 236 1.18 -20.19 -27.27
N ALA F 237 1.65 -19.32 -28.14
CA ALA F 237 2.95 -18.68 -27.98
C ALA F 237 3.07 -17.78 -26.74
N ARG F 238 2.01 -17.09 -26.31
CA ARG F 238 2.13 -16.13 -25.28
C ARG F 238 2.72 -16.69 -24.00
N MET F 239 3.28 -15.78 -23.24
CA MET F 239 3.57 -16.01 -21.81
C MET F 239 2.69 -15.06 -21.03
N ILE F 240 2.39 -15.38 -19.81
CA ILE F 240 1.81 -14.39 -18.90
C ILE F 240 2.96 -13.81 -18.05
N MET F 241 3.05 -12.49 -17.96
CA MET F 241 4.03 -11.85 -17.13
C MET F 241 3.43 -11.53 -15.79
N GLU F 242 4.23 -11.75 -14.76
CA GLU F 242 3.79 -11.41 -13.37
C GLU F 242 4.65 -10.38 -12.71
N LYS F 243 4.03 -9.36 -12.17
CA LYS F 243 4.77 -8.26 -11.49
C LYS F 243 5.41 -8.59 -10.11
ZN ZN G . 11.66 -28.83 6.90
CA CA H . 9.51 -15.55 -8.25
CA CA I . -3.85 -14.13 -1.96
CA CA J . -0.13 -10.42 -1.71
O1 PG4 K . -4.01 -18.16 -3.26
C1 PG4 K . -3.85 -17.98 -4.68
C2 PG4 K . -3.85 -19.31 -5.47
O2 PG4 K . -5.01 -19.55 -6.32
C3 PG4 K . -4.97 -20.73 -7.16
C4 PG4 K . -6.38 -21.12 -7.59
O3 PG4 K . -7.46 -20.40 -6.92
C5 PG4 K . -8.67 -21.18 -6.99
C6 PG4 K . -9.90 -20.60 -6.36
O4 PG4 K . -9.80 -20.76 -4.95
C7 PG4 K . -10.92 -20.20 -4.23
C8 PG4 K . -10.53 -20.11 -2.74
O5 PG4 K . -9.61 -19.01 -2.54
CA CA L . -8.35 -10.53 -0.42
CA CA M . 3.54 -15.24 -7.75
CA CA N . 3.18 -10.80 -5.18
ZN ZN O . -16.23 -23.93 29.94
CA CA P . -23.76 -5.56 26.30
CA CA Q . -18.88 -3.46 24.54
CA CA R . -11.05 -4.20 18.50
CA CA S . -16.09 -4.43 16.54
O1 PG4 T . -9.63 -4.43 22.56
C1 PG4 T . -10.49 -3.44 23.18
C2 PG4 T . -10.07 -3.26 24.64
O2 PG4 T . -9.10 -2.21 24.91
C3 PG4 T . -8.81 -1.97 26.32
C4 PG4 T . -7.49 -1.19 26.58
O3 PG4 T . -6.58 -1.07 25.45
C5 PG4 T . -5.28 -0.52 25.75
C6 PG4 T . -4.27 -0.59 24.60
O4 PG4 T . -3.80 -1.93 24.27
C7 PG4 T . -2.96 -2.02 23.09
C8 PG4 T . -3.34 -3.23 22.24
O5 PG4 T . -4.55 -3.00 21.45
CA CA U . -8.21 -2.19 13.88
CA CA V . -19.50 -2.98 18.93
ZN ZN W . 29.84 11.47 -7.68
ZN ZN X . -1.00 31.62 -25.31
CA CA Y . 15.03 36.96 -36.72
CA CA Z . 12.10 35.00 -44.31
CA CA AA . 14.61 32.75 -40.18
ZN ZN BA . -7.49 16.99 20.90
O1 PG4 CA . -16.88 -4.07 32.10
C1 PG4 CA . -16.27 -4.22 33.38
C2 PG4 CA . -15.35 -5.44 33.28
O2 PG4 CA . -14.40 -5.24 32.22
C3 PG4 CA . -13.48 -6.32 32.04
C4 PG4 CA . -12.30 -6.02 31.10
O3 PG4 CA . -12.56 -5.59 29.73
C5 PG4 CA . -11.34 -5.19 29.02
C6 PG4 CA . -11.58 -4.29 27.76
O4 PG4 CA . -12.98 -4.31 27.32
C7 PG4 CA . -13.22 -3.51 26.16
C8 PG4 CA . -14.70 -3.34 25.88
O5 PG4 CA . -15.29 -2.33 26.72
ZN ZN DA . -16.11 -9.46 -19.21
O1 PG4 EA . 1.07 -17.92 -9.20
C1 PG4 EA . 0.73 -18.10 -7.79
C2 PG4 EA . -0.49 -18.99 -7.47
O2 PG4 EA . -0.13 -20.35 -7.11
C3 PG4 EA . -1.19 -21.30 -6.76
C4 PG4 EA . -0.83 -22.83 -6.61
O3 PG4 EA . 0.57 -23.18 -6.87
C5 PG4 EA . 0.79 -24.42 -7.58
C6 PG4 EA . 2.21 -24.77 -7.99
O4 PG4 EA . 2.48 -24.42 -9.35
C7 PG4 EA . 3.80 -24.63 -9.84
C8 PG4 EA . 4.03 -23.73 -11.05
O5 PG4 EA . 4.50 -22.40 -10.66
#